data_1UFX
#
_entry.id   1UFX
#
_cell.length_a   1.000
_cell.length_b   1.000
_cell.length_c   1.000
_cell.angle_alpha   90.00
_cell.angle_beta   90.00
_cell.angle_gamma   90.00
#
_symmetry.space_group_name_H-M   'P 1'
#
_entity_poly.entity_id   1
_entity_poly.type   'polypeptide(L)'
_entity_poly.pdbx_seq_one_letter_code
;GSSGSSGTLVRVKKSAATLGIAIEGGANTRQPLPRIVTIQRGGSAHNCGQLKVGHVILEVNGLTLRGKEHREAARIIAEA
FKTKDRDYIDFLVTEFNSGPSSG
;
_entity_poly.pdbx_strand_id   A
#
# COMPACT_ATOMS: atom_id res chain seq x y z
N GLY A 1 -1.32 -21.98 -0.57
CA GLY A 1 -0.44 -20.86 -0.86
C GLY A 1 0.32 -20.39 0.35
N SER A 2 1.65 -20.39 0.25
CA SER A 2 2.50 -19.98 1.36
C SER A 2 2.12 -18.58 1.85
N SER A 3 2.74 -18.16 2.94
CA SER A 3 2.46 -16.85 3.51
C SER A 3 2.90 -15.73 2.57
N GLY A 4 4.11 -15.87 2.03
CA GLY A 4 4.65 -14.88 1.12
C GLY A 4 6.01 -14.37 1.54
N SER A 5 7.06 -14.91 0.95
CA SER A 5 8.41 -14.51 1.26
C SER A 5 8.74 -13.13 0.68
N SER A 6 8.41 -12.95 -0.60
CA SER A 6 8.67 -11.69 -1.27
C SER A 6 7.70 -10.61 -0.79
N GLY A 7 8.19 -9.72 0.07
CA GLY A 7 7.36 -8.65 0.59
C GLY A 7 7.47 -8.51 2.10
N THR A 8 7.06 -7.36 2.62
CA THR A 8 7.12 -7.10 4.05
C THR A 8 5.81 -6.52 4.56
N LEU A 9 5.02 -7.35 5.23
CA LEU A 9 3.74 -6.91 5.77
C LEU A 9 3.92 -5.72 6.72
N VAL A 10 3.20 -4.63 6.42
CA VAL A 10 3.28 -3.42 7.24
C VAL A 10 1.93 -3.11 7.87
N ARG A 11 1.90 -3.08 9.20
CA ARG A 11 0.68 -2.79 9.93
C ARG A 11 0.59 -1.31 10.28
N VAL A 12 -0.42 -0.63 9.75
CA VAL A 12 -0.61 0.79 10.01
C VAL A 12 -1.86 1.04 10.84
N LYS A 13 -1.68 1.47 12.08
CA LYS A 13 -2.79 1.75 12.98
C LYS A 13 -3.52 3.02 12.56
N LYS A 14 -4.84 3.03 12.73
CA LYS A 14 -5.64 4.19 12.38
C LYS A 14 -5.49 5.30 13.41
N SER A 15 -4.24 5.75 13.61
CA SER A 15 -3.96 6.81 14.57
C SER A 15 -4.55 8.13 14.11
N ALA A 16 -4.37 8.45 12.83
CA ALA A 16 -4.89 9.68 12.27
C ALA A 16 -6.41 9.62 12.11
N ALA A 17 -7.03 10.79 12.08
CA ALA A 17 -8.48 10.88 11.93
C ALA A 17 -8.93 10.43 10.54
N THR A 18 -8.03 10.55 9.57
CA THR A 18 -8.32 10.16 8.21
C THR A 18 -7.06 9.69 7.48
N LEU A 19 -7.15 8.56 6.82
CA LEU A 19 -6.02 8.00 6.07
C LEU A 19 -5.75 8.81 4.80
N GLY A 20 -4.50 9.22 4.63
CA GLY A 20 -4.13 9.99 3.45
C GLY A 20 -2.98 9.37 2.69
N ILE A 21 -3.29 8.62 1.63
CA ILE A 21 -2.28 7.99 0.81
C ILE A 21 -2.62 8.07 -0.66
N ALA A 22 -1.60 8.24 -1.50
CA ALA A 22 -1.79 8.33 -2.94
C ALA A 22 -0.99 7.27 -3.68
N ILE A 23 -1.57 6.71 -4.73
CA ILE A 23 -0.90 5.69 -5.52
C ILE A 23 -1.17 5.87 -7.01
N GLU A 24 -0.56 5.01 -7.83
CA GLU A 24 -0.75 5.08 -9.27
C GLU A 24 -0.46 3.73 -9.92
N GLY A 25 -0.76 3.64 -11.21
CA GLY A 25 -0.53 2.39 -11.93
C GLY A 25 -1.80 1.58 -12.10
N GLY A 26 -1.68 0.26 -12.00
CA GLY A 26 -2.84 -0.59 -12.15
C GLY A 26 -2.66 -1.63 -13.25
N ALA A 27 -3.35 -2.75 -13.13
CA ALA A 27 -3.25 -3.82 -14.13
C ALA A 27 -3.08 -3.25 -15.52
N ASN A 28 -4.09 -2.52 -15.99
CA ASN A 28 -4.06 -1.92 -17.32
C ASN A 28 -2.68 -1.34 -17.62
N THR A 29 -2.16 -0.54 -16.69
CA THR A 29 -0.86 0.08 -16.85
C THR A 29 0.26 -0.93 -16.62
N ARG A 30 1.38 -0.72 -17.30
CA ARG A 30 2.53 -1.62 -17.17
C ARG A 30 2.66 -2.13 -15.74
N GLN A 31 2.45 -1.25 -14.78
CA GLN A 31 2.55 -1.61 -13.38
C GLN A 31 1.28 -2.32 -12.90
N PRO A 32 1.43 -3.59 -12.51
CA PRO A 32 0.30 -4.40 -12.02
C PRO A 32 -0.21 -3.94 -10.67
N LEU A 33 0.71 -3.77 -9.73
CA LEU A 33 0.34 -3.32 -8.38
C LEU A 33 0.54 -1.81 -8.24
N PRO A 34 -0.29 -1.19 -7.38
CA PRO A 34 -0.22 0.25 -7.13
C PRO A 34 1.04 0.66 -6.37
N ARG A 35 1.63 1.78 -6.77
CA ARG A 35 2.85 2.27 -6.14
C ARG A 35 2.60 3.62 -5.47
N ILE A 36 3.01 3.74 -4.22
CA ILE A 36 2.84 4.98 -3.47
C ILE A 36 3.64 6.12 -4.10
N VAL A 37 2.93 7.14 -4.58
CA VAL A 37 3.57 8.29 -5.20
C VAL A 37 3.63 9.47 -4.23
N THR A 38 2.62 9.58 -3.37
CA THR A 38 2.55 10.67 -2.40
C THR A 38 1.94 10.20 -1.09
N ILE A 39 2.55 10.58 0.02
CA ILE A 39 2.06 10.20 1.34
C ILE A 39 1.67 11.43 2.16
N GLN A 40 0.38 11.69 2.23
CA GLN A 40 -0.12 12.84 2.99
C GLN A 40 0.48 12.86 4.39
N ARG A 41 0.65 14.07 4.92
CA ARG A 41 1.23 14.24 6.26
C ARG A 41 0.26 13.73 7.32
N GLY A 42 -0.97 14.23 7.30
CA GLY A 42 -1.96 13.81 8.27
C GLY A 42 -2.56 12.46 7.94
N GLY A 43 -1.71 11.49 7.64
CA GLY A 43 -2.19 10.16 7.31
C GLY A 43 -1.54 9.08 8.15
N SER A 44 -2.35 8.13 8.62
CA SER A 44 -1.86 7.05 9.45
C SER A 44 -0.48 6.57 8.97
N ALA A 45 -0.40 6.24 7.68
CA ALA A 45 0.85 5.78 7.09
C ALA A 45 2.02 6.64 7.54
N HIS A 46 1.95 7.93 7.18
CA HIS A 46 3.02 8.87 7.54
C HIS A 46 3.30 8.83 9.04
N ASN A 47 2.29 9.18 9.83
CA ASN A 47 2.42 9.18 11.28
C ASN A 47 3.18 7.95 11.76
N CYS A 48 3.04 6.85 11.02
CA CYS A 48 3.72 5.60 11.38
C CYS A 48 5.21 5.68 11.06
N GLY A 49 5.54 6.13 9.85
CA GLY A 49 6.93 6.25 9.45
C GLY A 49 7.46 4.97 8.84
N GLN A 50 6.94 3.83 9.29
CA GLN A 50 7.36 2.54 8.79
C GLN A 50 7.36 2.52 7.26
N LEU A 51 6.32 3.09 6.67
CA LEU A 51 6.20 3.15 5.21
C LEU A 51 6.88 4.38 4.65
N LYS A 52 7.23 4.33 3.37
CA LYS A 52 7.89 5.45 2.71
C LYS A 52 7.29 5.71 1.33
N VAL A 53 7.62 6.85 0.75
CA VAL A 53 7.11 7.21 -0.57
C VAL A 53 7.86 6.46 -1.68
N GLY A 54 7.16 5.57 -2.36
CA GLY A 54 7.79 4.80 -3.43
C GLY A 54 7.56 3.31 -3.27
N HIS A 55 6.69 2.93 -2.35
CA HIS A 55 6.40 1.53 -2.10
C HIS A 55 5.34 1.01 -3.08
N VAL A 56 5.09 -0.29 -3.03
CA VAL A 56 4.12 -0.92 -3.92
C VAL A 56 3.21 -1.88 -3.15
N ILE A 57 1.95 -1.50 -2.99
CA ILE A 57 0.99 -2.33 -2.28
C ILE A 57 0.57 -3.52 -3.12
N LEU A 58 0.96 -4.72 -2.68
CA LEU A 58 0.61 -5.94 -3.39
C LEU A 58 -0.56 -6.66 -2.72
N GLU A 59 -0.73 -6.41 -1.42
CA GLU A 59 -1.82 -7.03 -0.66
C GLU A 59 -2.25 -6.13 0.49
N VAL A 60 -3.56 -6.01 0.68
CA VAL A 60 -4.11 -5.18 1.75
C VAL A 60 -5.16 -5.94 2.55
N ASN A 61 -4.85 -6.24 3.80
CA ASN A 61 -5.77 -6.96 4.67
C ASN A 61 -6.06 -8.35 4.12
N GLY A 62 -5.10 -8.92 3.40
CA GLY A 62 -5.27 -10.23 2.82
C GLY A 62 -5.65 -10.18 1.35
N LEU A 63 -6.39 -9.15 0.97
CA LEU A 63 -6.83 -8.98 -0.42
C LEU A 63 -5.67 -8.50 -1.28
N THR A 64 -5.27 -9.34 -2.24
CA THR A 64 -4.18 -8.99 -3.15
C THR A 64 -4.63 -8.01 -4.21
N LEU A 65 -3.77 -7.04 -4.53
CA LEU A 65 -4.08 -6.03 -5.52
C LEU A 65 -3.54 -6.43 -6.89
N ARG A 66 -3.21 -7.71 -7.04
CA ARG A 66 -2.67 -8.22 -8.30
C ARG A 66 -3.73 -8.17 -9.40
N GLY A 67 -3.35 -7.63 -10.55
CA GLY A 67 -4.29 -7.54 -11.66
C GLY A 67 -5.41 -6.55 -11.40
N LYS A 68 -5.30 -5.82 -10.30
CA LYS A 68 -6.31 -4.83 -9.93
C LYS A 68 -5.89 -3.43 -10.35
N GLU A 69 -6.86 -2.61 -10.73
CA GLU A 69 -6.59 -1.24 -11.15
C GLU A 69 -6.46 -0.31 -9.95
N HIS A 70 -5.53 0.63 -10.04
CA HIS A 70 -5.30 1.59 -8.96
C HIS A 70 -6.60 1.98 -8.30
N ARG A 71 -7.61 2.29 -9.11
CA ARG A 71 -8.92 2.69 -8.61
C ARG A 71 -9.51 1.61 -7.70
N GLU A 72 -9.59 0.39 -8.24
CA GLU A 72 -10.14 -0.73 -7.47
C GLU A 72 -9.44 -0.87 -6.13
N ALA A 73 -8.14 -0.57 -6.11
CA ALA A 73 -7.36 -0.67 -4.88
C ALA A 73 -7.77 0.41 -3.88
N ALA A 74 -7.80 1.66 -4.35
CA ALA A 74 -8.19 2.78 -3.49
C ALA A 74 -9.42 2.44 -2.66
N ARG A 75 -10.34 1.70 -3.26
CA ARG A 75 -11.56 1.31 -2.57
C ARG A 75 -11.29 0.23 -1.53
N ILE A 76 -10.46 -0.75 -1.91
CA ILE A 76 -10.11 -1.84 -1.00
C ILE A 76 -9.48 -1.31 0.28
N ILE A 77 -8.50 -0.44 0.12
CA ILE A 77 -7.82 0.14 1.28
C ILE A 77 -8.78 0.94 2.15
N ALA A 78 -9.52 1.85 1.53
CA ALA A 78 -10.49 2.67 2.24
C ALA A 78 -11.45 1.81 3.05
N GLU A 79 -11.94 0.73 2.44
CA GLU A 79 -12.87 -0.17 3.11
C GLU A 79 -12.26 -0.72 4.39
N ALA A 80 -10.94 -0.92 4.38
CA ALA A 80 -10.23 -1.45 5.55
C ALA A 80 -10.19 -0.41 6.66
N PHE A 81 -10.33 0.85 6.30
CA PHE A 81 -10.30 1.94 7.29
C PHE A 81 -11.68 2.12 7.92
N LYS A 82 -12.72 2.06 7.11
CA LYS A 82 -14.09 2.21 7.60
C LYS A 82 -14.40 1.20 8.69
N THR A 83 -14.28 -0.09 8.36
CA THR A 83 -14.55 -1.16 9.31
C THR A 83 -14.02 -0.81 10.69
N LYS A 84 -14.57 -1.44 11.71
CA LYS A 84 -14.15 -1.21 13.09
C LYS A 84 -13.47 -2.44 13.68
N ASP A 85 -13.87 -3.61 13.19
CA ASP A 85 -13.30 -4.87 13.66
C ASP A 85 -11.81 -4.71 13.96
N ARG A 86 -11.08 -4.15 13.01
CA ARG A 86 -9.64 -3.95 13.18
C ARG A 86 -9.30 -2.46 13.22
N ASP A 87 -8.37 -2.09 14.09
CA ASP A 87 -7.96 -0.70 14.22
C ASP A 87 -6.65 -0.44 13.48
N TYR A 88 -6.52 -1.05 12.31
CA TYR A 88 -5.31 -0.90 11.50
C TYR A 88 -5.52 -1.42 10.09
N ILE A 89 -4.55 -1.20 9.21
CA ILE A 89 -4.63 -1.66 7.83
C ILE A 89 -3.33 -2.33 7.40
N ASP A 90 -3.44 -3.55 6.91
CA ASP A 90 -2.28 -4.30 6.45
C ASP A 90 -1.82 -3.82 5.08
N PHE A 91 -0.54 -3.48 4.98
CA PHE A 91 0.03 -3.01 3.73
C PHE A 91 1.25 -3.83 3.32
N LEU A 92 1.06 -4.71 2.34
CA LEU A 92 2.15 -5.56 1.87
C LEU A 92 2.94 -4.86 0.77
N VAL A 93 4.18 -4.48 1.09
CA VAL A 93 5.04 -3.81 0.13
C VAL A 93 6.31 -4.61 -0.13
N THR A 94 6.98 -4.33 -1.24
CA THR A 94 8.21 -5.02 -1.60
C THR A 94 9.37 -4.05 -1.73
N GLU A 95 9.05 -2.77 -1.91
CA GLU A 95 10.08 -1.74 -2.05
C GLU A 95 10.99 -2.04 -3.22
N PHE A 96 10.39 -2.40 -4.36
CA PHE A 96 11.16 -2.72 -5.56
C PHE A 96 12.36 -1.77 -5.70
N ASN A 97 13.45 -2.30 -6.24
CA ASN A 97 14.67 -1.52 -6.42
C ASN A 97 14.67 -0.86 -7.80
N SER A 98 13.98 0.27 -7.90
CA SER A 98 13.91 1.01 -9.16
C SER A 98 15.20 1.77 -9.43
N GLY A 99 15.74 1.60 -10.63
CA GLY A 99 16.97 2.29 -10.99
C GLY A 99 17.94 2.39 -9.82
N PRO A 100 18.67 1.30 -9.55
CA PRO A 100 19.64 1.24 -8.46
C PRO A 100 20.86 2.12 -8.73
N SER A 101 21.06 2.48 -9.98
CA SER A 101 22.19 3.32 -10.38
C SER A 101 22.40 4.45 -9.37
N SER A 102 21.33 5.17 -9.07
CA SER A 102 21.39 6.28 -8.12
C SER A 102 20.76 5.89 -6.79
N GLY A 103 19.46 5.63 -6.80
CA GLY A 103 18.77 5.25 -5.58
C GLY A 103 18.65 3.76 -5.43
N GLY A 1 22.86 -13.29 0.34
CA GLY A 1 21.62 -12.61 0.67
C GLY A 1 20.58 -13.55 1.25
N SER A 2 19.96 -13.14 2.35
CA SER A 2 18.95 -13.97 3.01
C SER A 2 17.75 -14.20 2.09
N SER A 3 17.49 -15.46 1.79
CA SER A 3 16.37 -15.82 0.92
C SER A 3 15.20 -16.35 1.73
N GLY A 4 14.04 -16.46 1.09
CA GLY A 4 12.85 -16.95 1.76
C GLY A 4 11.57 -16.52 1.08
N SER A 5 11.08 -15.34 1.44
CA SER A 5 9.85 -14.81 0.86
C SER A 5 9.94 -13.29 0.68
N SER A 6 9.52 -12.82 -0.49
CA SER A 6 9.55 -11.40 -0.80
C SER A 6 8.29 -10.70 -0.30
N GLY A 7 8.43 -9.45 0.14
CA GLY A 7 7.30 -8.70 0.64
C GLY A 7 7.36 -8.47 2.14
N THR A 8 7.08 -7.25 2.56
CA THR A 8 7.11 -6.90 3.97
C THR A 8 5.79 -6.30 4.41
N LEU A 9 5.01 -7.06 5.18
CA LEU A 9 3.72 -6.60 5.68
C LEU A 9 3.90 -5.44 6.65
N VAL A 10 3.18 -4.34 6.39
CA VAL A 10 3.25 -3.17 7.24
C VAL A 10 1.90 -2.86 7.87
N ARG A 11 1.77 -3.14 9.16
CA ARG A 11 0.52 -2.90 9.88
C ARG A 11 0.40 -1.43 10.27
N VAL A 12 -0.55 -0.73 9.66
CA VAL A 12 -0.76 0.68 9.95
C VAL A 12 -2.00 0.88 10.82
N LYS A 13 -1.77 1.23 12.08
CA LYS A 13 -2.86 1.46 13.02
C LYS A 13 -3.62 2.73 12.68
N LYS A 14 -4.95 2.67 12.78
CA LYS A 14 -5.78 3.83 12.49
C LYS A 14 -5.75 4.84 13.63
N SER A 15 -4.55 5.35 13.93
CA SER A 15 -4.37 6.32 14.99
C SER A 15 -4.84 7.70 14.55
N ALA A 16 -4.54 8.06 13.31
CA ALA A 16 -4.93 9.35 12.77
C ALA A 16 -6.45 9.44 12.61
N ALA A 17 -6.92 10.57 12.07
CA ALA A 17 -8.35 10.77 11.86
C ALA A 17 -8.81 10.11 10.57
N THR A 18 -8.01 10.23 9.52
CA THR A 18 -8.33 9.66 8.23
C THR A 18 -7.09 9.09 7.55
N LEU A 19 -7.32 8.28 6.51
CA LEU A 19 -6.22 7.68 5.77
C LEU A 19 -5.84 8.53 4.56
N GLY A 20 -4.64 9.09 4.59
CA GLY A 20 -4.18 9.92 3.49
C GLY A 20 -3.01 9.29 2.74
N ILE A 21 -3.29 8.77 1.56
CA ILE A 21 -2.26 8.14 0.74
C ILE A 21 -2.61 8.21 -0.74
N ALA A 22 -1.58 8.25 -1.58
CA ALA A 22 -1.76 8.32 -3.03
C ALA A 22 -1.00 7.22 -3.74
N ILE A 23 -1.55 6.74 -4.84
CA ILE A 23 -0.92 5.68 -5.61
C ILE A 23 -1.19 5.85 -7.10
N GLU A 24 -0.60 4.97 -7.91
CA GLU A 24 -0.78 5.03 -9.35
C GLU A 24 -0.55 3.65 -9.99
N GLY A 25 -0.74 3.57 -11.30
CA GLY A 25 -0.56 2.32 -12.00
C GLY A 25 -1.85 1.54 -12.13
N GLY A 26 -1.75 0.21 -12.12
CA GLY A 26 -2.93 -0.63 -12.25
C GLY A 26 -2.72 -1.79 -13.21
N ALA A 27 -3.44 -2.88 -12.97
CA ALA A 27 -3.32 -4.06 -13.82
C ALA A 27 -3.53 -3.70 -15.29
N ASN A 28 -4.14 -2.54 -15.53
CA ASN A 28 -4.39 -2.09 -16.89
C ASN A 28 -3.19 -1.33 -17.45
N THR A 29 -2.04 -1.48 -16.78
CA THR A 29 -0.82 -0.81 -17.21
C THR A 29 0.41 -1.64 -16.85
N ARG A 30 1.57 -1.18 -17.29
CA ARG A 30 2.83 -1.89 -17.02
C ARG A 30 2.93 -2.25 -15.55
N GLN A 31 2.41 -1.39 -14.68
CA GLN A 31 2.45 -1.62 -13.25
C GLN A 31 1.22 -2.38 -12.78
N PRO A 32 1.43 -3.65 -12.39
CA PRO A 32 0.34 -4.51 -11.92
C PRO A 32 -0.20 -4.08 -10.57
N LEU A 33 0.70 -3.79 -9.64
CA LEU A 33 0.31 -3.36 -8.30
C LEU A 33 0.47 -1.84 -8.14
N PRO A 34 -0.33 -1.25 -7.25
CA PRO A 34 -0.30 0.19 -6.98
C PRO A 34 0.98 0.61 -6.28
N ARG A 35 1.56 1.74 -6.71
CA ARG A 35 2.78 2.25 -6.12
C ARG A 35 2.54 3.60 -5.45
N ILE A 36 2.98 3.72 -4.20
CA ILE A 36 2.80 4.96 -3.45
C ILE A 36 3.62 6.10 -4.07
N VAL A 37 2.93 7.11 -4.56
CA VAL A 37 3.58 8.26 -5.17
C VAL A 37 3.64 9.44 -4.20
N THR A 38 2.64 9.53 -3.33
CA THR A 38 2.59 10.61 -2.34
C THR A 38 1.91 10.14 -1.06
N ILE A 39 2.51 10.49 0.08
CA ILE A 39 1.97 10.11 1.37
C ILE A 39 1.57 11.35 2.18
N GLN A 40 0.27 11.62 2.24
CA GLN A 40 -0.24 12.76 2.99
C GLN A 40 0.37 12.82 4.38
N ARG A 41 0.91 13.98 4.74
CA ARG A 41 1.53 14.16 6.05
C ARG A 41 0.49 14.55 7.09
N GLY A 42 -0.25 13.55 7.58
CA GLY A 42 -1.28 13.81 8.57
C GLY A 42 -2.32 12.72 8.63
N GLY A 43 -1.88 11.47 8.49
CA GLY A 43 -2.80 10.35 8.51
C GLY A 43 -2.21 9.13 9.18
N SER A 44 -2.77 7.96 8.90
CA SER A 44 -2.30 6.72 9.48
C SER A 44 -0.96 6.31 8.87
N ALA A 45 -0.82 6.56 7.57
CA ALA A 45 0.42 6.22 6.87
C ALA A 45 1.59 7.07 7.36
N HIS A 46 1.51 8.37 7.11
CA HIS A 46 2.56 9.29 7.52
C HIS A 46 3.12 8.90 8.90
N ASN A 47 2.23 8.82 9.88
CA ASN A 47 2.64 8.45 11.24
C ASN A 47 3.52 7.21 11.22
N CYS A 48 3.14 6.22 10.43
CA CYS A 48 3.90 4.98 10.32
C CYS A 48 5.15 5.18 9.49
N GLY A 49 6.10 5.95 10.02
CA GLY A 49 7.34 6.21 9.32
C GLY A 49 7.86 4.99 8.59
N GLN A 50 7.49 3.80 9.08
CA GLN A 50 7.93 2.55 8.47
C GLN A 50 7.78 2.60 6.95
N LEU A 51 6.67 3.17 6.49
CA LEU A 51 6.40 3.27 5.06
C LEU A 51 7.15 4.46 4.45
N LYS A 52 7.24 4.48 3.13
CA LYS A 52 7.92 5.56 2.44
C LYS A 52 7.31 5.79 1.05
N VAL A 53 7.63 6.93 0.45
CA VAL A 53 7.13 7.26 -0.87
C VAL A 53 7.86 6.48 -1.96
N GLY A 54 7.12 5.61 -2.65
CA GLY A 54 7.72 4.81 -3.71
C GLY A 54 7.47 3.33 -3.52
N HIS A 55 6.76 2.97 -2.46
CA HIS A 55 6.45 1.58 -2.16
C HIS A 55 5.38 1.06 -3.11
N VAL A 56 5.12 -0.25 -3.04
CA VAL A 56 4.11 -0.87 -3.89
C VAL A 56 3.24 -1.83 -3.09
N ILE A 57 2.00 -1.42 -2.84
CA ILE A 57 1.06 -2.23 -2.10
C ILE A 57 0.56 -3.42 -2.93
N LEU A 58 0.99 -4.62 -2.54
CA LEU A 58 0.59 -5.83 -3.26
C LEU A 58 -0.64 -6.46 -2.61
N GLU A 59 -0.72 -6.37 -1.28
CA GLU A 59 -1.84 -6.94 -0.54
C GLU A 59 -2.27 -6.00 0.59
N VAL A 60 -3.58 -5.93 0.82
CA VAL A 60 -4.12 -5.08 1.86
C VAL A 60 -5.20 -5.80 2.65
N ASN A 61 -4.92 -6.09 3.92
CA ASN A 61 -5.87 -6.78 4.77
C ASN A 61 -6.21 -8.17 4.22
N GLY A 62 -5.23 -8.79 3.58
CA GLY A 62 -5.44 -10.11 3.00
C GLY A 62 -5.83 -10.05 1.54
N LEU A 63 -6.51 -8.98 1.15
CA LEU A 63 -6.94 -8.80 -0.23
C LEU A 63 -5.75 -8.62 -1.16
N THR A 64 -5.73 -9.37 -2.26
CA THR A 64 -4.64 -9.28 -3.23
C THR A 64 -4.92 -8.21 -4.28
N LEU A 65 -3.88 -7.48 -4.65
CA LEU A 65 -4.01 -6.42 -5.66
C LEU A 65 -3.31 -6.81 -6.95
N ARG A 66 -2.74 -8.01 -6.98
CA ARG A 66 -2.04 -8.50 -8.16
C ARG A 66 -2.87 -8.29 -9.41
N GLY A 67 -4.20 -8.32 -9.25
CA GLY A 67 -5.09 -8.13 -10.38
C GLY A 67 -6.09 -7.02 -10.15
N LYS A 68 -5.68 -6.01 -9.41
CA LYS A 68 -6.56 -4.87 -9.11
C LYS A 68 -5.99 -3.58 -9.71
N GLU A 69 -6.89 -2.70 -10.13
CA GLU A 69 -6.48 -1.42 -10.72
C GLU A 69 -6.32 -0.35 -9.64
N HIS A 70 -5.35 0.54 -9.85
CA HIS A 70 -5.09 1.62 -8.89
C HIS A 70 -6.39 2.10 -8.25
N ARG A 71 -7.43 2.24 -9.08
CA ARG A 71 -8.73 2.69 -8.59
C ARG A 71 -9.36 1.66 -7.67
N GLU A 72 -9.36 0.41 -8.11
CA GLU A 72 -9.93 -0.68 -7.32
C GLU A 72 -9.24 -0.80 -5.97
N ALA A 73 -7.93 -0.63 -5.97
CA ALA A 73 -7.15 -0.72 -4.75
C ALA A 73 -7.51 0.40 -3.78
N ALA A 74 -7.51 1.64 -4.28
CA ALA A 74 -7.84 2.80 -3.47
C ALA A 74 -9.09 2.54 -2.63
N ARG A 75 -10.06 1.85 -3.21
CA ARG A 75 -11.31 1.53 -2.52
C ARG A 75 -11.09 0.44 -1.48
N ILE A 76 -10.39 -0.61 -1.88
CA ILE A 76 -10.11 -1.73 -0.98
C ILE A 76 -9.47 -1.25 0.32
N ILE A 77 -8.42 -0.43 0.18
CA ILE A 77 -7.72 0.11 1.35
C ILE A 77 -8.66 0.92 2.23
N ALA A 78 -9.40 1.84 1.60
CA ALA A 78 -10.35 2.68 2.34
C ALA A 78 -11.31 1.83 3.16
N GLU A 79 -11.83 0.78 2.55
CA GLU A 79 -12.77 -0.11 3.24
C GLU A 79 -12.15 -0.67 4.51
N ALA A 80 -10.83 -0.86 4.50
CA ALA A 80 -10.13 -1.40 5.66
C ALA A 80 -10.06 -0.37 6.78
N PHE A 81 -10.34 0.89 6.44
CA PHE A 81 -10.31 1.97 7.43
C PHE A 81 -11.70 2.21 8.01
N LYS A 82 -12.72 2.14 7.15
CA LYS A 82 -14.10 2.36 7.58
C LYS A 82 -14.49 1.35 8.65
N THR A 83 -14.45 0.06 8.29
CA THR A 83 -14.80 -1.00 9.22
C THR A 83 -14.26 -0.71 10.62
N LYS A 84 -15.00 -1.16 11.64
CA LYS A 84 -14.59 -0.95 13.02
C LYS A 84 -13.86 -2.19 13.57
N ASP A 85 -14.34 -3.36 13.18
CA ASP A 85 -13.73 -4.61 13.63
C ASP A 85 -12.21 -4.48 13.69
N ARG A 86 -11.60 -4.18 12.56
CA ARG A 86 -10.15 -4.04 12.49
C ARG A 86 -9.73 -2.60 12.80
N ASP A 87 -8.78 -2.45 13.71
CA ASP A 87 -8.30 -1.13 14.10
C ASP A 87 -6.95 -0.83 13.43
N TYR A 88 -6.80 -1.29 12.20
CA TYR A 88 -5.56 -1.07 11.45
C TYR A 88 -5.71 -1.56 10.01
N ILE A 89 -4.63 -1.43 9.24
CA ILE A 89 -4.64 -1.85 7.84
C ILE A 89 -3.28 -2.41 7.43
N ASP A 90 -3.25 -3.68 7.05
CA ASP A 90 -2.03 -4.34 6.62
C ASP A 90 -1.60 -3.86 5.25
N PHE A 91 -0.35 -3.43 5.12
CA PHE A 91 0.18 -2.95 3.86
C PHE A 91 1.41 -3.75 3.44
N LEU A 92 1.24 -4.66 2.49
CA LEU A 92 2.33 -5.49 2.00
C LEU A 92 3.07 -4.80 0.87
N VAL A 93 4.23 -4.23 1.18
CA VAL A 93 5.04 -3.54 0.19
C VAL A 93 6.33 -4.31 -0.10
N THR A 94 6.97 -3.99 -1.22
CA THR A 94 8.21 -4.64 -1.61
C THR A 94 9.14 -3.68 -2.33
N GLU A 95 10.20 -3.25 -1.65
CA GLU A 95 11.16 -2.33 -2.22
C GLU A 95 11.84 -2.94 -3.45
N PHE A 96 11.16 -2.87 -4.58
CA PHE A 96 11.69 -3.41 -5.82
C PHE A 96 13.03 -2.78 -6.17
N ASN A 97 14.12 -3.43 -5.76
CA ASN A 97 15.46 -2.93 -6.02
C ASN A 97 16.39 -4.06 -6.45
N SER A 98 17.07 -3.86 -7.58
CA SER A 98 18.00 -4.86 -8.10
C SER A 98 19.38 -4.26 -8.33
N GLY A 99 20.22 -4.34 -7.30
CA GLY A 99 21.57 -3.79 -7.42
C GLY A 99 21.86 -2.75 -6.35
N PRO A 100 23.14 -2.38 -6.22
CA PRO A 100 23.58 -1.37 -5.24
C PRO A 100 23.11 0.03 -5.60
N SER A 101 23.10 0.33 -6.89
CA SER A 101 22.67 1.64 -7.37
C SER A 101 21.62 1.51 -8.45
N SER A 102 20.39 1.92 -8.13
CA SER A 102 19.29 1.85 -9.09
C SER A 102 18.79 3.24 -9.45
N GLY A 103 18.30 3.38 -10.68
CA GLY A 103 17.79 4.67 -11.13
C GLY A 103 17.09 5.44 -10.02
N GLY A 1 12.53 -14.77 -10.36
CA GLY A 1 12.89 -14.18 -9.09
C GLY A 1 12.04 -14.72 -7.94
N SER A 2 11.20 -13.86 -7.39
CA SER A 2 10.34 -14.25 -6.28
C SER A 2 11.08 -15.16 -5.31
N SER A 3 12.34 -14.84 -5.04
CA SER A 3 13.15 -15.63 -4.14
C SER A 3 12.45 -15.83 -2.80
N GLY A 4 12.22 -17.08 -2.43
CA GLY A 4 11.57 -17.38 -1.18
C GLY A 4 10.34 -16.51 -0.94
N SER A 5 10.31 -15.83 0.20
CA SER A 5 9.19 -14.97 0.54
C SER A 5 9.56 -13.50 0.37
N SER A 6 8.97 -12.85 -0.63
CA SER A 6 9.24 -11.44 -0.91
C SER A 6 8.09 -10.57 -0.42
N GLY A 7 8.43 -9.48 0.26
CA GLY A 7 7.41 -8.57 0.77
C GLY A 7 7.53 -8.34 2.26
N THR A 8 7.09 -7.18 2.72
CA THR A 8 7.16 -6.83 4.12
C THR A 8 5.82 -6.28 4.62
N LEU A 9 5.06 -7.12 5.32
CA LEU A 9 3.76 -6.71 5.84
C LEU A 9 3.91 -5.56 6.84
N VAL A 10 3.18 -4.48 6.58
CA VAL A 10 3.24 -3.30 7.45
C VAL A 10 1.87 -3.03 8.08
N ARG A 11 1.81 -3.12 9.40
CA ARG A 11 0.57 -2.89 10.14
C ARG A 11 0.39 -1.40 10.41
N VAL A 12 -0.50 -0.77 9.65
CA VAL A 12 -0.77 0.65 9.81
C VAL A 12 -1.92 0.88 10.79
N LYS A 13 -1.59 1.45 11.95
CA LYS A 13 -2.59 1.73 12.97
C LYS A 13 -3.43 2.95 12.61
N LYS A 14 -4.73 2.88 12.89
CA LYS A 14 -5.63 3.98 12.60
C LYS A 14 -5.47 5.12 13.61
N SER A 15 -4.22 5.53 13.84
CA SER A 15 -3.94 6.59 14.78
C SER A 15 -4.48 7.92 14.29
N ALA A 16 -4.24 8.23 13.02
CA ALA A 16 -4.71 9.47 12.42
C ALA A 16 -6.20 9.39 12.10
N ALA A 17 -6.85 10.55 12.08
CA ALA A 17 -8.28 10.61 11.78
C ALA A 17 -8.57 10.02 10.40
N THR A 18 -7.77 10.41 9.42
CA THR A 18 -7.94 9.93 8.05
C THR A 18 -6.66 9.29 7.52
N LEU A 19 -6.82 8.22 6.74
CA LEU A 19 -5.68 7.52 6.17
C LEU A 19 -4.79 8.47 5.39
N GLY A 20 -5.28 8.92 4.23
CA GLY A 20 -4.51 9.84 3.40
C GLY A 20 -3.37 9.15 2.68
N ILE A 21 -3.66 8.60 1.51
CA ILE A 21 -2.64 7.92 0.71
C ILE A 21 -2.92 8.05 -0.78
N ALA A 22 -1.85 8.16 -1.57
CA ALA A 22 -1.98 8.28 -3.01
C ALA A 22 -1.14 7.25 -3.73
N ILE A 23 -1.69 6.69 -4.81
CA ILE A 23 -0.99 5.68 -5.58
C ILE A 23 -1.19 5.90 -7.08
N GLU A 24 -0.53 5.07 -7.89
CA GLU A 24 -0.63 5.18 -9.33
C GLU A 24 -0.31 3.85 -10.00
N GLY A 25 -0.87 3.63 -11.20
CA GLY A 25 -0.63 2.40 -11.92
C GLY A 25 -1.88 1.57 -12.08
N GLY A 26 -1.72 0.24 -12.09
CA GLY A 26 -2.86 -0.64 -12.25
C GLY A 26 -2.57 -1.80 -13.17
N ALA A 27 -3.19 -2.95 -12.89
CA ALA A 27 -2.99 -4.14 -13.72
C ALA A 27 -2.98 -3.79 -15.20
N ASN A 28 -3.61 -2.68 -15.55
CA ASN A 28 -3.68 -2.23 -16.94
C ASN A 28 -2.31 -1.77 -17.41
N THR A 29 -1.80 -0.69 -16.81
CA THR A 29 -0.50 -0.15 -17.18
C THR A 29 0.61 -1.18 -16.95
N ARG A 30 1.84 -0.79 -17.28
CA ARG A 30 2.99 -1.69 -17.11
C ARG A 30 3.12 -2.13 -15.67
N GLN A 31 2.66 -1.29 -14.74
CA GLN A 31 2.73 -1.59 -13.31
C GLN A 31 1.52 -2.42 -12.88
N PRO A 32 1.77 -3.66 -12.43
CA PRO A 32 0.72 -4.57 -11.98
C PRO A 32 0.09 -4.11 -10.67
N LEU A 33 0.94 -3.85 -9.68
CA LEU A 33 0.46 -3.40 -8.37
C LEU A 33 0.61 -1.89 -8.22
N PRO A 34 -0.22 -1.31 -7.34
CA PRO A 34 -0.20 0.14 -7.09
C PRO A 34 1.05 0.59 -6.34
N ARG A 35 1.57 1.75 -6.70
CA ARG A 35 2.77 2.28 -6.06
C ARG A 35 2.48 3.63 -5.39
N ILE A 36 2.88 3.75 -4.13
CA ILE A 36 2.67 4.98 -3.39
C ILE A 36 3.47 6.14 -3.99
N VAL A 37 2.75 7.20 -4.37
CA VAL A 37 3.39 8.38 -4.96
C VAL A 37 3.43 9.53 -3.97
N THR A 38 2.43 9.59 -3.10
CA THR A 38 2.35 10.65 -2.11
C THR A 38 1.74 10.14 -0.80
N ILE A 39 2.29 10.59 0.32
CA ILE A 39 1.81 10.18 1.63
C ILE A 39 1.37 11.38 2.46
N GLN A 40 0.07 11.62 2.51
CA GLN A 40 -0.49 12.73 3.27
C GLN A 40 0.19 12.85 4.63
N ARG A 41 0.51 14.07 5.03
CA ARG A 41 1.15 14.32 6.31
C ARG A 41 0.22 13.97 7.47
N GLY A 42 -0.96 14.59 7.49
CA GLY A 42 -1.92 14.33 8.54
C GLY A 42 -2.63 13.00 8.37
N GLY A 43 -1.85 11.93 8.18
CA GLY A 43 -2.44 10.62 8.00
C GLY A 43 -1.70 9.55 8.77
N SER A 44 -2.25 8.34 8.80
CA SER A 44 -1.63 7.23 9.51
C SER A 44 -0.37 6.77 8.80
N ALA A 45 -0.48 6.51 7.51
CA ALA A 45 0.66 6.05 6.71
C ALA A 45 1.91 6.87 7.04
N HIS A 46 1.78 8.19 7.02
CA HIS A 46 2.90 9.07 7.31
C HIS A 46 3.41 8.84 8.73
N ASN A 47 2.53 9.00 9.71
CA ASN A 47 2.90 8.81 11.11
C ASN A 47 3.76 7.56 11.28
N CYS A 48 3.32 6.45 10.70
CA CYS A 48 4.05 5.20 10.79
C CYS A 48 5.21 5.18 9.80
N GLY A 49 6.36 5.70 10.22
CA GLY A 49 7.53 5.73 9.36
C GLY A 49 7.77 4.40 8.66
N GLN A 50 7.21 3.33 9.23
CA GLN A 50 7.38 2.00 8.66
C GLN A 50 7.21 2.03 7.15
N LEU A 51 6.46 3.00 6.66
CA LEU A 51 6.21 3.14 5.23
C LEU A 51 6.92 4.37 4.68
N LYS A 52 7.04 4.45 3.35
CA LYS A 52 7.68 5.57 2.70
C LYS A 52 7.10 5.81 1.31
N VAL A 53 7.21 7.04 0.83
CA VAL A 53 6.70 7.40 -0.49
C VAL A 53 7.47 6.69 -1.59
N GLY A 54 6.83 5.70 -2.22
CA GLY A 54 7.48 4.97 -3.30
C GLY A 54 7.26 3.47 -3.19
N HIS A 55 6.63 3.04 -2.09
CA HIS A 55 6.35 1.63 -1.87
C HIS A 55 5.32 1.13 -2.86
N VAL A 56 5.07 -0.18 -2.84
CA VAL A 56 4.10 -0.80 -3.74
C VAL A 56 3.21 -1.78 -2.99
N ILE A 57 1.94 -1.40 -2.82
CA ILE A 57 0.99 -2.26 -2.12
C ILE A 57 0.59 -3.46 -2.98
N LEU A 58 0.91 -4.65 -2.51
CA LEU A 58 0.59 -5.88 -3.22
C LEU A 58 -0.61 -6.58 -2.60
N GLU A 59 -0.80 -6.37 -1.31
CA GLU A 59 -1.92 -6.97 -0.59
C GLU A 59 -2.41 -6.06 0.53
N VAL A 60 -3.73 -6.05 0.73
CA VAL A 60 -4.33 -5.22 1.78
C VAL A 60 -5.38 -6.00 2.55
N ASN A 61 -5.08 -6.27 3.83
CA ASN A 61 -6.01 -7.01 4.68
C ASN A 61 -6.30 -8.39 4.11
N GLY A 62 -5.29 -8.98 3.48
CA GLY A 62 -5.46 -10.30 2.88
C GLY A 62 -5.81 -10.23 1.41
N LEU A 63 -6.51 -9.17 1.01
CA LEU A 63 -6.89 -8.99 -0.38
C LEU A 63 -5.68 -8.74 -1.26
N THR A 64 -5.59 -9.47 -2.37
CA THR A 64 -4.47 -9.32 -3.30
C THR A 64 -4.76 -8.24 -4.33
N LEU A 65 -3.72 -7.51 -4.73
CA LEU A 65 -3.85 -6.45 -5.71
C LEU A 65 -3.15 -6.81 -7.01
N ARG A 66 -2.67 -8.05 -7.09
CA ARG A 66 -1.97 -8.52 -8.29
C ARG A 66 -2.80 -8.24 -9.54
N GLY A 67 -4.12 -8.34 -9.41
CA GLY A 67 -5.00 -8.10 -10.54
C GLY A 67 -6.00 -7.00 -10.27
N LYS A 68 -5.56 -5.95 -9.58
CA LYS A 68 -6.42 -4.82 -9.25
C LYS A 68 -5.86 -3.52 -9.81
N GLU A 69 -6.75 -2.61 -10.18
CA GLU A 69 -6.34 -1.32 -10.73
C GLU A 69 -6.25 -0.26 -9.63
N HIS A 70 -5.31 0.66 -9.78
CA HIS A 70 -5.11 1.72 -8.81
C HIS A 70 -6.44 2.18 -8.23
N ARG A 71 -7.44 2.31 -9.09
CA ARG A 71 -8.76 2.75 -8.67
C ARG A 71 -9.43 1.69 -7.78
N GLU A 72 -9.37 0.44 -8.21
CA GLU A 72 -9.96 -0.66 -7.44
C GLU A 72 -9.29 -0.79 -6.08
N ALA A 73 -7.96 -0.65 -6.06
CA ALA A 73 -7.21 -0.75 -4.81
C ALA A 73 -7.59 0.37 -3.85
N ALA A 74 -7.63 1.60 -4.36
CA ALA A 74 -7.97 2.76 -3.55
C ALA A 74 -9.22 2.48 -2.71
N ARG A 75 -10.17 1.78 -3.30
CA ARG A 75 -11.41 1.46 -2.61
C ARG A 75 -11.19 0.37 -1.56
N ILE A 76 -10.46 -0.67 -1.94
CA ILE A 76 -10.17 -1.77 -1.02
C ILE A 76 -9.53 -1.26 0.27
N ILE A 77 -8.51 -0.42 0.13
CA ILE A 77 -7.81 0.13 1.27
C ILE A 77 -8.77 0.93 2.15
N ALA A 78 -9.52 1.84 1.54
CA ALA A 78 -10.48 2.66 2.26
C ALA A 78 -11.45 1.80 3.07
N GLU A 79 -11.97 0.75 2.44
CA GLU A 79 -12.90 -0.14 3.09
C GLU A 79 -12.30 -0.74 4.37
N ALA A 80 -10.98 -0.92 4.35
CA ALA A 80 -10.28 -1.48 5.51
C ALA A 80 -10.25 -0.48 6.66
N PHE A 81 -10.26 0.80 6.32
CA PHE A 81 -10.23 1.86 7.33
C PHE A 81 -11.63 2.09 7.91
N LYS A 82 -12.63 2.08 7.04
CA LYS A 82 -14.00 2.30 7.46
C LYS A 82 -14.49 1.16 8.36
N THR A 83 -14.43 -0.06 7.84
CA THR A 83 -14.85 -1.24 8.60
C THR A 83 -14.44 -1.12 10.06
N LYS A 84 -15.23 -1.73 10.94
CA LYS A 84 -14.96 -1.70 12.38
C LYS A 84 -14.43 -3.04 12.85
N ASP A 85 -13.82 -3.80 11.94
CA ASP A 85 -13.26 -5.11 12.27
C ASP A 85 -11.94 -4.96 12.99
N ARG A 86 -10.93 -4.46 12.28
CA ARG A 86 -9.60 -4.28 12.85
C ARG A 86 -9.25 -2.80 12.96
N ASP A 87 -8.53 -2.44 14.01
CA ASP A 87 -8.13 -1.06 14.24
C ASP A 87 -6.82 -0.74 13.51
N TYR A 88 -6.68 -1.29 12.31
CA TYR A 88 -5.48 -1.07 11.51
C TYR A 88 -5.65 -1.61 10.10
N ILE A 89 -4.61 -1.47 9.29
CA ILE A 89 -4.65 -1.95 7.91
C ILE A 89 -3.31 -2.55 7.49
N ASP A 90 -3.33 -3.81 7.09
CA ASP A 90 -2.12 -4.50 6.67
C ASP A 90 -1.72 -4.08 5.26
N PHE A 91 -0.54 -3.48 5.14
CA PHE A 91 -0.04 -3.02 3.85
C PHE A 91 1.23 -3.78 3.44
N LEU A 92 1.10 -4.68 2.49
CA LEU A 92 2.22 -5.48 2.01
C LEU A 92 2.99 -4.74 0.92
N VAL A 93 4.14 -4.18 1.28
CA VAL A 93 4.97 -3.45 0.32
C VAL A 93 6.28 -4.18 0.07
N THR A 94 6.95 -3.82 -1.03
CA THR A 94 8.22 -4.44 -1.38
C THR A 94 9.11 -3.47 -2.16
N GLU A 95 10.13 -2.95 -1.48
CA GLU A 95 11.06 -2.00 -2.09
C GLU A 95 11.76 -2.64 -3.29
N PHE A 96 11.17 -2.47 -4.47
CA PHE A 96 11.74 -3.02 -5.69
C PHE A 96 13.13 -2.44 -5.97
N ASN A 97 13.98 -3.22 -6.62
CA ASN A 97 15.33 -2.78 -6.94
C ASN A 97 15.57 -2.82 -8.44
N SER A 98 15.90 -1.67 -9.02
CA SER A 98 16.16 -1.58 -10.45
C SER A 98 17.41 -0.75 -10.73
N GLY A 99 18.34 -1.31 -11.49
CA GLY A 99 19.56 -0.61 -11.82
C GLY A 99 19.63 -0.19 -13.27
N PRO A 100 19.03 0.97 -13.58
CA PRO A 100 19.00 1.50 -14.94
C PRO A 100 20.36 1.97 -15.41
N SER A 101 21.36 1.89 -14.52
CA SER A 101 22.72 2.31 -14.84
C SER A 101 22.71 3.66 -15.53
N SER A 102 22.04 4.63 -14.93
CA SER A 102 21.95 5.98 -15.50
C SER A 102 22.13 7.04 -14.41
N GLY A 103 22.52 8.24 -14.83
CA GLY A 103 22.72 9.32 -13.87
C GLY A 103 22.42 10.68 -14.47
N GLY A 1 8.04 -25.63 4.14
CA GLY A 1 9.44 -25.29 3.92
C GLY A 1 9.69 -24.81 2.51
N SER A 2 9.78 -23.48 2.34
CA SER A 2 10.02 -22.90 1.03
C SER A 2 10.37 -21.42 1.15
N SER A 3 11.03 -20.89 0.13
CA SER A 3 11.43 -19.49 0.12
C SER A 3 10.24 -18.59 0.47
N GLY A 4 9.15 -18.76 -0.27
CA GLY A 4 7.97 -17.96 -0.04
C GLY A 4 7.75 -16.91 -1.11
N SER A 5 7.53 -15.67 -0.69
CA SER A 5 7.31 -14.58 -1.62
C SER A 5 8.05 -13.32 -1.17
N SER A 6 8.08 -12.31 -2.03
CA SER A 6 8.75 -11.06 -1.73
C SER A 6 7.75 -10.02 -1.23
N GLY A 7 8.07 -9.40 -0.10
CA GLY A 7 7.19 -8.39 0.47
C GLY A 7 7.19 -8.41 1.98
N THR A 8 7.08 -7.24 2.60
CA THR A 8 7.06 -7.13 4.05
C THR A 8 5.73 -6.58 4.54
N LEU A 9 5.00 -7.40 5.30
CA LEU A 9 3.71 -7.00 5.83
C LEU A 9 3.87 -5.86 6.83
N VAL A 10 3.24 -4.72 6.53
CA VAL A 10 3.30 -3.56 7.40
C VAL A 10 1.97 -3.32 8.10
N ARG A 11 2.04 -2.98 9.38
CA ARG A 11 0.83 -2.72 10.17
C ARG A 11 0.67 -1.23 10.46
N VAL A 12 -0.31 -0.61 9.81
CA VAL A 12 -0.57 0.81 10.00
C VAL A 12 -1.80 1.04 10.87
N LYS A 13 -1.58 1.49 12.10
CA LYS A 13 -2.67 1.75 13.03
C LYS A 13 -3.43 3.00 12.63
N LYS A 14 -4.75 2.99 12.86
CA LYS A 14 -5.59 4.13 12.53
C LYS A 14 -5.43 5.24 13.55
N SER A 15 -4.19 5.68 13.76
CA SER A 15 -3.91 6.74 14.72
C SER A 15 -4.64 8.03 14.34
N ALA A 16 -4.64 8.34 13.05
CA ALA A 16 -5.30 9.53 12.55
C ALA A 16 -6.80 9.32 12.42
N ALA A 17 -7.51 10.37 12.03
CA ALA A 17 -8.96 10.29 11.86
C ALA A 17 -9.33 9.84 10.46
N THR A 18 -8.47 10.15 9.49
CA THR A 18 -8.71 9.78 8.10
C THR A 18 -7.42 9.34 7.42
N LEU A 19 -7.55 8.48 6.41
CA LEU A 19 -6.39 7.99 5.68
C LEU A 19 -5.99 8.96 4.57
N GLY A 20 -4.68 9.14 4.39
CA GLY A 20 -4.18 10.04 3.37
C GLY A 20 -3.01 9.47 2.61
N ILE A 21 -3.28 8.73 1.54
CA ILE A 21 -2.23 8.13 0.74
C ILE A 21 -2.56 8.22 -0.75
N ALA A 22 -1.52 8.32 -1.57
CA ALA A 22 -1.70 8.41 -3.02
C ALA A 22 -0.92 7.31 -3.74
N ILE A 23 -1.49 6.79 -4.81
CA ILE A 23 -0.85 5.73 -5.59
C ILE A 23 -1.08 5.93 -7.08
N GLU A 24 -0.47 5.07 -7.88
CA GLU A 24 -0.61 5.15 -9.34
C GLU A 24 -0.30 3.81 -9.99
N GLY A 25 -0.92 3.56 -11.15
CA GLY A 25 -0.69 2.32 -11.85
C GLY A 25 -1.97 1.54 -12.08
N GLY A 26 -1.88 0.22 -12.02
CA GLY A 26 -3.04 -0.62 -12.21
C GLY A 26 -2.83 -1.67 -13.29
N ALA A 27 -3.56 -2.77 -13.19
CA ALA A 27 -3.44 -3.86 -14.17
C ALA A 27 -3.26 -3.31 -15.58
N ASN A 28 -4.22 -2.51 -16.03
CA ASN A 28 -4.16 -1.93 -17.37
C ASN A 28 -2.79 -1.32 -17.63
N THR A 29 -2.29 -0.53 -16.68
CA THR A 29 -1.00 0.11 -16.81
C THR A 29 0.13 -0.88 -16.57
N ARG A 30 1.28 -0.65 -17.22
CA ARG A 30 2.44 -1.53 -17.07
C ARG A 30 2.53 -2.06 -15.63
N GLN A 31 2.34 -1.18 -14.66
CA GLN A 31 2.40 -1.57 -13.26
C GLN A 31 1.13 -2.29 -12.84
N PRO A 32 1.28 -3.57 -12.45
CA PRO A 32 0.15 -4.40 -12.02
C PRO A 32 -0.40 -3.95 -10.66
N LEU A 33 0.49 -3.72 -9.71
CA LEU A 33 0.09 -3.29 -8.37
C LEU A 33 0.28 -1.79 -8.20
N PRO A 34 -0.49 -1.19 -7.28
CA PRO A 34 -0.41 0.24 -7.00
C PRO A 34 0.89 0.63 -6.31
N ARG A 35 1.46 1.75 -6.72
CA ARG A 35 2.71 2.24 -6.14
C ARG A 35 2.51 3.59 -5.47
N ILE A 36 2.91 3.68 -4.20
CA ILE A 36 2.77 4.91 -3.44
C ILE A 36 3.63 6.01 -4.03
N VAL A 37 2.98 7.06 -4.53
CA VAL A 37 3.69 8.19 -5.13
C VAL A 37 3.75 9.37 -4.15
N THR A 38 2.74 9.49 -3.31
CA THR A 38 2.67 10.57 -2.33
C THR A 38 1.96 10.12 -1.06
N ILE A 39 2.50 10.53 0.09
CA ILE A 39 1.91 10.16 1.37
C ILE A 39 1.54 11.41 2.17
N GLN A 40 0.27 11.81 2.09
CA GLN A 40 -0.20 12.98 2.81
C GLN A 40 0.14 12.88 4.30
N ARG A 41 0.55 14.01 4.87
CA ARG A 41 0.91 14.06 6.28
C ARG A 41 -0.33 14.09 7.16
N GLY A 42 -0.14 13.89 8.46
CA GLY A 42 -1.26 13.90 9.39
C GLY A 42 -2.03 12.59 9.40
N GLY A 43 -2.16 11.97 8.23
CA GLY A 43 -2.87 10.71 8.13
C GLY A 43 -2.18 9.60 8.89
N SER A 44 -2.68 8.37 8.72
CA SER A 44 -2.12 7.22 9.40
C SER A 44 -0.82 6.76 8.72
N ALA A 45 -0.82 6.81 7.39
CA ALA A 45 0.35 6.41 6.62
C ALA A 45 1.61 7.11 7.13
N HIS A 46 1.60 8.44 7.08
CA HIS A 46 2.73 9.23 7.53
C HIS A 46 3.10 8.88 8.97
N ASN A 47 2.09 8.81 9.83
CA ASN A 47 2.30 8.49 11.24
C ASN A 47 3.27 7.33 11.39
N CYS A 48 3.02 6.24 10.68
CA CYS A 48 3.87 5.07 10.74
C CYS A 48 5.08 5.22 9.81
N GLY A 49 6.13 5.86 10.32
CA GLY A 49 7.32 6.07 9.52
C GLY A 49 7.75 4.82 8.78
N GLN A 50 7.34 3.66 9.29
CA GLN A 50 7.69 2.39 8.67
C GLN A 50 7.60 2.48 7.15
N LEU A 51 6.45 2.93 6.65
CA LEU A 51 6.22 3.07 5.22
C LEU A 51 6.97 4.29 4.67
N LYS A 52 7.06 4.36 3.34
CA LYS A 52 7.73 5.48 2.69
C LYS A 52 7.16 5.72 1.31
N VAL A 53 7.35 6.94 0.79
CA VAL A 53 6.85 7.30 -0.53
C VAL A 53 7.62 6.57 -1.62
N GLY A 54 6.91 5.73 -2.37
CA GLY A 54 7.53 4.97 -3.44
C GLY A 54 7.34 3.48 -3.29
N HIS A 55 6.58 3.08 -2.28
CA HIS A 55 6.32 1.66 -2.02
C HIS A 55 5.30 1.12 -3.02
N VAL A 56 5.03 -0.19 -2.93
CA VAL A 56 4.07 -0.83 -3.81
C VAL A 56 3.16 -1.78 -3.04
N ILE A 57 1.92 -1.38 -2.85
CA ILE A 57 0.95 -2.19 -2.14
C ILE A 57 0.48 -3.36 -2.99
N LEU A 58 0.87 -4.57 -2.58
CA LEU A 58 0.50 -5.78 -3.30
C LEU A 58 -0.71 -6.44 -2.65
N GLU A 59 -0.88 -6.22 -1.35
CA GLU A 59 -2.00 -6.79 -0.61
C GLU A 59 -2.46 -5.85 0.50
N VAL A 60 -3.76 -5.83 0.74
CA VAL A 60 -4.34 -4.99 1.78
C VAL A 60 -5.44 -5.71 2.54
N ASN A 61 -5.22 -5.91 3.83
CA ASN A 61 -6.19 -6.59 4.68
C ASN A 61 -6.45 -8.01 4.18
N GLY A 62 -5.42 -8.62 3.60
CA GLY A 62 -5.56 -9.97 3.08
C GLY A 62 -5.90 -10.00 1.61
N LEU A 63 -6.63 -8.99 1.15
CA LEU A 63 -7.03 -8.90 -0.25
C LEU A 63 -5.87 -8.43 -1.12
N THR A 64 -5.44 -9.29 -2.04
CA THR A 64 -4.34 -8.96 -2.94
C THR A 64 -4.79 -8.01 -4.05
N LEU A 65 -4.00 -6.97 -4.27
CA LEU A 65 -4.33 -5.98 -5.30
C LEU A 65 -3.82 -6.44 -6.66
N ARG A 66 -3.48 -7.72 -6.76
CA ARG A 66 -2.98 -8.28 -8.01
C ARG A 66 -4.03 -8.17 -9.11
N GLY A 67 -3.61 -7.73 -10.29
CA GLY A 67 -4.52 -7.58 -11.40
C GLY A 67 -5.63 -6.59 -11.11
N LYS A 68 -5.39 -5.67 -10.19
CA LYS A 68 -6.37 -4.67 -9.82
C LYS A 68 -5.92 -3.27 -10.26
N GLU A 69 -6.87 -2.47 -10.72
CA GLU A 69 -6.56 -1.12 -11.17
C GLU A 69 -6.41 -0.18 -9.97
N HIS A 70 -5.46 0.74 -10.08
CA HIS A 70 -5.21 1.71 -9.00
C HIS A 70 -6.51 2.10 -8.31
N ARG A 71 -7.52 2.41 -9.12
CA ARG A 71 -8.82 2.81 -8.58
C ARG A 71 -9.40 1.71 -7.69
N GLU A 72 -9.53 0.51 -8.26
CA GLU A 72 -10.07 -0.63 -7.51
C GLU A 72 -9.39 -0.77 -6.17
N ALA A 73 -8.07 -0.54 -6.14
CA ALA A 73 -7.30 -0.64 -4.92
C ALA A 73 -7.67 0.46 -3.93
N ALA A 74 -7.71 1.70 -4.41
CA ALA A 74 -8.05 2.84 -3.58
C ALA A 74 -9.29 2.55 -2.74
N ARG A 75 -10.21 1.78 -3.31
CA ARG A 75 -11.45 1.44 -2.62
C ARG A 75 -11.20 0.33 -1.59
N ILE A 76 -10.43 -0.67 -1.98
CA ILE A 76 -10.12 -1.78 -1.08
C ILE A 76 -9.45 -1.29 0.19
N ILE A 77 -8.45 -0.42 0.04
CA ILE A 77 -7.74 0.12 1.17
C ILE A 77 -8.68 0.87 2.11
N ALA A 78 -9.43 1.81 1.55
CA ALA A 78 -10.37 2.62 2.32
C ALA A 78 -11.31 1.71 3.11
N GLU A 79 -11.80 0.66 2.48
CA GLU A 79 -12.71 -0.27 3.12
C GLU A 79 -12.07 -0.89 4.37
N ALA A 80 -10.75 -1.02 4.35
CA ALA A 80 -10.02 -1.59 5.47
C ALA A 80 -9.99 -0.62 6.65
N PHE A 81 -10.22 0.66 6.37
CA PHE A 81 -10.21 1.68 7.41
C PHE A 81 -11.60 1.81 8.05
N LYS A 82 -12.63 1.75 7.22
CA LYS A 82 -14.00 1.86 7.70
C LYS A 82 -14.34 0.73 8.66
N THR A 83 -14.31 -0.50 8.14
CA THR A 83 -14.60 -1.67 8.95
C THR A 83 -14.07 -1.52 10.38
N LYS A 84 -14.77 -2.12 11.34
CA LYS A 84 -14.37 -2.04 12.73
C LYS A 84 -13.78 -3.37 13.21
N ASP A 85 -13.17 -4.11 12.28
CA ASP A 85 -12.57 -5.40 12.60
C ASP A 85 -11.23 -5.21 13.31
N ARG A 86 -10.38 -4.37 12.73
CA ARG A 86 -9.06 -4.11 13.30
C ARG A 86 -8.74 -2.62 13.28
N ASP A 87 -8.04 -2.14 14.30
CA ASP A 87 -7.68 -0.73 14.39
C ASP A 87 -6.42 -0.45 13.58
N TYR A 88 -6.31 -1.07 12.41
CA TYR A 88 -5.15 -0.89 11.54
C TYR A 88 -5.40 -1.50 10.17
N ILE A 89 -4.46 -1.29 9.25
CA ILE A 89 -4.57 -1.82 7.90
C ILE A 89 -3.26 -2.45 7.44
N ASP A 90 -3.30 -3.74 7.14
CA ASP A 90 -2.11 -4.45 6.69
C ASP A 90 -1.71 -4.02 5.28
N PHE A 91 -0.56 -3.38 5.16
CA PHE A 91 -0.07 -2.91 3.87
C PHE A 91 1.15 -3.70 3.42
N LEU A 92 0.96 -4.61 2.48
CA LEU A 92 2.04 -5.43 1.97
C LEU A 92 2.82 -4.70 0.89
N VAL A 93 4.06 -4.36 1.19
CA VAL A 93 4.92 -3.65 0.23
C VAL A 93 6.18 -4.45 -0.06
N THR A 94 6.86 -4.08 -1.15
CA THR A 94 8.08 -4.76 -1.55
C THR A 94 9.24 -3.78 -1.71
N GLU A 95 8.90 -2.49 -1.78
CA GLU A 95 9.91 -1.45 -1.94
C GLU A 95 10.95 -1.85 -2.97
N PHE A 96 10.48 -2.24 -4.16
CA PHE A 96 11.38 -2.65 -5.24
C PHE A 96 12.64 -1.78 -5.26
N ASN A 97 13.78 -2.42 -5.51
CA ASN A 97 15.05 -1.71 -5.55
C ASN A 97 15.00 -0.56 -6.55
N SER A 98 14.57 -0.86 -7.77
CA SER A 98 14.48 0.16 -8.81
C SER A 98 13.07 0.72 -8.90
N GLY A 99 12.97 2.04 -9.06
CA GLY A 99 11.67 2.68 -9.15
C GLY A 99 11.76 4.07 -9.74
N PRO A 100 11.79 4.15 -11.08
CA PRO A 100 11.86 5.42 -11.79
C PRO A 100 10.58 6.24 -11.68
N SER A 101 10.72 7.56 -11.66
CA SER A 101 9.58 8.45 -11.55
C SER A 101 9.58 9.48 -12.67
N SER A 102 8.46 10.21 -12.81
CA SER A 102 8.34 11.22 -13.84
C SER A 102 7.79 12.53 -13.26
N GLY A 103 8.67 13.51 -13.10
CA GLY A 103 8.26 14.79 -12.55
C GLY A 103 8.28 14.81 -11.04
N GLY A 1 11.59 -23.82 -2.86
CA GLY A 1 10.71 -23.57 -3.99
C GLY A 1 11.29 -22.57 -4.97
N SER A 2 11.35 -22.97 -6.24
CA SER A 2 11.89 -22.10 -7.28
C SER A 2 11.04 -20.84 -7.44
N SER A 3 9.73 -21.02 -7.42
CA SER A 3 8.81 -19.90 -7.55
C SER A 3 8.64 -19.17 -6.23
N GLY A 4 9.46 -18.14 -6.01
CA GLY A 4 9.39 -17.37 -4.79
C GLY A 4 8.78 -16.00 -5.00
N SER A 5 8.52 -15.30 -3.90
CA SER A 5 7.93 -13.96 -3.98
C SER A 5 8.30 -13.14 -2.75
N SER A 6 8.82 -11.94 -2.98
CA SER A 6 9.22 -11.05 -1.89
C SER A 6 8.05 -10.19 -1.44
N GLY A 7 8.08 -9.77 -0.19
CA GLY A 7 7.02 -8.93 0.35
C GLY A 7 7.28 -8.50 1.79
N THR A 8 6.77 -7.34 2.15
CA THR A 8 6.95 -6.81 3.50
C THR A 8 5.62 -6.38 4.11
N LEU A 9 5.16 -7.14 5.11
CA LEU A 9 3.91 -6.84 5.77
C LEU A 9 4.04 -5.62 6.69
N VAL A 10 3.24 -4.61 6.44
CA VAL A 10 3.28 -3.38 7.24
C VAL A 10 1.97 -3.19 7.99
N ARG A 11 2.05 -3.09 9.31
CA ARG A 11 0.86 -2.89 10.14
C ARG A 11 0.68 -1.41 10.48
N VAL A 12 -0.26 -0.77 9.77
CA VAL A 12 -0.54 0.64 9.99
C VAL A 12 -1.74 0.82 10.93
N LYS A 13 -1.48 1.40 12.09
CA LYS A 13 -2.55 1.64 13.07
C LYS A 13 -3.41 2.82 12.66
N LYS A 14 -4.72 2.64 12.74
CA LYS A 14 -5.66 3.70 12.37
C LYS A 14 -5.74 4.76 13.47
N SER A 15 -4.58 5.26 13.88
CA SER A 15 -4.51 6.28 14.93
C SER A 15 -4.88 7.65 14.37
N ALA A 16 -4.59 7.86 13.09
CA ALA A 16 -4.90 9.13 12.44
C ALA A 16 -6.40 9.33 12.29
N ALA A 17 -6.83 10.58 12.19
CA ALA A 17 -8.24 10.90 12.04
C ALA A 17 -8.77 10.44 10.68
N THR A 18 -7.91 10.50 9.67
CA THR A 18 -8.29 10.09 8.33
C THR A 18 -7.09 9.54 7.55
N LEU A 19 -7.36 8.64 6.63
CA LEU A 19 -6.30 8.04 5.81
C LEU A 19 -5.92 8.96 4.65
N GLY A 20 -4.64 8.97 4.32
CA GLY A 20 -4.16 9.80 3.22
C GLY A 20 -2.99 9.19 2.49
N ILE A 21 -3.29 8.36 1.49
CA ILE A 21 -2.25 7.71 0.71
C ILE A 21 -2.55 7.78 -0.78
N ALA A 22 -1.55 8.16 -1.57
CA ALA A 22 -1.72 8.26 -3.02
C ALA A 22 -0.94 7.16 -3.74
N ILE A 23 -1.50 6.67 -4.84
CA ILE A 23 -0.87 5.61 -5.61
C ILE A 23 -1.12 5.80 -7.10
N GLU A 24 -0.51 4.94 -7.91
CA GLU A 24 -0.67 5.01 -9.35
C GLU A 24 -0.51 3.63 -9.99
N GLY A 25 -0.63 3.58 -11.31
CA GLY A 25 -0.49 2.31 -12.02
C GLY A 25 -1.75 1.47 -11.95
N GLY A 26 -1.59 0.16 -12.14
CA GLY A 26 -2.73 -0.74 -12.10
C GLY A 26 -2.63 -1.86 -13.11
N ALA A 27 -3.28 -2.97 -12.83
CA ALA A 27 -3.26 -4.12 -13.73
C ALA A 27 -3.44 -3.68 -15.18
N ASN A 28 -4.05 -2.51 -15.37
CA ASN A 28 -4.28 -1.98 -16.70
C ASN A 28 -3.12 -1.11 -17.15
N THR A 29 -1.90 -1.54 -16.84
CA THR A 29 -0.71 -0.78 -17.19
C THR A 29 0.55 -1.56 -16.83
N ARG A 30 1.68 -1.16 -17.41
CA ARG A 30 2.95 -1.82 -17.15
C ARG A 30 3.06 -2.22 -15.68
N GLN A 31 2.50 -1.39 -14.81
CA GLN A 31 2.54 -1.66 -13.37
C GLN A 31 1.29 -2.41 -12.93
N PRO A 32 1.47 -3.68 -12.52
CA PRO A 32 0.37 -4.53 -12.07
C PRO A 32 -0.19 -4.08 -10.72
N LEU A 33 0.69 -3.85 -9.76
CA LEU A 33 0.28 -3.41 -8.43
C LEU A 33 0.45 -1.91 -8.28
N PRO A 34 -0.34 -1.31 -7.37
CA PRO A 34 -0.29 0.13 -7.10
C PRO A 34 1.00 0.54 -6.40
N ARG A 35 1.55 1.69 -6.81
CA ARG A 35 2.78 2.20 -6.22
C ARG A 35 2.54 3.55 -5.55
N ILE A 36 2.94 3.64 -4.28
CA ILE A 36 2.77 4.88 -3.52
C ILE A 36 3.63 6.00 -4.10
N VAL A 37 2.97 7.01 -4.66
CA VAL A 37 3.68 8.14 -5.25
C VAL A 37 3.74 9.32 -4.28
N THR A 38 2.74 9.42 -3.41
CA THR A 38 2.68 10.49 -2.42
C THR A 38 2.02 10.01 -1.13
N ILE A 39 2.55 10.47 0.00
CA ILE A 39 2.00 10.10 1.30
C ILE A 39 1.58 11.33 2.10
N GLN A 40 0.29 11.64 2.06
CA GLN A 40 -0.23 12.79 2.78
C GLN A 40 0.21 12.77 4.23
N ARG A 41 0.76 13.89 4.70
CA ARG A 41 1.23 14.00 6.08
C ARG A 41 0.08 13.79 7.06
N GLY A 42 0.38 13.15 8.19
CA GLY A 42 -0.63 12.89 9.19
C GLY A 42 -1.31 11.56 9.00
N GLY A 43 -1.79 11.30 7.79
CA GLY A 43 -2.46 10.05 7.49
C GLY A 43 -1.86 8.88 8.25
N SER A 44 -2.70 7.91 8.60
CA SER A 44 -2.24 6.73 9.34
C SER A 44 -0.96 6.18 8.73
N ALA A 45 -0.78 6.41 7.43
CA ALA A 45 0.40 5.93 6.72
C ALA A 45 1.65 6.68 7.18
N HIS A 46 1.68 7.99 6.95
CA HIS A 46 2.81 8.81 7.33
C HIS A 46 3.03 8.77 8.84
N ASN A 47 1.97 9.05 9.59
CA ASN A 47 2.04 9.04 11.05
C ASN A 47 2.98 7.95 11.54
N CYS A 48 2.75 6.72 11.08
CA CYS A 48 3.58 5.59 11.47
C CYS A 48 5.01 5.77 10.99
N GLY A 49 5.16 6.18 9.73
CA GLY A 49 6.48 6.38 9.17
C GLY A 49 7.07 5.10 8.61
N GLN A 50 6.62 3.96 9.14
CA GLN A 50 7.12 2.67 8.69
C GLN A 50 7.16 2.59 7.17
N LEU A 51 6.26 3.31 6.52
CA LEU A 51 6.19 3.34 5.07
C LEU A 51 7.01 4.50 4.50
N LYS A 52 7.24 4.47 3.20
CA LYS A 52 8.00 5.53 2.53
C LYS A 52 7.51 5.74 1.10
N VAL A 53 7.46 6.99 0.67
CA VAL A 53 7.01 7.33 -0.67
C VAL A 53 7.81 6.57 -1.72
N GLY A 54 7.15 5.67 -2.44
CA GLY A 54 7.81 4.90 -3.46
C GLY A 54 7.58 3.41 -3.31
N HIS A 55 6.81 3.03 -2.29
CA HIS A 55 6.50 1.63 -2.04
C HIS A 55 5.46 1.10 -3.03
N VAL A 56 5.16 -0.18 -2.94
CA VAL A 56 4.18 -0.80 -3.82
C VAL A 56 3.27 -1.76 -3.05
N ILE A 57 2.02 -1.37 -2.89
CA ILE A 57 1.04 -2.19 -2.18
C ILE A 57 0.61 -3.38 -3.02
N LEU A 58 1.05 -4.58 -2.62
CA LEU A 58 0.70 -5.79 -3.34
C LEU A 58 -0.51 -6.48 -2.70
N GLU A 59 -0.71 -6.22 -1.42
CA GLU A 59 -1.84 -6.81 -0.70
C GLU A 59 -2.30 -5.90 0.43
N VAL A 60 -3.61 -5.86 0.67
CA VAL A 60 -4.17 -5.02 1.73
C VAL A 60 -5.31 -5.74 2.43
N ASN A 61 -5.20 -5.87 3.75
CA ASN A 61 -6.23 -6.53 4.55
C ASN A 61 -6.47 -7.96 4.05
N GLY A 62 -5.41 -8.58 3.52
CA GLY A 62 -5.52 -9.94 3.03
C GLY A 62 -5.84 -9.98 1.55
N LEU A 63 -6.53 -8.96 1.06
CA LEU A 63 -6.90 -8.90 -0.35
C LEU A 63 -5.72 -8.44 -1.20
N THR A 64 -5.30 -9.30 -2.12
CA THR A 64 -4.18 -8.99 -2.99
C THR A 64 -4.62 -8.10 -4.15
N LEU A 65 -3.75 -7.17 -4.54
CA LEU A 65 -4.05 -6.27 -5.65
C LEU A 65 -3.39 -6.73 -6.93
N ARG A 66 -2.85 -7.94 -6.91
CA ARG A 66 -2.19 -8.51 -8.08
C ARG A 66 -2.99 -8.24 -9.34
N GLY A 67 -4.32 -8.31 -9.21
CA GLY A 67 -5.18 -8.08 -10.36
C GLY A 67 -6.21 -6.99 -10.09
N LYS A 68 -5.77 -5.90 -9.48
CA LYS A 68 -6.64 -4.77 -9.17
C LYS A 68 -6.09 -3.48 -9.74
N GLU A 69 -6.98 -2.62 -10.23
CA GLU A 69 -6.58 -1.34 -10.80
C GLU A 69 -6.42 -0.29 -9.72
N HIS A 70 -5.45 0.60 -9.91
CA HIS A 70 -5.19 1.66 -8.94
C HIS A 70 -6.49 2.14 -8.30
N ARG A 71 -7.53 2.28 -9.10
CA ARG A 71 -8.82 2.73 -8.62
C ARG A 71 -9.45 1.69 -7.70
N GLU A 72 -9.49 0.44 -8.16
CA GLU A 72 -10.07 -0.64 -7.38
C GLU A 72 -9.37 -0.78 -6.04
N ALA A 73 -8.06 -0.58 -6.04
CA ALA A 73 -7.27 -0.68 -4.82
C ALA A 73 -7.63 0.44 -3.84
N ALA A 74 -7.55 1.68 -4.31
CA ALA A 74 -7.87 2.83 -3.48
C ALA A 74 -9.12 2.58 -2.64
N ARG A 75 -10.08 1.85 -3.22
CA ARG A 75 -11.32 1.54 -2.53
C ARG A 75 -11.11 0.45 -1.49
N ILE A 76 -10.40 -0.60 -1.87
CA ILE A 76 -10.12 -1.72 -0.97
C ILE A 76 -9.48 -1.22 0.32
N ILE A 77 -8.44 -0.41 0.18
CA ILE A 77 -7.73 0.13 1.33
C ILE A 77 -8.66 0.97 2.21
N ALA A 78 -9.40 1.88 1.57
CA ALA A 78 -10.34 2.74 2.30
C ALA A 78 -11.33 1.91 3.10
N GLU A 79 -11.85 0.86 2.48
CA GLU A 79 -12.83 0.00 3.14
C GLU A 79 -12.24 -0.60 4.41
N ALA A 80 -10.92 -0.81 4.41
CA ALA A 80 -10.25 -1.37 5.57
C ALA A 80 -10.20 -0.37 6.73
N PHE A 81 -10.30 0.91 6.39
CA PHE A 81 -10.27 1.96 7.40
C PHE A 81 -11.64 2.12 8.06
N LYS A 82 -12.69 2.05 7.26
CA LYS A 82 -14.05 2.18 7.75
C LYS A 82 -14.35 1.13 8.82
N THR A 83 -14.26 -0.14 8.42
CA THR A 83 -14.53 -1.25 9.33
C THR A 83 -13.97 -0.95 10.72
N LYS A 84 -14.67 -1.42 11.75
CA LYS A 84 -14.25 -1.22 13.12
C LYS A 84 -13.57 -2.46 13.69
N ASP A 85 -13.99 -3.62 13.20
CA ASP A 85 -13.40 -4.88 13.65
C ASP A 85 -11.90 -4.76 13.83
N ARG A 86 -11.20 -4.41 12.76
CA ARG A 86 -9.75 -4.27 12.80
C ARG A 86 -9.37 -2.84 13.17
N ASP A 87 -8.34 -2.70 13.99
CA ASP A 87 -7.87 -1.39 14.42
C ASP A 87 -6.61 -0.98 13.65
N TYR A 88 -6.47 -1.52 12.45
CA TYR A 88 -5.31 -1.22 11.60
C TYR A 88 -5.53 -1.72 10.17
N ILE A 89 -4.61 -1.36 9.29
CA ILE A 89 -4.70 -1.77 7.89
C ILE A 89 -3.38 -2.38 7.41
N ASP A 90 -3.43 -3.66 7.07
CA ASP A 90 -2.23 -4.36 6.59
C ASP A 90 -1.81 -3.85 5.22
N PHE A 91 -0.53 -3.51 5.09
CA PHE A 91 0.00 -3.00 3.83
C PHE A 91 1.23 -3.79 3.41
N LEU A 92 1.06 -4.68 2.44
CA LEU A 92 2.15 -5.50 1.94
C LEU A 92 2.95 -4.75 0.87
N VAL A 93 4.13 -4.28 1.25
CA VAL A 93 4.99 -3.55 0.33
C VAL A 93 6.28 -4.33 0.04
N THR A 94 6.90 -4.02 -1.09
CA THR A 94 8.14 -4.69 -1.48
C THR A 94 9.10 -3.71 -2.14
N GLU A 95 10.16 -3.34 -1.42
CA GLU A 95 11.15 -2.41 -1.94
C GLU A 95 11.85 -2.99 -3.17
N PHE A 96 11.19 -2.90 -4.31
CA PHE A 96 11.75 -3.42 -5.55
C PHE A 96 13.09 -2.76 -5.87
N ASN A 97 14.18 -3.35 -5.38
CA ASN A 97 15.51 -2.82 -5.61
C ASN A 97 15.64 -2.27 -7.03
N SER A 98 15.85 -0.96 -7.13
CA SER A 98 15.99 -0.31 -8.43
C SER A 98 16.35 1.16 -8.26
N GLY A 99 17.31 1.62 -9.07
CA GLY A 99 17.73 3.02 -9.00
C GLY A 99 17.87 3.65 -10.36
N PRO A 100 17.56 4.95 -10.45
CA PRO A 100 17.64 5.71 -11.70
C PRO A 100 19.08 5.92 -12.17
N SER A 101 19.36 5.56 -13.41
CA SER A 101 20.69 5.70 -13.97
C SER A 101 20.68 6.62 -15.19
N SER A 102 20.96 7.91 -14.96
CA SER A 102 20.97 8.89 -16.04
C SER A 102 22.21 9.77 -15.95
N GLY A 103 22.88 9.97 -17.09
CA GLY A 103 24.07 10.80 -17.12
C GLY A 103 24.54 11.07 -18.53
N GLY A 1 5.12 -21.25 2.00
CA GLY A 1 6.26 -21.48 2.87
C GLY A 1 6.97 -20.19 3.24
N SER A 2 8.29 -20.26 3.32
CA SER A 2 9.09 -19.08 3.68
C SER A 2 10.26 -18.91 2.71
N SER A 3 9.99 -19.11 1.43
CA SER A 3 11.02 -18.98 0.40
C SER A 3 10.42 -18.54 -0.93
N GLY A 4 11.21 -17.84 -1.73
CA GLY A 4 10.73 -17.36 -3.01
C GLY A 4 9.62 -16.34 -2.88
N SER A 5 9.85 -15.34 -2.04
CA SER A 5 8.87 -14.29 -1.81
C SER A 5 9.54 -12.99 -1.36
N SER A 6 8.95 -11.86 -1.74
CA SER A 6 9.49 -10.56 -1.39
C SER A 6 8.38 -9.59 -0.99
N GLY A 7 8.28 -9.31 0.30
CA GLY A 7 7.25 -8.39 0.78
C GLY A 7 7.26 -8.26 2.28
N THR A 8 7.20 -7.01 2.76
CA THR A 8 7.20 -6.75 4.20
C THR A 8 5.85 -6.20 4.66
N LEU A 9 5.10 -7.03 5.36
CA LEU A 9 3.79 -6.64 5.86
C LEU A 9 3.91 -5.45 6.81
N VAL A 10 3.22 -4.36 6.48
CA VAL A 10 3.25 -3.15 7.30
C VAL A 10 1.88 -2.87 7.92
N ARG A 11 1.76 -3.13 9.22
CA ARG A 11 0.51 -2.92 9.93
C ARG A 11 0.37 -1.46 10.35
N VAL A 12 -0.52 -0.74 9.67
CA VAL A 12 -0.75 0.68 9.96
C VAL A 12 -2.01 0.86 10.79
N LYS A 13 -1.83 1.01 12.10
CA LYS A 13 -2.96 1.19 13.01
C LYS A 13 -3.62 2.56 12.78
N LYS A 14 -4.95 2.58 12.89
CA LYS A 14 -5.70 3.82 12.70
C LYS A 14 -5.44 4.79 13.83
N SER A 15 -4.36 5.55 13.74
CA SER A 15 -4.00 6.51 14.76
C SER A 15 -4.54 7.91 14.41
N ALA A 16 -4.34 8.31 13.16
CA ALA A 16 -4.82 9.61 12.71
C ALA A 16 -6.34 9.63 12.57
N ALA A 17 -6.88 10.74 12.06
CA ALA A 17 -8.31 10.88 11.89
C ALA A 17 -8.78 10.15 10.63
N THR A 18 -7.99 10.23 9.56
CA THR A 18 -8.33 9.58 8.31
C THR A 18 -7.09 9.27 7.50
N LEU A 19 -7.00 8.04 7.01
CA LEU A 19 -5.84 7.61 6.21
C LEU A 19 -5.66 8.52 5.00
N GLY A 20 -4.40 8.82 4.69
CA GLY A 20 -4.11 9.67 3.55
C GLY A 20 -2.91 9.18 2.75
N ILE A 21 -3.16 8.49 1.65
CA ILE A 21 -2.10 7.97 0.81
C ILE A 21 -2.50 7.98 -0.66
N ALA A 22 -1.52 8.18 -1.53
CA ALA A 22 -1.77 8.20 -2.97
C ALA A 22 -0.98 7.12 -3.70
N ILE A 23 -1.53 6.62 -4.79
CA ILE A 23 -0.86 5.58 -5.58
C ILE A 23 -1.12 5.77 -7.07
N GLU A 24 -0.48 4.93 -7.88
CA GLU A 24 -0.64 5.01 -9.33
C GLU A 24 -0.33 3.66 -9.97
N GLY A 25 -1.04 3.36 -11.06
CA GLY A 25 -0.83 2.11 -11.76
C GLY A 25 -2.13 1.36 -12.01
N GLY A 26 -2.03 0.04 -12.16
CA GLY A 26 -3.22 -0.76 -12.40
C GLY A 26 -2.93 -1.98 -13.25
N ALA A 27 -3.58 -3.09 -12.94
CA ALA A 27 -3.38 -4.33 -13.68
C ALA A 27 -3.26 -4.05 -15.18
N ASN A 28 -4.05 -3.11 -15.66
CA ASN A 28 -4.02 -2.75 -17.09
C ASN A 28 -2.67 -2.18 -17.48
N THR A 29 -2.31 -1.04 -16.88
CA THR A 29 -1.04 -0.38 -17.18
C THR A 29 0.12 -1.33 -16.93
N ARG A 30 1.33 -0.88 -17.28
CA ARG A 30 2.53 -1.68 -17.09
C ARG A 30 2.62 -2.21 -15.65
N GLN A 31 2.43 -1.32 -14.69
CA GLN A 31 2.49 -1.69 -13.29
C GLN A 31 1.22 -2.41 -12.86
N PRO A 32 1.36 -3.68 -12.46
CA PRO A 32 0.23 -4.51 -12.03
C PRO A 32 -0.34 -4.06 -10.69
N LEU A 33 0.54 -3.83 -9.72
CA LEU A 33 0.13 -3.40 -8.40
C LEU A 33 0.32 -1.89 -8.24
N PRO A 34 -0.47 -1.29 -7.33
CA PRO A 34 -0.42 0.16 -7.07
C PRO A 34 0.87 0.56 -6.36
N ARG A 35 1.48 1.64 -6.83
CA ARG A 35 2.72 2.13 -6.25
C ARG A 35 2.52 3.50 -5.61
N ILE A 36 2.91 3.63 -4.35
CA ILE A 36 2.77 4.89 -3.63
C ILE A 36 3.54 6.01 -4.33
N VAL A 37 2.84 7.10 -4.66
CA VAL A 37 3.46 8.23 -5.32
C VAL A 37 3.56 9.43 -4.38
N THR A 38 2.60 9.54 -3.47
CA THR A 38 2.57 10.64 -2.51
C THR A 38 1.92 10.20 -1.20
N ILE A 39 2.54 10.57 -0.08
CA ILE A 39 2.01 10.22 1.24
C ILE A 39 1.56 11.46 1.99
N GLN A 40 0.26 11.67 2.04
CA GLN A 40 -0.31 12.82 2.74
C GLN A 40 0.33 13.01 4.11
N ARG A 41 0.64 14.26 4.44
CA ARG A 41 1.26 14.57 5.73
C ARG A 41 0.32 14.24 6.88
N GLY A 42 -0.94 14.66 6.76
CA GLY A 42 -1.91 14.40 7.81
C GLY A 42 -2.60 13.06 7.64
N GLY A 43 -1.83 11.98 7.78
CA GLY A 43 -2.39 10.65 7.64
C GLY A 43 -1.62 9.61 8.42
N SER A 44 -2.26 8.48 8.70
CA SER A 44 -1.63 7.41 9.47
C SER A 44 -0.33 6.97 8.80
N ALA A 45 -0.39 6.72 7.50
CA ALA A 45 0.78 6.29 6.76
C ALA A 45 2.01 7.11 7.13
N HIS A 46 1.79 8.41 7.34
CA HIS A 46 2.88 9.31 7.71
C HIS A 46 3.27 9.13 9.18
N ASN A 47 2.27 9.13 10.05
CA ASN A 47 2.50 8.98 11.48
C ASN A 47 3.43 7.80 11.75
N CYS A 48 3.03 6.61 11.31
CA CYS A 48 3.82 5.40 11.50
C CYS A 48 5.26 5.63 11.04
N GLY A 49 5.43 6.21 9.87
CA GLY A 49 6.75 6.47 9.34
C GLY A 49 7.35 5.25 8.68
N GLN A 50 7.05 4.08 9.20
CA GLN A 50 7.57 2.83 8.65
C GLN A 50 7.52 2.84 7.13
N LEU A 51 6.38 3.25 6.58
CA LEU A 51 6.20 3.31 5.13
C LEU A 51 6.95 4.50 4.55
N LYS A 52 7.17 4.47 3.23
CA LYS A 52 7.87 5.55 2.54
C LYS A 52 7.35 5.71 1.12
N VAL A 53 7.52 6.91 0.56
CA VAL A 53 7.08 7.19 -0.80
C VAL A 53 7.86 6.38 -1.82
N GLY A 54 7.17 5.53 -2.56
CA GLY A 54 7.80 4.70 -3.56
C GLY A 54 7.50 3.23 -3.39
N HIS A 55 6.78 2.90 -2.31
CA HIS A 55 6.42 1.51 -2.04
C HIS A 55 5.33 1.04 -3.00
N VAL A 56 5.05 -0.26 -2.98
CA VAL A 56 4.03 -0.85 -3.84
C VAL A 56 3.16 -1.83 -3.07
N ILE A 57 1.89 -1.47 -2.90
CA ILE A 57 0.94 -2.32 -2.18
C ILE A 57 0.50 -3.50 -3.04
N LEU A 58 0.89 -4.70 -2.63
CA LEU A 58 0.53 -5.90 -3.36
C LEU A 58 -0.67 -6.58 -2.74
N GLU A 59 -0.83 -6.43 -1.43
CA GLU A 59 -1.95 -7.02 -0.71
C GLU A 59 -2.40 -6.12 0.44
N VAL A 60 -3.72 -6.04 0.64
CA VAL A 60 -4.28 -5.21 1.70
C VAL A 60 -5.31 -5.99 2.50
N ASN A 61 -5.02 -6.18 3.79
CA ASN A 61 -5.92 -6.91 4.67
C ASN A 61 -6.23 -8.30 4.12
N GLY A 62 -5.25 -8.88 3.43
CA GLY A 62 -5.44 -10.20 2.86
C GLY A 62 -5.83 -10.15 1.39
N LEU A 63 -6.56 -9.11 1.01
CA LEU A 63 -7.00 -8.95 -0.36
C LEU A 63 -5.80 -8.70 -1.29
N THR A 64 -5.73 -9.48 -2.36
CA THR A 64 -4.65 -9.34 -3.33
C THR A 64 -4.96 -8.26 -4.36
N LEU A 65 -3.93 -7.52 -4.77
CA LEU A 65 -4.10 -6.46 -5.76
C LEU A 65 -3.45 -6.84 -7.08
N ARG A 66 -2.96 -8.07 -7.17
CA ARG A 66 -2.32 -8.56 -8.38
C ARG A 66 -3.19 -8.30 -9.60
N GLY A 67 -4.50 -8.47 -9.43
CA GLY A 67 -5.43 -8.24 -10.52
C GLY A 67 -6.42 -7.13 -10.23
N LYS A 68 -5.94 -6.05 -9.64
CA LYS A 68 -6.79 -4.91 -9.30
C LYS A 68 -6.24 -3.63 -9.91
N GLU A 69 -7.15 -2.73 -10.29
CA GLU A 69 -6.76 -1.45 -10.88
C GLU A 69 -6.57 -0.38 -9.80
N HIS A 70 -5.59 0.49 -10.01
CA HIS A 70 -5.30 1.56 -9.06
C HIS A 70 -6.59 2.07 -8.42
N ARG A 71 -7.64 2.21 -9.22
CA ARG A 71 -8.92 2.70 -8.74
C ARG A 71 -9.55 1.69 -7.78
N GLU A 72 -9.59 0.43 -8.20
CA GLU A 72 -10.17 -0.62 -7.38
C GLU A 72 -9.44 -0.74 -6.04
N ALA A 73 -8.12 -0.60 -6.09
CA ALA A 73 -7.30 -0.68 -4.88
C ALA A 73 -7.66 0.43 -3.90
N ALA A 74 -7.65 1.67 -4.39
CA ALA A 74 -7.97 2.82 -3.56
C ALA A 74 -9.19 2.55 -2.68
N ARG A 75 -10.18 1.87 -3.26
CA ARG A 75 -11.41 1.55 -2.54
C ARG A 75 -11.14 0.47 -1.49
N ILE A 76 -10.43 -0.58 -1.90
CA ILE A 76 -10.12 -1.68 -1.01
C ILE A 76 -9.45 -1.18 0.27
N ILE A 77 -8.41 -0.37 0.11
CA ILE A 77 -7.69 0.19 1.25
C ILE A 77 -8.62 0.98 2.16
N ALA A 78 -9.39 1.89 1.57
CA ALA A 78 -10.32 2.72 2.32
C ALA A 78 -11.27 1.85 3.14
N GLU A 79 -11.80 0.80 2.50
CA GLU A 79 -12.73 -0.10 3.17
C GLU A 79 -12.11 -0.69 4.43
N ALA A 80 -10.80 -0.87 4.41
CA ALA A 80 -10.08 -1.43 5.56
C ALA A 80 -10.09 -0.45 6.73
N PHE A 81 -10.16 0.84 6.43
CA PHE A 81 -10.18 1.88 7.46
C PHE A 81 -11.57 2.01 8.07
N LYS A 82 -12.59 2.00 7.22
CA LYS A 82 -13.96 2.12 7.69
C LYS A 82 -14.32 0.99 8.64
N THR A 83 -14.23 -0.24 8.15
CA THR A 83 -14.55 -1.41 8.96
C THR A 83 -14.08 -1.22 10.40
N LYS A 84 -14.84 -1.76 11.34
CA LYS A 84 -14.50 -1.66 12.76
C LYS A 84 -13.89 -2.95 13.28
N ASP A 85 -14.08 -4.03 12.54
CA ASP A 85 -13.54 -5.34 12.91
C ASP A 85 -12.04 -5.24 13.17
N ARG A 86 -11.30 -4.73 12.19
CA ARG A 86 -9.86 -4.59 12.32
C ARG A 86 -9.48 -3.13 12.56
N ASP A 87 -8.85 -2.88 13.70
CA ASP A 87 -8.42 -1.53 14.06
C ASP A 87 -7.08 -1.20 13.42
N TYR A 88 -6.90 -1.60 12.17
CA TYR A 88 -5.65 -1.36 11.46
C TYR A 88 -5.75 -1.82 10.02
N ILE A 89 -4.70 -1.56 9.24
CA ILE A 89 -4.68 -1.95 7.83
C ILE A 89 -3.32 -2.53 7.45
N ASP A 90 -3.32 -3.77 6.98
CA ASP A 90 -2.08 -4.43 6.58
C ASP A 90 -1.67 -4.00 5.17
N PHE A 91 -0.47 -3.44 5.06
CA PHE A 91 0.05 -2.99 3.77
C PHE A 91 1.29 -3.76 3.38
N LEU A 92 1.14 -4.67 2.43
CA LEU A 92 2.26 -5.49 1.95
C LEU A 92 3.02 -4.79 0.83
N VAL A 93 4.24 -4.36 1.13
CA VAL A 93 5.07 -3.67 0.15
C VAL A 93 6.35 -4.46 -0.13
N THR A 94 6.98 -4.18 -1.28
CA THR A 94 8.20 -4.85 -1.66
C THR A 94 9.31 -3.85 -1.95
N GLU A 95 8.96 -2.57 -2.00
CA GLU A 95 9.92 -1.51 -2.26
C GLU A 95 10.87 -1.92 -3.39
N PHE A 96 10.30 -2.39 -4.50
CA PHE A 96 11.09 -2.81 -5.65
C PHE A 96 12.31 -1.91 -5.82
N ASN A 97 13.49 -2.54 -5.87
CA ASN A 97 14.74 -1.80 -6.04
C ASN A 97 15.41 -2.14 -7.37
N SER A 98 15.15 -1.34 -8.39
CA SER A 98 15.72 -1.56 -9.71
C SER A 98 17.22 -1.28 -9.70
N GLY A 99 17.58 -0.07 -9.30
CA GLY A 99 18.99 0.31 -9.26
C GLY A 99 19.18 1.80 -9.07
N PRO A 100 20.34 2.32 -9.53
CA PRO A 100 20.67 3.74 -9.42
C PRO A 100 19.81 4.61 -10.33
N SER A 101 18.68 5.08 -9.80
CA SER A 101 17.77 5.92 -10.56
C SER A 101 18.42 7.25 -10.91
N SER A 102 18.07 7.78 -12.09
CA SER A 102 18.64 9.05 -12.54
C SER A 102 18.58 10.10 -11.43
N GLY A 103 17.42 10.22 -10.79
CA GLY A 103 17.25 11.18 -9.72
C GLY A 103 17.74 10.65 -8.39
N GLY A 1 4.86 -23.61 6.33
CA GLY A 1 5.50 -22.36 6.01
C GLY A 1 6.44 -22.46 4.82
N SER A 2 6.36 -21.50 3.91
CA SER A 2 7.20 -21.50 2.72
C SER A 2 7.32 -20.09 2.14
N SER A 3 8.52 -19.53 2.19
CA SER A 3 8.76 -18.19 1.67
C SER A 3 8.98 -18.22 0.16
N GLY A 4 8.36 -17.27 -0.54
CA GLY A 4 8.50 -17.21 -1.98
C GLY A 4 8.20 -15.83 -2.54
N SER A 5 6.95 -15.40 -2.43
CA SER A 5 6.53 -14.09 -2.92
C SER A 5 7.14 -12.97 -2.08
N SER A 6 8.24 -12.40 -2.56
CA SER A 6 8.91 -11.32 -1.84
C SER A 6 7.91 -10.26 -1.40
N GLY A 7 8.12 -9.71 -0.21
CA GLY A 7 7.23 -8.69 0.32
C GLY A 7 7.30 -8.57 1.82
N THR A 8 6.84 -7.45 2.35
CA THR A 8 6.84 -7.22 3.79
C THR A 8 5.51 -6.65 4.27
N LEU A 9 4.90 -7.32 5.23
CA LEU A 9 3.61 -6.88 5.78
C LEU A 9 3.81 -5.72 6.74
N VAL A 10 3.19 -4.58 6.43
CA VAL A 10 3.30 -3.40 7.27
C VAL A 10 1.96 -3.10 7.95
N ARG A 11 1.91 -3.28 9.26
CA ARG A 11 0.70 -3.02 10.03
C ARG A 11 0.58 -1.55 10.38
N VAL A 12 -0.32 -0.85 9.71
CA VAL A 12 -0.54 0.57 9.94
C VAL A 12 -1.78 0.80 10.80
N LYS A 13 -1.57 1.26 12.03
CA LYS A 13 -2.67 1.53 12.95
C LYS A 13 -3.41 2.81 12.55
N LYS A 14 -4.72 2.82 12.76
CA LYS A 14 -5.54 3.97 12.44
C LYS A 14 -5.41 5.06 13.50
N SER A 15 -4.16 5.39 13.85
CA SER A 15 -3.91 6.40 14.86
C SER A 15 -4.51 7.75 14.44
N ALA A 16 -4.29 8.12 13.19
CA ALA A 16 -4.81 9.37 12.66
C ALA A 16 -6.33 9.32 12.53
N ALA A 17 -6.92 10.46 12.17
CA ALA A 17 -8.36 10.55 12.00
C ALA A 17 -8.78 10.09 10.61
N THR A 18 -7.86 10.16 9.66
CA THR A 18 -8.13 9.75 8.29
C THR A 18 -6.85 9.33 7.57
N LEU A 19 -6.90 8.17 6.94
CA LEU A 19 -5.75 7.65 6.21
C LEU A 19 -5.59 8.35 4.86
N GLY A 20 -4.55 9.17 4.74
CA GLY A 20 -4.30 9.89 3.51
C GLY A 20 -3.11 9.35 2.76
N ILE A 21 -3.36 8.73 1.62
CA ILE A 21 -2.30 8.16 0.80
C ILE A 21 -2.66 8.19 -0.68
N ALA A 22 -1.64 8.20 -1.54
CA ALA A 22 -1.86 8.21 -2.98
C ALA A 22 -1.04 7.14 -3.67
N ILE A 23 -1.54 6.64 -4.80
CA ILE A 23 -0.86 5.60 -5.56
C ILE A 23 -1.08 5.78 -7.06
N GLU A 24 -0.42 4.94 -7.84
CA GLU A 24 -0.55 5.00 -9.30
C GLU A 24 -0.20 3.65 -9.93
N GLY A 25 -0.99 3.25 -10.92
CA GLY A 25 -0.76 1.99 -11.59
C GLY A 25 -2.03 1.20 -11.80
N GLY A 26 -1.89 -0.11 -11.98
CA GLY A 26 -3.05 -0.96 -12.19
C GLY A 26 -2.76 -2.11 -13.15
N ALA A 27 -3.38 -3.25 -12.89
CA ALA A 27 -3.19 -4.43 -13.72
C ALA A 27 -3.20 -4.06 -15.21
N ASN A 28 -3.84 -2.93 -15.53
CA ASN A 28 -3.92 -2.46 -16.90
C ASN A 28 -2.57 -1.94 -17.38
N THR A 29 -2.10 -0.86 -16.75
CA THR A 29 -0.83 -0.25 -17.10
C THR A 29 0.33 -1.23 -16.88
N ARG A 30 1.52 -0.84 -17.31
CA ARG A 30 2.70 -1.68 -17.15
C ARG A 30 2.85 -2.14 -15.71
N GLN A 31 2.44 -1.30 -14.77
CA GLN A 31 2.52 -1.63 -13.35
C GLN A 31 1.31 -2.42 -12.91
N PRO A 32 1.53 -3.67 -12.48
CA PRO A 32 0.46 -4.56 -12.01
C PRO A 32 -0.13 -4.12 -10.68
N LEU A 33 0.74 -3.80 -9.73
CA LEU A 33 0.31 -3.36 -8.42
C LEU A 33 0.48 -1.85 -8.26
N PRO A 34 -0.32 -1.24 -7.37
CA PRO A 34 -0.27 0.20 -7.10
C PRO A 34 1.01 0.62 -6.39
N ARG A 35 1.56 1.76 -6.80
CA ARG A 35 2.78 2.27 -6.19
C ARG A 35 2.53 3.61 -5.50
N ILE A 36 2.93 3.71 -4.25
CA ILE A 36 2.75 4.94 -3.49
C ILE A 36 3.56 6.08 -4.09
N VAL A 37 2.86 7.07 -4.64
CA VAL A 37 3.50 8.23 -5.24
C VAL A 37 3.53 9.41 -4.29
N THR A 38 2.52 9.50 -3.42
CA THR A 38 2.44 10.58 -2.45
C THR A 38 1.77 10.10 -1.16
N ILE A 39 2.34 10.50 -0.03
CA ILE A 39 1.80 10.12 1.27
C ILE A 39 1.40 11.35 2.08
N GLN A 40 0.10 11.61 2.16
CA GLN A 40 -0.41 12.75 2.92
C GLN A 40 0.15 12.77 4.34
N ARG A 41 0.67 13.92 4.75
CA ARG A 41 1.23 14.06 6.09
C ARG A 41 0.15 13.88 7.16
N GLY A 42 -1.02 14.43 6.89
CA GLY A 42 -2.11 14.32 7.85
C GLY A 42 -2.82 12.98 7.76
N GLY A 43 -2.06 11.90 7.91
CA GLY A 43 -2.64 10.56 7.84
C GLY A 43 -1.92 9.58 8.74
N SER A 44 -2.33 8.32 8.67
CA SER A 44 -1.72 7.28 9.49
C SER A 44 -0.43 6.76 8.85
N ALA A 45 -0.47 6.53 7.55
CA ALA A 45 0.70 6.04 6.82
C ALA A 45 1.92 6.90 7.11
N HIS A 46 1.70 8.20 7.26
CA HIS A 46 2.79 9.14 7.55
C HIS A 46 3.20 9.06 9.01
N ASN A 47 2.23 9.11 9.90
CA ASN A 47 2.49 9.05 11.34
C ASN A 47 3.41 7.88 11.67
N CYS A 48 2.94 6.67 11.39
CA CYS A 48 3.72 5.47 11.66
C CYS A 48 5.16 5.65 11.21
N GLY A 49 5.35 6.16 10.00
CA GLY A 49 6.68 6.36 9.47
C GLY A 49 7.26 5.10 8.85
N GLN A 50 6.81 3.95 9.33
CA GLN A 50 7.30 2.67 8.83
C GLN A 50 7.30 2.66 7.30
N LEU A 51 6.27 3.24 6.71
CA LEU A 51 6.16 3.29 5.25
C LEU A 51 6.88 4.51 4.69
N LYS A 52 7.01 4.56 3.37
CA LYS A 52 7.67 5.68 2.71
C LYS A 52 7.07 5.93 1.33
N VAL A 53 7.36 7.11 0.77
CA VAL A 53 6.85 7.47 -0.54
C VAL A 53 7.62 6.76 -1.65
N GLY A 54 6.98 5.79 -2.29
CA GLY A 54 7.63 5.06 -3.37
C GLY A 54 7.45 3.56 -3.23
N HIS A 55 6.66 3.14 -2.24
CA HIS A 55 6.41 1.73 -2.01
C HIS A 55 5.39 1.18 -3.00
N VAL A 56 5.12 -0.11 -2.92
CA VAL A 56 4.16 -0.75 -3.82
C VAL A 56 3.28 -1.73 -3.05
N ILE A 57 2.00 -1.36 -2.90
CA ILE A 57 1.04 -2.21 -2.19
C ILE A 57 0.63 -3.40 -3.04
N LEU A 58 1.02 -4.59 -2.61
CA LEU A 58 0.69 -5.81 -3.32
C LEU A 58 -0.51 -6.52 -2.68
N GLU A 59 -0.70 -6.28 -1.38
CA GLU A 59 -1.81 -6.89 -0.66
C GLU A 59 -2.31 -5.96 0.44
N VAL A 60 -3.62 -5.98 0.66
CA VAL A 60 -4.24 -5.14 1.68
C VAL A 60 -5.29 -5.91 2.47
N ASN A 61 -5.00 -6.20 3.73
CA ASN A 61 -5.92 -6.93 4.58
C ASN A 61 -6.19 -8.33 4.03
N GLY A 62 -5.20 -8.89 3.35
CA GLY A 62 -5.34 -10.22 2.79
C GLY A 62 -5.65 -10.18 1.31
N LEU A 63 -6.42 -9.18 0.88
CA LEU A 63 -6.79 -9.03 -0.52
C LEU A 63 -5.60 -8.55 -1.36
N THR A 64 -5.17 -9.38 -2.29
CA THR A 64 -4.04 -9.04 -3.15
C THR A 64 -4.49 -8.16 -4.30
N LEU A 65 -3.67 -7.18 -4.65
CA LEU A 65 -3.97 -6.25 -5.74
C LEU A 65 -3.31 -6.70 -7.03
N ARG A 66 -2.84 -7.95 -7.04
CA ARG A 66 -2.18 -8.50 -8.23
C ARG A 66 -3.04 -8.31 -9.47
N GLY A 67 -4.36 -8.50 -9.31
CA GLY A 67 -5.27 -8.35 -10.43
C GLY A 67 -6.28 -7.24 -10.20
N LYS A 68 -5.86 -6.18 -9.51
CA LYS A 68 -6.73 -5.06 -9.23
C LYS A 68 -6.17 -3.77 -9.83
N GLU A 69 -7.08 -2.88 -10.24
CA GLU A 69 -6.67 -1.60 -10.83
C GLU A 69 -6.50 -0.53 -9.77
N HIS A 70 -5.55 0.37 -9.98
CA HIS A 70 -5.28 1.45 -9.03
C HIS A 70 -6.59 1.93 -8.38
N ARG A 71 -7.62 2.11 -9.20
CA ARG A 71 -8.92 2.56 -8.71
C ARG A 71 -9.52 1.55 -7.75
N GLU A 72 -9.56 0.29 -8.17
CA GLU A 72 -10.12 -0.77 -7.35
C GLU A 72 -9.40 -0.85 -6.01
N ALA A 73 -8.10 -0.58 -6.01
CA ALA A 73 -7.30 -0.63 -4.80
C ALA A 73 -7.70 0.49 -3.84
N ALA A 74 -7.76 1.71 -4.36
CA ALA A 74 -8.14 2.87 -3.54
C ALA A 74 -9.36 2.56 -2.69
N ARG A 75 -10.27 1.77 -3.23
CA ARG A 75 -11.49 1.40 -2.51
C ARG A 75 -11.20 0.34 -1.45
N ILE A 76 -10.44 -0.68 -1.83
CA ILE A 76 -10.09 -1.75 -0.91
C ILE A 76 -9.43 -1.20 0.36
N ILE A 77 -8.45 -0.32 0.17
CA ILE A 77 -7.74 0.29 1.30
C ILE A 77 -8.70 1.06 2.19
N ALA A 78 -9.48 1.95 1.59
CA ALA A 78 -10.45 2.75 2.34
C ALA A 78 -11.37 1.87 3.16
N GLU A 79 -11.83 0.77 2.56
CA GLU A 79 -12.72 -0.16 3.25
C GLU A 79 -12.07 -0.72 4.51
N ALA A 80 -10.74 -0.83 4.48
CA ALA A 80 -9.99 -1.34 5.62
C ALA A 80 -9.96 -0.33 6.77
N PHE A 81 -10.28 0.92 6.45
CA PHE A 81 -10.30 1.98 7.45
C PHE A 81 -11.70 2.18 8.02
N LYS A 82 -12.70 2.07 7.15
CA LYS A 82 -14.10 2.22 7.55
C LYS A 82 -14.49 1.15 8.56
N THR A 83 -14.49 -0.10 8.12
CA THR A 83 -14.85 -1.22 8.98
C THR A 83 -14.36 -1.00 10.40
N LYS A 84 -15.15 -1.43 11.37
CA LYS A 84 -14.80 -1.29 12.78
C LYS A 84 -14.05 -2.52 13.29
N ASP A 85 -14.36 -3.67 12.71
CA ASP A 85 -13.73 -4.92 13.10
C ASP A 85 -12.22 -4.73 13.27
N ARG A 86 -11.54 -4.37 12.18
CA ARG A 86 -10.10 -4.16 12.21
C ARG A 86 -9.77 -2.71 12.53
N ASP A 87 -8.90 -2.50 13.51
CA ASP A 87 -8.50 -1.15 13.90
C ASP A 87 -7.19 -0.76 13.24
N TYR A 88 -6.89 -1.38 12.11
CA TYR A 88 -5.65 -1.10 11.38
C TYR A 88 -5.74 -1.60 9.94
N ILE A 89 -4.73 -1.28 9.15
CA ILE A 89 -4.69 -1.69 7.75
C ILE A 89 -3.35 -2.32 7.39
N ASP A 90 -3.39 -3.55 6.91
CA ASP A 90 -2.17 -4.27 6.54
C ASP A 90 -1.72 -3.86 5.14
N PHE A 91 -0.52 -3.30 5.05
CA PHE A 91 0.03 -2.85 3.77
C PHE A 91 1.26 -3.68 3.40
N LEU A 92 1.10 -4.55 2.41
CA LEU A 92 2.20 -5.40 1.95
C LEU A 92 3.00 -4.71 0.85
N VAL A 93 4.21 -4.27 1.19
CA VAL A 93 5.07 -3.60 0.23
C VAL A 93 6.34 -4.41 -0.03
N THR A 94 7.01 -4.11 -1.14
CA THR A 94 8.24 -4.81 -1.50
C THR A 94 9.42 -3.85 -1.56
N GLU A 95 9.12 -2.56 -1.68
CA GLU A 95 10.17 -1.54 -1.75
C GLU A 95 11.15 -1.84 -2.87
N PHE A 96 10.61 -2.02 -4.09
CA PHE A 96 11.44 -2.32 -5.25
C PHE A 96 12.72 -1.48 -5.23
N ASN A 97 13.80 -2.06 -5.75
CA ASN A 97 15.09 -1.38 -5.79
C ASN A 97 15.09 -0.28 -6.85
N SER A 98 14.56 0.89 -6.49
CA SER A 98 14.50 2.01 -7.40
C SER A 98 15.82 2.20 -8.14
N GLY A 99 15.81 3.02 -9.18
CA GLY A 99 17.01 3.26 -9.94
C GLY A 99 16.71 3.76 -11.35
N PRO A 100 16.40 2.83 -12.26
CA PRO A 100 16.08 3.16 -13.66
C PRO A 100 14.75 3.89 -13.79
N SER A 101 13.84 3.64 -12.86
CA SER A 101 12.53 4.27 -12.88
C SER A 101 12.63 5.76 -12.52
N SER A 102 11.85 6.58 -13.21
CA SER A 102 11.86 8.02 -12.97
C SER A 102 10.43 8.57 -12.94
N GLY A 103 10.19 9.52 -12.04
CA GLY A 103 8.87 10.12 -11.94
C GLY A 103 7.81 9.12 -11.53
N GLY A 1 16.96 -23.82 5.84
CA GLY A 1 16.32 -22.53 5.97
C GLY A 1 15.53 -22.14 4.74
N SER A 2 14.45 -21.39 4.93
CA SER A 2 13.61 -20.97 3.83
C SER A 2 13.33 -19.46 3.91
N SER A 3 13.61 -18.75 2.82
CA SER A 3 13.38 -17.31 2.77
C SER A 3 11.90 -16.99 2.86
N GLY A 4 11.11 -17.61 1.98
CA GLY A 4 9.68 -17.37 1.97
C GLY A 4 9.21 -16.64 0.72
N SER A 5 8.23 -15.77 0.88
CA SER A 5 7.69 -15.01 -0.25
C SER A 5 8.12 -13.56 -0.17
N SER A 6 8.63 -13.03 -1.29
CA SER A 6 9.08 -11.65 -1.35
C SER A 6 7.95 -10.69 -1.00
N GLY A 7 8.10 -9.99 0.12
CA GLY A 7 7.08 -9.05 0.55
C GLY A 7 7.31 -8.57 1.97
N THR A 8 6.81 -7.37 2.27
CA THR A 8 6.95 -6.80 3.60
C THR A 8 5.61 -6.35 4.17
N LEU A 9 5.17 -7.02 5.24
CA LEU A 9 3.90 -6.69 5.86
C LEU A 9 4.03 -5.45 6.74
N VAL A 10 3.22 -4.43 6.44
CA VAL A 10 3.24 -3.19 7.20
C VAL A 10 1.89 -2.91 7.84
N ARG A 11 1.79 -3.11 9.14
CA ARG A 11 0.56 -2.88 9.87
C ARG A 11 0.42 -1.40 10.27
N VAL A 12 -0.40 -0.67 9.52
CA VAL A 12 -0.61 0.74 9.80
C VAL A 12 -1.84 0.95 10.69
N LYS A 13 -1.61 1.18 11.97
CA LYS A 13 -2.68 1.40 12.92
C LYS A 13 -3.44 2.68 12.61
N LYS A 14 -4.74 2.68 12.85
CA LYS A 14 -5.58 3.84 12.60
C LYS A 14 -5.36 4.91 13.66
N SER A 15 -4.14 5.43 13.73
CA SER A 15 -3.80 6.46 14.71
C SER A 15 -4.26 7.83 14.23
N ALA A 16 -3.93 8.16 12.99
CA ALA A 16 -4.32 9.44 12.41
C ALA A 16 -5.83 9.60 12.37
N ALA A 17 -6.28 10.82 12.09
CA ALA A 17 -7.71 11.11 12.04
C ALA A 17 -8.34 10.51 10.78
N THR A 18 -7.54 10.39 9.73
CA THR A 18 -8.02 9.83 8.47
C THR A 18 -6.86 9.28 7.63
N LEU A 19 -7.16 8.31 6.78
CA LEU A 19 -6.16 7.70 5.93
C LEU A 19 -5.76 8.65 4.79
N GLY A 20 -4.45 8.87 4.64
CA GLY A 20 -3.97 9.75 3.60
C GLY A 20 -2.83 9.13 2.81
N ILE A 21 -3.15 8.57 1.64
CA ILE A 21 -2.13 7.95 0.80
C ILE A 21 -2.52 8.04 -0.68
N ALA A 22 -1.51 8.17 -1.54
CA ALA A 22 -1.75 8.26 -2.97
C ALA A 22 -0.97 7.19 -3.72
N ILE A 23 -1.55 6.70 -4.82
CA ILE A 23 -0.91 5.67 -5.63
C ILE A 23 -1.20 5.87 -7.11
N GLU A 24 -0.60 5.03 -7.94
CA GLU A 24 -0.79 5.12 -9.39
C GLU A 24 -0.42 3.81 -10.07
N GLY A 25 -1.17 3.47 -11.12
CA GLY A 25 -0.91 2.24 -11.85
C GLY A 25 -2.16 1.41 -12.05
N GLY A 26 -2.00 0.09 -12.03
CA GLY A 26 -3.13 -0.79 -12.22
C GLY A 26 -2.82 -1.95 -13.15
N ALA A 27 -3.52 -3.06 -12.97
CA ALA A 27 -3.32 -4.23 -13.81
C ALA A 27 -3.27 -3.86 -15.28
N ASN A 28 -4.22 -3.04 -15.72
CA ASN A 28 -4.28 -2.61 -17.10
C ASN A 28 -2.97 -1.94 -17.51
N THR A 29 -2.47 -1.04 -16.66
CA THR A 29 -1.24 -0.33 -16.94
C THR A 29 -0.02 -1.22 -16.70
N ARG A 30 1.08 -0.90 -17.36
CA ARG A 30 2.31 -1.67 -17.23
C ARG A 30 2.48 -2.16 -15.79
N GLN A 31 2.37 -1.25 -14.84
CA GLN A 31 2.53 -1.59 -13.43
C GLN A 31 1.33 -2.38 -12.94
N PRO A 32 1.57 -3.64 -12.53
CA PRO A 32 0.51 -4.53 -12.03
C PRO A 32 -0.01 -4.09 -10.67
N LEU A 33 0.89 -3.82 -9.74
CA LEU A 33 0.50 -3.39 -8.40
C LEU A 33 0.67 -1.88 -8.25
N PRO A 34 -0.17 -1.28 -7.38
CA PRO A 34 -0.14 0.15 -7.11
C PRO A 34 1.11 0.60 -6.37
N ARG A 35 1.70 1.70 -6.82
CA ARG A 35 2.91 2.22 -6.18
C ARG A 35 2.65 3.57 -5.52
N ILE A 36 3.06 3.69 -4.26
CA ILE A 36 2.86 4.93 -3.52
C ILE A 36 3.66 6.07 -4.12
N VAL A 37 2.97 7.11 -4.59
CA VAL A 37 3.61 8.27 -5.19
C VAL A 37 3.66 9.43 -4.21
N THR A 38 2.64 9.54 -3.37
CA THR A 38 2.58 10.61 -2.39
C THR A 38 1.99 10.12 -1.07
N ILE A 39 2.60 10.51 0.04
CA ILE A 39 2.13 10.11 1.36
C ILE A 39 1.75 11.32 2.20
N GLN A 40 0.45 11.58 2.28
CA GLN A 40 -0.04 12.72 3.07
C GLN A 40 0.59 12.75 4.44
N ARG A 41 0.83 13.96 4.96
CA ARG A 41 1.43 14.12 6.27
C ARG A 41 0.48 13.70 7.37
N GLY A 42 -0.75 14.21 7.32
CA GLY A 42 -1.75 13.86 8.32
C GLY A 42 -2.41 12.53 8.04
N GLY A 43 -1.61 11.52 7.76
CA GLY A 43 -2.15 10.20 7.48
C GLY A 43 -1.57 9.14 8.39
N SER A 44 -2.38 8.12 8.69
CA SER A 44 -1.94 7.03 9.56
C SER A 44 -0.63 6.43 9.09
N ALA A 45 -0.36 6.57 7.79
CA ALA A 45 0.87 6.05 7.20
C ALA A 45 2.08 6.85 7.67
N HIS A 46 2.07 8.15 7.40
CA HIS A 46 3.16 9.03 7.79
C HIS A 46 3.55 8.79 9.26
N ASN A 47 2.61 9.08 10.17
CA ASN A 47 2.86 8.90 11.59
C ASN A 47 3.71 7.67 11.85
N CYS A 48 3.30 6.55 11.26
CA CYS A 48 4.03 5.29 11.43
C CYS A 48 5.48 5.44 10.97
N GLY A 49 5.65 5.95 9.75
CA GLY A 49 6.99 6.13 9.22
C GLY A 49 7.55 4.86 8.60
N GLN A 50 7.12 3.72 9.12
CA GLN A 50 7.58 2.43 8.63
C GLN A 50 7.53 2.38 7.10
N LEU A 51 6.60 3.14 6.53
CA LEU A 51 6.44 3.19 5.07
C LEU A 51 7.22 4.35 4.48
N LYS A 52 7.35 4.37 3.16
CA LYS A 52 8.05 5.44 2.47
C LYS A 52 7.45 5.69 1.09
N VAL A 53 7.75 6.85 0.52
CA VAL A 53 7.23 7.22 -0.79
C VAL A 53 7.96 6.45 -1.90
N GLY A 54 7.26 5.51 -2.51
CA GLY A 54 7.86 4.71 -3.58
C GLY A 54 7.58 3.24 -3.43
N HIS A 55 6.90 2.86 -2.33
CA HIS A 55 6.57 1.47 -2.07
C HIS A 55 5.48 0.99 -3.03
N VAL A 56 5.24 -0.31 -3.03
CA VAL A 56 4.22 -0.90 -3.89
C VAL A 56 3.31 -1.84 -3.11
N ILE A 57 2.06 -1.42 -2.93
CA ILE A 57 1.09 -2.23 -2.20
C ILE A 57 0.63 -3.43 -3.03
N LEU A 58 1.05 -4.62 -2.60
CA LEU A 58 0.68 -5.85 -3.30
C LEU A 58 -0.52 -6.51 -2.65
N GLU A 59 -0.68 -6.28 -1.34
CA GLU A 59 -1.79 -6.86 -0.59
C GLU A 59 -2.29 -5.89 0.47
N VAL A 60 -3.61 -5.83 0.64
CA VAL A 60 -4.21 -4.95 1.62
C VAL A 60 -5.27 -5.68 2.44
N ASN A 61 -5.11 -5.65 3.76
CA ASN A 61 -6.06 -6.31 4.66
C ASN A 61 -6.31 -7.75 4.22
N GLY A 62 -5.29 -8.36 3.61
CA GLY A 62 -5.43 -9.74 3.16
C GLY A 62 -5.74 -9.82 1.68
N LEU A 63 -6.46 -8.83 1.17
CA LEU A 63 -6.82 -8.80 -0.24
C LEU A 63 -5.59 -8.65 -1.12
N THR A 64 -5.68 -9.16 -2.35
CA THR A 64 -4.56 -9.08 -3.29
C THR A 64 -4.80 -7.99 -4.32
N LEU A 65 -3.72 -7.35 -4.76
CA LEU A 65 -3.81 -6.29 -5.76
C LEU A 65 -3.10 -6.69 -7.05
N ARG A 66 -2.63 -7.93 -7.10
CA ARG A 66 -1.94 -8.44 -8.27
C ARG A 66 -2.76 -8.22 -9.54
N GLY A 67 -4.07 -8.38 -9.42
CA GLY A 67 -4.96 -8.20 -10.56
C GLY A 67 -6.00 -7.13 -10.31
N LYS A 68 -5.60 -6.07 -9.61
CA LYS A 68 -6.51 -4.96 -9.31
C LYS A 68 -5.99 -3.65 -9.86
N GLU A 69 -6.89 -2.80 -10.32
CA GLU A 69 -6.51 -1.50 -10.88
C GLU A 69 -6.40 -0.45 -9.78
N HIS A 70 -5.45 0.47 -9.95
CA HIS A 70 -5.24 1.52 -8.97
C HIS A 70 -6.55 1.95 -8.33
N ARG A 71 -7.58 2.10 -9.15
CA ARG A 71 -8.89 2.51 -8.67
C ARG A 71 -9.49 1.45 -7.75
N GLU A 72 -9.43 0.20 -8.18
CA GLU A 72 -9.97 -0.91 -7.39
C GLU A 72 -9.30 -0.97 -6.03
N ALA A 73 -7.98 -0.81 -6.01
CA ALA A 73 -7.23 -0.85 -4.76
C ALA A 73 -7.68 0.25 -3.82
N ALA A 74 -7.76 1.48 -4.31
CA ALA A 74 -8.19 2.61 -3.52
C ALA A 74 -9.42 2.27 -2.69
N ARG A 75 -10.32 1.49 -3.27
CA ARG A 75 -11.55 1.10 -2.59
C ARG A 75 -11.26 0.05 -1.52
N ILE A 76 -10.46 -0.95 -1.88
CA ILE A 76 -10.10 -2.02 -0.95
C ILE A 76 -9.51 -1.45 0.34
N ILE A 77 -8.56 -0.55 0.20
CA ILE A 77 -7.91 0.07 1.35
C ILE A 77 -8.91 0.86 2.18
N ALA A 78 -9.62 1.78 1.53
CA ALA A 78 -10.62 2.60 2.20
C ALA A 78 -11.56 1.74 3.04
N GLU A 79 -12.07 0.67 2.43
CA GLU A 79 -12.99 -0.24 3.12
C GLU A 79 -12.36 -0.79 4.39
N ALA A 80 -11.04 -0.91 4.39
CA ALA A 80 -10.31 -1.41 5.55
C ALA A 80 -10.31 -0.38 6.68
N PHE A 81 -10.47 0.89 6.33
CA PHE A 81 -10.48 1.96 7.31
C PHE A 81 -11.86 2.14 7.91
N LYS A 82 -12.88 2.17 7.04
CA LYS A 82 -14.26 2.34 7.47
C LYS A 82 -14.62 1.32 8.54
N THR A 83 -14.40 0.05 8.25
CA THR A 83 -14.70 -1.03 9.18
C THR A 83 -14.26 -0.66 10.60
N LYS A 84 -15.06 -1.05 11.57
CA LYS A 84 -14.76 -0.77 12.98
C LYS A 84 -14.17 -1.99 13.66
N ASP A 85 -14.29 -3.15 13.02
CA ASP A 85 -13.77 -4.39 13.57
C ASP A 85 -12.26 -4.27 13.84
N ARG A 86 -11.51 -3.93 12.80
CA ARG A 86 -10.06 -3.80 12.92
C ARG A 86 -9.68 -2.34 13.24
N ASP A 87 -8.49 -2.16 13.80
CA ASP A 87 -8.01 -0.83 14.14
C ASP A 87 -6.73 -0.50 13.38
N TYR A 88 -6.54 -1.16 12.25
CA TYR A 88 -5.35 -0.94 11.43
C TYR A 88 -5.56 -1.47 10.02
N ILE A 89 -4.66 -1.09 9.11
CA ILE A 89 -4.76 -1.52 7.72
C ILE A 89 -3.45 -2.17 7.27
N ASP A 90 -3.52 -3.46 6.93
CA ASP A 90 -2.34 -4.19 6.49
C ASP A 90 -1.88 -3.69 5.12
N PHE A 91 -0.59 -3.34 5.04
CA PHE A 91 -0.02 -2.83 3.79
C PHE A 91 1.24 -3.61 3.42
N LEU A 92 1.11 -4.52 2.47
CA LEU A 92 2.24 -5.32 2.01
C LEU A 92 3.00 -4.63 0.90
N VAL A 93 4.23 -4.22 1.19
CA VAL A 93 5.07 -3.54 0.22
C VAL A 93 6.35 -4.32 -0.06
N THR A 94 7.02 -4.00 -1.16
CA THR A 94 8.25 -4.67 -1.54
C THR A 94 9.16 -3.75 -2.34
N GLU A 95 10.24 -3.28 -1.70
CA GLU A 95 11.18 -2.39 -2.37
C GLU A 95 11.82 -3.07 -3.58
N PHE A 96 11.12 -3.03 -4.70
CA PHE A 96 11.60 -3.63 -5.93
C PHE A 96 12.98 -3.07 -6.31
N ASN A 97 13.86 -3.94 -6.79
CA ASN A 97 15.20 -3.53 -7.18
C ASN A 97 15.14 -2.31 -8.11
N SER A 98 14.41 -2.46 -9.21
CA SER A 98 14.26 -1.38 -10.18
C SER A 98 13.69 -0.12 -9.52
N GLY A 99 14.13 1.04 -9.98
CA GLY A 99 13.63 2.29 -9.43
C GLY A 99 14.76 3.24 -9.07
N PRO A 100 15.40 3.00 -7.93
CA PRO A 100 16.51 3.83 -7.44
C PRO A 100 17.76 3.68 -8.29
N SER A 101 18.16 2.43 -8.54
CA SER A 101 19.35 2.15 -9.33
C SER A 101 19.39 3.05 -10.57
N SER A 102 20.53 3.70 -10.78
CA SER A 102 20.71 4.59 -11.92
C SER A 102 21.03 3.79 -13.18
N GLY A 103 20.26 4.04 -14.23
CA GLY A 103 20.47 3.33 -15.48
C GLY A 103 19.19 2.82 -16.08
N GLY A 1 7.80 -27.27 -0.17
CA GLY A 1 7.14 -26.09 0.32
C GLY A 1 7.20 -24.93 -0.66
N SER A 2 7.95 -23.89 -0.30
CA SER A 2 8.08 -22.72 -1.15
C SER A 2 9.36 -21.96 -0.84
N SER A 3 10.00 -21.43 -1.87
CA SER A 3 11.25 -20.69 -1.71
C SER A 3 11.28 -19.49 -2.66
N GLY A 4 11.76 -18.36 -2.15
CA GLY A 4 11.84 -17.15 -2.96
C GLY A 4 10.67 -16.22 -2.74
N SER A 5 10.34 -15.99 -1.47
CA SER A 5 9.22 -15.11 -1.12
C SER A 5 9.70 -13.67 -0.96
N SER A 6 8.78 -12.73 -1.16
CA SER A 6 9.11 -11.32 -1.03
C SER A 6 7.87 -10.50 -0.61
N GLY A 7 8.06 -9.62 0.36
CA GLY A 7 6.97 -8.80 0.84
C GLY A 7 7.12 -8.42 2.30
N THR A 8 7.05 -7.12 2.58
CA THR A 8 7.19 -6.63 3.95
C THR A 8 5.84 -6.15 4.50
N LEU A 9 5.23 -6.96 5.36
CA LEU A 9 3.95 -6.62 5.96
C LEU A 9 4.08 -5.42 6.89
N VAL A 10 3.43 -4.33 6.55
CA VAL A 10 3.47 -3.12 7.35
C VAL A 10 2.13 -2.85 8.01
N ARG A 11 2.05 -3.11 9.32
CA ARG A 11 0.82 -2.89 10.06
C ARG A 11 0.64 -1.41 10.40
N VAL A 12 -0.27 -0.76 9.68
CA VAL A 12 -0.54 0.65 9.91
C VAL A 12 -1.79 0.84 10.76
N LYS A 13 -1.58 1.20 12.03
CA LYS A 13 -2.69 1.42 12.96
C LYS A 13 -3.36 2.76 12.69
N LYS A 14 -4.68 2.77 12.78
CA LYS A 14 -5.45 3.99 12.56
C LYS A 14 -5.19 5.02 13.65
N SER A 15 -4.13 5.81 13.47
CA SER A 15 -3.76 6.84 14.44
C SER A 15 -4.32 8.20 14.03
N ALA A 16 -4.07 8.58 12.79
CA ALA A 16 -4.55 9.86 12.28
C ALA A 16 -6.08 9.87 12.16
N ALA A 17 -6.63 11.06 11.93
CA ALA A 17 -8.08 11.20 11.80
C ALA A 17 -8.63 10.33 10.68
N THR A 18 -7.86 10.22 9.60
CA THR A 18 -8.26 9.40 8.45
C THR A 18 -7.07 9.09 7.55
N LEU A 19 -7.04 7.86 7.05
CA LEU A 19 -5.95 7.42 6.18
C LEU A 19 -5.78 8.37 5.00
N GLY A 20 -4.57 8.44 4.46
CA GLY A 20 -4.30 9.31 3.34
C GLY A 20 -3.06 8.89 2.56
N ILE A 21 -3.26 8.02 1.58
CA ILE A 21 -2.16 7.53 0.76
C ILE A 21 -2.53 7.53 -0.72
N ALA A 22 -1.61 7.99 -1.56
CA ALA A 22 -1.84 8.04 -3.00
C ALA A 22 -1.02 6.96 -3.72
N ILE A 23 -1.55 6.50 -4.85
CA ILE A 23 -0.87 5.47 -5.64
C ILE A 23 -1.11 5.67 -7.13
N GLU A 24 -0.49 4.83 -7.95
CA GLU A 24 -0.64 4.92 -9.39
C GLU A 24 -0.45 3.55 -10.04
N GLY A 25 -0.51 3.51 -11.36
CA GLY A 25 -0.35 2.27 -12.09
C GLY A 25 -1.63 1.45 -12.13
N GLY A 26 -1.49 0.13 -12.04
CA GLY A 26 -2.65 -0.74 -12.07
C GLY A 26 -2.59 -1.74 -13.21
N ALA A 27 -3.25 -2.88 -13.02
CA ALA A 27 -3.28 -3.93 -14.03
C ALA A 27 -3.27 -3.33 -15.44
N ASN A 28 -4.16 -2.36 -15.66
CA ASN A 28 -4.25 -1.70 -16.96
C ASN A 28 -2.88 -1.40 -17.53
N THR A 29 -2.07 -0.67 -16.77
CA THR A 29 -0.73 -0.32 -17.21
C THR A 29 0.26 -1.44 -16.91
N ARG A 30 1.47 -1.31 -17.43
CA ARG A 30 2.51 -2.33 -17.23
C ARG A 30 2.59 -2.72 -15.76
N GLN A 31 2.37 -1.75 -14.88
CA GLN A 31 2.42 -2.00 -13.44
C GLN A 31 1.15 -2.69 -12.96
N PRO A 32 1.27 -3.95 -12.52
CA PRO A 32 0.14 -4.74 -12.03
C PRO A 32 -0.38 -4.23 -10.69
N LEU A 33 0.53 -4.05 -9.74
CA LEU A 33 0.17 -3.57 -8.41
C LEU A 33 0.37 -2.06 -8.30
N PRO A 34 -0.41 -1.42 -7.43
CA PRO A 34 -0.33 0.03 -7.21
C PRO A 34 0.96 0.44 -6.51
N ARG A 35 1.50 1.59 -6.90
CA ARG A 35 2.73 2.09 -6.30
C ARG A 35 2.50 3.44 -5.62
N ILE A 36 2.94 3.55 -4.37
CA ILE A 36 2.78 4.78 -3.60
C ILE A 36 3.54 5.93 -4.26
N VAL A 37 2.82 7.02 -4.53
CA VAL A 37 3.43 8.19 -5.15
C VAL A 37 3.44 9.38 -4.19
N THR A 38 2.42 9.44 -3.33
CA THR A 38 2.32 10.52 -2.36
C THR A 38 1.73 10.03 -1.05
N ILE A 39 2.31 10.47 0.07
CA ILE A 39 1.85 10.07 1.39
C ILE A 39 1.36 11.27 2.19
N GLN A 40 0.06 11.49 2.19
CA GLN A 40 -0.53 12.61 2.92
C GLN A 40 -0.17 12.55 4.39
N ARG A 41 0.49 13.60 4.88
CA ARG A 41 0.90 13.65 6.29
C ARG A 41 -0.30 13.44 7.21
N GLY A 42 -1.46 13.93 6.80
CA GLY A 42 -2.66 13.78 7.60
C GLY A 42 -3.25 12.39 7.49
N GLY A 43 -2.42 11.37 7.64
CA GLY A 43 -2.88 10.00 7.54
C GLY A 43 -2.11 9.06 8.44
N SER A 44 -2.70 7.90 8.74
CA SER A 44 -2.06 6.92 9.60
C SER A 44 -0.80 6.36 8.94
N ALA A 45 -0.65 6.61 7.64
CA ALA A 45 0.51 6.13 6.91
C ALA A 45 1.74 6.96 7.24
N HIS A 46 1.59 8.28 7.23
CA HIS A 46 2.70 9.18 7.53
C HIS A 46 2.83 9.40 9.03
N ASN A 47 2.42 8.40 9.81
CA ASN A 47 2.49 8.49 11.26
C ASN A 47 3.43 7.43 11.82
N CYS A 48 3.52 6.30 11.12
CA CYS A 48 4.39 5.21 11.55
C CYS A 48 5.84 5.48 11.16
N GLY A 49 6.06 5.68 9.87
CA GLY A 49 7.41 5.94 9.37
C GLY A 49 8.01 4.74 8.66
N GLN A 50 7.56 3.54 9.04
CA GLN A 50 8.06 2.31 8.44
C GLN A 50 7.84 2.33 6.92
N LEU A 51 6.83 3.06 6.48
CA LEU A 51 6.51 3.16 5.06
C LEU A 51 7.25 4.33 4.41
N LYS A 52 7.35 4.30 3.09
CA LYS A 52 8.03 5.35 2.35
C LYS A 52 7.33 5.63 1.03
N VAL A 53 7.71 6.72 0.37
CA VAL A 53 7.11 7.10 -0.90
C VAL A 53 7.76 6.34 -2.05
N GLY A 54 7.01 5.43 -2.66
CA GLY A 54 7.53 4.65 -3.77
C GLY A 54 7.22 3.18 -3.64
N HIS A 55 6.76 2.77 -2.45
CA HIS A 55 6.43 1.38 -2.20
C HIS A 55 5.35 0.89 -3.16
N VAL A 56 5.03 -0.39 -3.09
CA VAL A 56 4.01 -0.98 -3.95
C VAL A 56 3.09 -1.91 -3.16
N ILE A 57 1.85 -1.47 -2.95
CA ILE A 57 0.87 -2.26 -2.21
C ILE A 57 0.41 -3.47 -3.02
N LEU A 58 0.81 -4.66 -2.58
CA LEU A 58 0.43 -5.89 -3.27
C LEU A 58 -0.80 -6.52 -2.62
N GLU A 59 -0.97 -6.27 -1.33
CA GLU A 59 -2.11 -6.81 -0.58
C GLU A 59 -2.57 -5.85 0.50
N VAL A 60 -3.87 -5.84 0.77
CA VAL A 60 -4.44 -4.96 1.78
C VAL A 60 -5.42 -5.71 2.67
N ASN A 61 -5.02 -5.93 3.91
CA ASN A 61 -5.86 -6.64 4.88
C ASN A 61 -6.18 -8.05 4.39
N GLY A 62 -5.22 -8.64 3.67
CA GLY A 62 -5.42 -9.98 3.16
C GLY A 62 -5.83 -9.99 1.70
N LEU A 63 -6.59 -8.98 1.29
CA LEU A 63 -7.05 -8.87 -0.09
C LEU A 63 -5.87 -8.67 -1.03
N THR A 64 -5.89 -9.38 -2.15
CA THR A 64 -4.83 -9.28 -3.15
C THR A 64 -5.13 -8.19 -4.17
N LEU A 65 -4.17 -7.32 -4.41
CA LEU A 65 -4.34 -6.24 -5.37
C LEU A 65 -3.83 -6.64 -6.75
N ARG A 66 -3.50 -7.92 -6.90
CA ARG A 66 -3.00 -8.44 -8.17
C ARG A 66 -4.06 -8.29 -9.27
N GLY A 67 -3.65 -7.71 -10.39
CA GLY A 67 -4.57 -7.51 -11.50
C GLY A 67 -5.65 -6.50 -11.18
N LYS A 68 -5.41 -5.68 -10.17
CA LYS A 68 -6.38 -4.66 -9.77
C LYS A 68 -5.91 -3.27 -10.20
N GLU A 69 -6.83 -2.48 -10.74
CA GLU A 69 -6.51 -1.13 -11.18
C GLU A 69 -6.30 -0.20 -9.99
N HIS A 70 -5.42 0.79 -10.17
CA HIS A 70 -5.13 1.74 -9.11
C HIS A 70 -6.40 2.18 -8.40
N ARG A 71 -7.44 2.48 -9.18
CA ARG A 71 -8.71 2.92 -8.64
C ARG A 71 -9.34 1.81 -7.79
N GLU A 72 -9.17 0.56 -8.22
CA GLU A 72 -9.72 -0.58 -7.50
C GLU A 72 -9.12 -0.69 -6.10
N ALA A 73 -7.80 -0.52 -6.02
CA ALA A 73 -7.09 -0.60 -4.75
C ALA A 73 -7.52 0.53 -3.81
N ALA A 74 -7.76 1.71 -4.39
CA ALA A 74 -8.18 2.87 -3.60
C ALA A 74 -9.44 2.56 -2.80
N ARG A 75 -10.31 1.71 -3.36
CA ARG A 75 -11.55 1.34 -2.70
C ARG A 75 -11.31 0.25 -1.65
N ILE A 76 -10.42 -0.68 -1.98
CA ILE A 76 -10.09 -1.77 -1.07
C ILE A 76 -9.43 -1.25 0.21
N ILE A 77 -8.47 -0.34 0.03
CA ILE A 77 -7.76 0.23 1.17
C ILE A 77 -8.71 0.99 2.08
N ALA A 78 -9.53 1.86 1.50
CA ALA A 78 -10.50 2.64 2.26
C ALA A 78 -11.40 1.73 3.08
N GLU A 79 -11.89 0.67 2.47
CA GLU A 79 -12.78 -0.27 3.15
C GLU A 79 -12.11 -0.82 4.41
N ALA A 80 -10.79 -0.92 4.37
CA ALA A 80 -10.03 -1.43 5.51
C ALA A 80 -10.05 -0.44 6.67
N PHE A 81 -10.25 0.84 6.35
CA PHE A 81 -10.29 1.88 7.37
C PHE A 81 -11.69 2.02 7.96
N LYS A 82 -12.70 1.95 7.09
CA LYS A 82 -14.09 2.07 7.52
C LYS A 82 -14.42 1.04 8.60
N THR A 83 -14.22 -0.23 8.26
CA THR A 83 -14.49 -1.31 9.20
C THR A 83 -14.05 -0.95 10.61
N LYS A 84 -14.82 -1.39 11.60
CA LYS A 84 -14.51 -1.11 13.00
C LYS A 84 -13.70 -2.25 13.61
N ASP A 85 -14.05 -3.48 13.24
CA ASP A 85 -13.35 -4.65 13.74
C ASP A 85 -11.84 -4.43 13.75
N ARG A 86 -11.26 -4.27 12.57
CA ARG A 86 -9.83 -4.05 12.44
C ARG A 86 -9.48 -2.59 12.68
N ASP A 87 -8.54 -2.36 13.60
CA ASP A 87 -8.12 -1.00 13.92
C ASP A 87 -6.81 -0.66 13.20
N TYR A 88 -6.58 -1.31 12.07
CA TYR A 88 -5.37 -1.08 11.29
C TYR A 88 -5.51 -1.63 9.88
N ILE A 89 -4.61 -1.24 8.99
CA ILE A 89 -4.63 -1.70 7.62
C ILE A 89 -3.29 -2.31 7.22
N ASP A 90 -3.27 -3.62 7.04
CA ASP A 90 -2.07 -4.33 6.66
C ASP A 90 -1.64 -3.96 5.25
N PHE A 91 -0.55 -3.20 5.14
CA PHE A 91 -0.04 -2.77 3.84
C PHE A 91 1.20 -3.55 3.46
N LEU A 92 1.04 -4.51 2.55
CA LEU A 92 2.15 -5.33 2.09
C LEU A 92 2.87 -4.67 0.93
N VAL A 93 4.08 -4.16 1.19
CA VAL A 93 4.88 -3.51 0.17
C VAL A 93 6.15 -4.30 -0.13
N THR A 94 6.74 -4.05 -1.29
CA THR A 94 7.96 -4.74 -1.68
C THR A 94 8.87 -3.82 -2.51
N GLU A 95 9.94 -3.36 -1.88
CA GLU A 95 10.89 -2.46 -2.55
C GLU A 95 11.52 -3.15 -3.76
N PHE A 96 10.79 -3.13 -4.88
CA PHE A 96 11.27 -3.76 -6.11
C PHE A 96 12.64 -3.20 -6.50
N ASN A 97 12.78 -1.88 -6.41
CA ASN A 97 14.04 -1.22 -6.75
C ASN A 97 14.17 0.10 -6.01
N SER A 98 15.28 0.25 -5.28
CA SER A 98 15.54 1.47 -4.51
C SER A 98 15.63 2.68 -5.44
N GLY A 99 16.68 2.70 -6.27
CA GLY A 99 16.87 3.80 -7.19
C GLY A 99 17.00 5.13 -6.48
N PRO A 100 16.80 6.23 -7.23
CA PRO A 100 16.89 7.59 -6.68
C PRO A 100 15.73 7.91 -5.73
N SER A 101 16.05 8.06 -4.46
CA SER A 101 15.04 8.37 -3.44
C SER A 101 14.42 9.74 -3.70
N SER A 102 15.27 10.73 -3.95
CA SER A 102 14.81 12.09 -4.21
C SER A 102 13.99 12.15 -5.49
N GLY A 103 14.54 11.58 -6.57
CA GLY A 103 13.85 11.59 -7.84
C GLY A 103 14.64 10.87 -8.93
N GLY A 1 19.85 -11.88 -4.82
CA GLY A 1 19.08 -11.95 -3.60
C GLY A 1 18.69 -13.37 -3.24
N SER A 2 19.21 -13.84 -2.11
CA SER A 2 18.93 -15.20 -1.65
C SER A 2 17.44 -15.51 -1.80
N SER A 3 17.11 -16.30 -2.83
CA SER A 3 15.72 -16.68 -3.08
C SER A 3 15.02 -17.06 -1.79
N GLY A 4 13.71 -16.84 -1.74
CA GLY A 4 12.93 -17.18 -0.56
C GLY A 4 11.76 -16.24 -0.35
N SER A 5 11.24 -16.21 0.88
CA SER A 5 10.11 -15.35 1.21
C SER A 5 10.29 -13.96 0.61
N SER A 6 9.20 -13.21 0.53
CA SER A 6 9.24 -11.86 -0.03
C SER A 6 8.08 -11.02 0.50
N GLY A 7 8.14 -9.72 0.26
CA GLY A 7 7.09 -8.82 0.72
C GLY A 7 7.22 -8.50 2.20
N THR A 8 7.12 -7.21 2.52
CA THR A 8 7.23 -6.77 3.91
C THR A 8 5.89 -6.26 4.43
N LEU A 9 5.24 -7.07 5.26
CA LEU A 9 3.94 -6.71 5.83
C LEU A 9 4.08 -5.52 6.78
N VAL A 10 3.44 -4.42 6.43
CA VAL A 10 3.49 -3.21 7.25
C VAL A 10 2.14 -2.94 7.91
N ARG A 11 2.05 -3.24 9.20
CA ARG A 11 0.81 -3.02 9.95
C ARG A 11 0.67 -1.56 10.37
N VAL A 12 -0.30 -0.88 9.80
CA VAL A 12 -0.54 0.52 10.12
C VAL A 12 -1.77 0.68 11.01
N LYS A 13 -1.53 0.96 12.29
CA LYS A 13 -2.61 1.14 13.25
C LYS A 13 -3.35 2.45 13.00
N LYS A 14 -4.67 2.38 12.95
CA LYS A 14 -5.50 3.55 12.72
C LYS A 14 -5.29 4.59 13.82
N SER A 15 -4.17 5.28 13.77
CA SER A 15 -3.85 6.30 14.77
C SER A 15 -4.29 7.68 14.30
N ALA A 16 -4.05 7.98 13.03
CA ALA A 16 -4.42 9.26 12.45
C ALA A 16 -5.93 9.40 12.37
N ALA A 17 -6.40 10.60 12.00
CA ALA A 17 -7.82 10.86 11.89
C ALA A 17 -8.36 10.34 10.55
N THR A 18 -7.60 10.55 9.48
CA THR A 18 -8.00 10.12 8.16
C THR A 18 -6.80 9.68 7.32
N LEU A 19 -6.86 8.48 6.78
CA LEU A 19 -5.78 7.94 5.96
C LEU A 19 -5.43 8.90 4.83
N GLY A 20 -4.13 9.09 4.60
CA GLY A 20 -3.69 9.97 3.55
C GLY A 20 -2.56 9.38 2.73
N ILE A 21 -2.92 8.62 1.69
CA ILE A 21 -1.92 7.99 0.83
C ILE A 21 -2.37 8.03 -0.63
N ALA A 22 -1.40 8.20 -1.53
CA ALA A 22 -1.69 8.24 -2.96
C ALA A 22 -0.92 7.16 -3.71
N ILE A 23 -1.54 6.62 -4.75
CA ILE A 23 -0.91 5.58 -5.55
C ILE A 23 -1.20 5.77 -7.03
N GLU A 24 -0.61 4.92 -7.87
CA GLU A 24 -0.81 4.99 -9.31
C GLU A 24 -0.62 3.62 -9.96
N GLY A 25 -0.70 3.58 -11.29
CA GLY A 25 -0.53 2.33 -12.00
C GLY A 25 -1.83 1.57 -12.14
N GLY A 26 -1.73 0.24 -12.13
CA GLY A 26 -2.91 -0.60 -12.25
C GLY A 26 -2.74 -1.68 -13.30
N ALA A 27 -3.50 -2.76 -13.15
CA ALA A 27 -3.44 -3.87 -14.09
C ALA A 27 -3.35 -3.38 -15.53
N ASN A 28 -3.94 -2.22 -15.78
CA ASN A 28 -3.93 -1.63 -17.12
C ASN A 28 -2.51 -1.34 -17.57
N THR A 29 -1.80 -0.53 -16.79
CA THR A 29 -0.42 -0.16 -17.11
C THR A 29 0.54 -1.29 -16.78
N ARG A 30 1.73 -1.23 -17.35
CA ARG A 30 2.75 -2.25 -17.11
C ARG A 30 2.82 -2.61 -15.63
N GLN A 31 2.37 -1.70 -14.78
CA GLN A 31 2.39 -1.92 -13.34
C GLN A 31 1.11 -2.60 -12.88
N PRO A 32 1.22 -3.87 -12.45
CA PRO A 32 0.07 -4.65 -11.98
C PRO A 32 -0.45 -4.15 -10.64
N LEU A 33 0.45 -3.97 -9.69
CA LEU A 33 0.06 -3.49 -8.36
C LEU A 33 0.29 -1.99 -8.24
N PRO A 34 -0.47 -1.35 -7.33
CA PRO A 34 -0.37 0.10 -7.10
C PRO A 34 0.94 0.48 -6.42
N ARG A 35 1.45 1.66 -6.78
CA ARG A 35 2.70 2.15 -6.20
C ARG A 35 2.50 3.49 -5.52
N ILE A 36 2.99 3.61 -4.29
CA ILE A 36 2.87 4.85 -3.54
C ILE A 36 3.64 5.99 -4.20
N VAL A 37 2.91 7.02 -4.62
CA VAL A 37 3.53 8.17 -5.27
C VAL A 37 3.63 9.36 -4.32
N THR A 38 2.64 9.49 -3.45
CA THR A 38 2.62 10.58 -2.47
C THR A 38 2.06 10.11 -1.13
N ILE A 39 2.72 10.51 -0.06
CA ILE A 39 2.28 10.13 1.28
C ILE A 39 1.99 11.36 2.13
N GLN A 40 0.70 11.69 2.27
CA GLN A 40 0.29 12.84 3.05
C GLN A 40 0.87 12.78 4.46
N ARG A 41 1.39 13.91 4.94
CA ARG A 41 1.98 13.98 6.27
C ARG A 41 0.92 13.70 7.34
N GLY A 42 -0.24 14.33 7.20
CA GLY A 42 -1.30 14.14 8.17
C GLY A 42 -2.13 12.90 7.88
N GLY A 43 -1.47 11.75 7.82
CA GLY A 43 -2.17 10.52 7.54
C GLY A 43 -1.67 9.37 8.40
N SER A 44 -2.51 8.37 8.60
CA SER A 44 -2.16 7.21 9.41
C SER A 44 -0.89 6.55 8.89
N ALA A 45 -0.72 6.55 7.57
CA ALA A 45 0.45 5.97 6.95
C ALA A 45 1.73 6.71 7.34
N HIS A 46 1.84 7.95 6.91
CA HIS A 46 3.00 8.78 7.23
C HIS A 46 3.23 8.83 8.74
N ASN A 47 2.17 9.10 9.47
CA ASN A 47 2.26 9.18 10.94
C ASN A 47 3.19 8.10 11.48
N CYS A 48 3.03 6.88 10.99
CA CYS A 48 3.86 5.77 11.43
C CYS A 48 5.30 5.94 10.96
N GLY A 49 5.46 6.30 9.69
CA GLY A 49 6.78 6.49 9.14
C GLY A 49 7.37 5.20 8.60
N GLN A 50 6.93 4.08 9.15
CA GLN A 50 7.42 2.77 8.73
C GLN A 50 7.49 2.68 7.20
N LEU A 51 6.43 3.15 6.54
CA LEU A 51 6.36 3.11 5.09
C LEU A 51 7.13 4.28 4.49
N LYS A 52 7.23 4.30 3.16
CA LYS A 52 7.93 5.37 2.46
C LYS A 52 7.32 5.61 1.08
N VAL A 53 7.71 6.72 0.45
CA VAL A 53 7.21 7.06 -0.88
C VAL A 53 7.90 6.24 -1.95
N GLY A 54 7.11 5.48 -2.71
CA GLY A 54 7.67 4.66 -3.77
C GLY A 54 7.36 3.18 -3.59
N HIS A 55 6.77 2.84 -2.45
CA HIS A 55 6.42 1.46 -2.16
C HIS A 55 5.36 0.95 -3.12
N VAL A 56 5.04 -0.33 -3.02
CA VAL A 56 4.03 -0.95 -3.88
C VAL A 56 3.12 -1.88 -3.09
N ILE A 57 1.88 -1.45 -2.87
CA ILE A 57 0.92 -2.24 -2.13
C ILE A 57 0.43 -3.44 -2.96
N LEU A 58 0.82 -4.64 -2.53
CA LEU A 58 0.43 -5.86 -3.24
C LEU A 58 -0.79 -6.49 -2.58
N GLU A 59 -0.97 -6.24 -1.28
CA GLU A 59 -2.10 -6.78 -0.55
C GLU A 59 -2.56 -5.80 0.53
N VAL A 60 -3.86 -5.82 0.82
CA VAL A 60 -4.43 -4.94 1.84
C VAL A 60 -5.53 -5.64 2.62
N ASN A 61 -5.28 -5.87 3.91
CA ASN A 61 -6.26 -6.54 4.76
C ASN A 61 -6.54 -7.96 4.27
N GLY A 62 -5.52 -8.59 3.68
CA GLY A 62 -5.67 -9.94 3.17
C GLY A 62 -6.03 -9.97 1.71
N LEU A 63 -6.74 -8.95 1.25
CA LEU A 63 -7.14 -8.86 -0.15
C LEU A 63 -5.98 -8.40 -1.03
N THR A 64 -5.57 -9.25 -1.97
CA THR A 64 -4.48 -8.92 -2.87
C THR A 64 -4.93 -7.98 -3.97
N LEU A 65 -4.09 -7.01 -4.29
CA LEU A 65 -4.41 -6.03 -5.34
C LEU A 65 -3.92 -6.51 -6.70
N ARG A 66 -3.60 -7.81 -6.79
CA ARG A 66 -3.12 -8.38 -8.03
C ARG A 66 -4.17 -8.25 -9.14
N GLY A 67 -3.71 -7.84 -10.33
CA GLY A 67 -4.61 -7.68 -11.45
C GLY A 67 -5.69 -6.65 -11.17
N LYS A 68 -5.41 -5.73 -10.26
CA LYS A 68 -6.36 -4.69 -9.90
C LYS A 68 -5.88 -3.32 -10.36
N GLU A 69 -6.82 -2.43 -10.64
CA GLU A 69 -6.49 -1.09 -11.10
C GLU A 69 -6.36 -0.13 -9.92
N HIS A 70 -5.42 0.81 -10.03
CA HIS A 70 -5.19 1.79 -8.96
C HIS A 70 -6.51 2.23 -8.34
N ARG A 71 -7.49 2.53 -9.19
CA ARG A 71 -8.80 2.96 -8.72
C ARG A 71 -9.46 1.87 -7.88
N GLU A 72 -9.30 0.62 -8.29
CA GLU A 72 -9.89 -0.50 -7.57
C GLU A 72 -9.25 -0.67 -6.20
N ALA A 73 -7.94 -0.43 -6.13
CA ALA A 73 -7.21 -0.55 -4.87
C ALA A 73 -7.64 0.53 -3.89
N ALA A 74 -7.70 1.77 -4.36
CA ALA A 74 -8.08 2.90 -3.52
C ALA A 74 -9.35 2.57 -2.72
N ARG A 75 -10.23 1.78 -3.33
CA ARG A 75 -11.48 1.40 -2.67
C ARG A 75 -11.23 0.29 -1.65
N ILE A 76 -10.43 -0.70 -2.03
CA ILE A 76 -10.12 -1.81 -1.14
C ILE A 76 -9.49 -1.32 0.16
N ILE A 77 -8.49 -0.45 0.03
CA ILE A 77 -7.79 0.10 1.19
C ILE A 77 -8.75 0.88 2.08
N ALA A 78 -9.47 1.82 1.49
CA ALA A 78 -10.44 2.63 2.23
C ALA A 78 -11.40 1.75 3.03
N GLU A 79 -11.90 0.71 2.38
CA GLU A 79 -12.84 -0.20 3.03
C GLU A 79 -12.22 -0.82 4.28
N ALA A 80 -10.90 -0.99 4.26
CA ALA A 80 -10.19 -1.56 5.41
C ALA A 80 -10.14 -0.58 6.57
N PHE A 81 -10.22 0.71 6.25
CA PHE A 81 -10.19 1.75 7.27
C PHE A 81 -11.57 2.00 7.86
N LYS A 82 -12.58 1.98 6.99
CA LYS A 82 -13.96 2.21 7.42
C LYS A 82 -14.36 1.19 8.49
N THR A 83 -14.28 -0.08 8.14
CA THR A 83 -14.64 -1.15 9.07
C THR A 83 -14.14 -0.85 10.48
N LYS A 84 -14.91 -1.26 11.48
CA LYS A 84 -14.55 -1.02 12.87
C LYS A 84 -13.93 -2.28 13.49
N ASP A 85 -14.26 -3.44 12.93
CA ASP A 85 -13.73 -4.71 13.42
C ASP A 85 -12.24 -4.60 13.71
N ARG A 86 -11.47 -4.35 12.66
CA ARG A 86 -10.02 -4.23 12.80
C ARG A 86 -9.62 -2.78 13.07
N ASP A 87 -8.59 -2.59 13.89
CA ASP A 87 -8.10 -1.25 14.22
C ASP A 87 -6.78 -0.97 13.53
N TYR A 88 -6.59 -1.54 12.35
CA TYR A 88 -5.36 -1.35 11.59
C TYR A 88 -5.50 -1.90 10.18
N ILE A 89 -4.54 -1.56 9.32
CA ILE A 89 -4.56 -2.03 7.94
C ILE A 89 -3.19 -2.57 7.52
N ASP A 90 -3.13 -3.86 7.26
CA ASP A 90 -1.89 -4.50 6.84
C ASP A 90 -1.54 -4.14 5.41
N PHE A 91 -0.48 -3.35 5.25
CA PHE A 91 -0.03 -2.93 3.93
C PHE A 91 1.19 -3.72 3.48
N LEU A 92 0.97 -4.67 2.57
CA LEU A 92 2.06 -5.50 2.06
C LEU A 92 2.80 -4.80 0.94
N VAL A 93 3.97 -4.26 1.25
CA VAL A 93 4.79 -3.56 0.26
C VAL A 93 6.06 -4.34 -0.05
N THR A 94 6.71 -3.97 -1.15
CA THR A 94 7.94 -4.64 -1.56
C THR A 94 8.83 -3.70 -2.38
N GLU A 95 9.93 -3.26 -1.78
CA GLU A 95 10.86 -2.36 -2.46
C GLU A 95 11.49 -3.04 -3.67
N PHE A 96 10.84 -2.90 -4.82
CA PHE A 96 11.34 -3.50 -6.05
C PHE A 96 12.58 -2.76 -6.56
N ASN A 97 13.74 -3.31 -6.25
CA ASN A 97 15.00 -2.70 -6.67
C ASN A 97 14.90 -2.16 -8.09
N SER A 98 15.14 -0.86 -8.24
CA SER A 98 15.07 -0.22 -9.54
C SER A 98 16.45 -0.08 -10.16
N GLY A 99 16.78 -1.01 -11.06
CA GLY A 99 18.08 -0.99 -11.71
C GLY A 99 18.09 -0.09 -12.94
N PRO A 100 19.09 -0.31 -13.81
CA PRO A 100 19.24 0.47 -15.05
C PRO A 100 18.14 0.17 -16.07
N SER A 101 17.77 1.18 -16.84
CA SER A 101 16.73 1.01 -17.86
C SER A 101 17.31 0.48 -19.16
N SER A 102 18.16 1.28 -19.78
CA SER A 102 18.80 0.89 -21.04
C SER A 102 19.09 -0.60 -21.07
N GLY A 103 18.66 -1.27 -22.13
CA GLY A 103 18.88 -2.69 -22.25
C GLY A 103 17.68 -3.42 -22.84
N GLY A 1 -1.17 -20.14 1.91
CA GLY A 1 -0.03 -20.41 1.05
C GLY A 1 0.79 -19.18 0.76
N SER A 2 1.36 -19.12 -0.44
CA SER A 2 2.20 -17.99 -0.83
C SER A 2 3.13 -17.58 0.30
N SER A 3 3.70 -18.56 0.99
CA SER A 3 4.60 -18.30 2.09
C SER A 3 6.06 -18.28 1.63
N GLY A 4 6.70 -17.13 1.74
CA GLY A 4 8.08 -17.00 1.32
C GLY A 4 8.23 -16.23 0.02
N SER A 5 7.58 -15.07 -0.05
CA SER A 5 7.64 -14.23 -1.25
C SER A 5 8.31 -12.90 -0.95
N SER A 6 8.56 -12.12 -2.00
CA SER A 6 9.20 -10.82 -1.86
C SER A 6 8.19 -9.76 -1.40
N GLY A 7 8.18 -9.50 -0.10
CA GLY A 7 7.26 -8.52 0.45
C GLY A 7 7.46 -8.30 1.93
N THR A 8 6.96 -7.18 2.44
CA THR A 8 7.08 -6.85 3.86
C THR A 8 5.78 -6.31 4.42
N LEU A 9 5.09 -7.13 5.20
CA LEU A 9 3.81 -6.73 5.80
C LEU A 9 4.01 -5.56 6.75
N VAL A 10 3.31 -4.46 6.49
CA VAL A 10 3.40 -3.27 7.32
C VAL A 10 2.06 -2.95 7.97
N ARG A 11 1.92 -3.31 9.24
CA ARG A 11 0.69 -3.07 9.98
C ARG A 11 0.58 -1.60 10.38
N VAL A 12 -0.45 -0.93 9.88
CA VAL A 12 -0.68 0.48 10.18
C VAL A 12 -1.94 0.67 10.99
N LYS A 13 -1.78 1.00 12.27
CA LYS A 13 -2.92 1.22 13.15
C LYS A 13 -3.71 2.46 12.74
N LYS A 14 -5.00 2.47 13.06
CA LYS A 14 -5.87 3.59 12.71
C LYS A 14 -5.56 4.80 13.59
N SER A 15 -4.35 5.34 13.45
CA SER A 15 -3.94 6.50 14.22
C SER A 15 -4.62 7.76 13.72
N ALA A 16 -4.47 8.04 12.42
CA ALA A 16 -5.07 9.22 11.81
C ALA A 16 -6.58 9.07 11.71
N ALA A 17 -7.28 10.21 11.66
CA ALA A 17 -8.74 10.20 11.55
C ALA A 17 -9.18 9.95 10.12
N THR A 18 -8.26 10.12 9.18
CA THR A 18 -8.56 9.92 7.76
C THR A 18 -7.32 9.50 6.99
N LEU A 19 -7.44 8.42 6.23
CA LEU A 19 -6.32 7.92 5.44
C LEU A 19 -5.96 8.89 4.32
N GLY A 20 -4.68 9.23 4.23
CA GLY A 20 -4.23 10.15 3.20
C GLY A 20 -3.03 9.62 2.44
N ILE A 21 -3.30 8.83 1.41
CA ILE A 21 -2.24 8.26 0.59
C ILE A 21 -2.59 8.33 -0.90
N ALA A 22 -1.56 8.34 -1.75
CA ALA A 22 -1.76 8.39 -3.19
C ALA A 22 -1.00 7.28 -3.89
N ILE A 23 -1.58 6.75 -4.96
CA ILE A 23 -0.96 5.68 -5.72
C ILE A 23 -1.21 5.85 -7.22
N GLU A 24 -0.64 4.95 -8.01
CA GLU A 24 -0.81 4.99 -9.46
C GLU A 24 -0.62 3.61 -10.08
N GLY A 25 -0.73 3.53 -11.40
CA GLY A 25 -0.56 2.27 -12.09
C GLY A 25 -1.83 1.43 -12.06
N GLY A 26 -1.67 0.11 -12.15
CA GLY A 26 -2.82 -0.78 -12.13
C GLY A 26 -2.76 -1.81 -13.24
N ALA A 27 -3.55 -2.87 -13.09
CA ALA A 27 -3.59 -3.94 -14.08
C ALA A 27 -3.72 -3.38 -15.49
N ASN A 28 -4.21 -2.14 -15.59
CA ASN A 28 -4.40 -1.49 -16.88
C ASN A 28 -3.13 -0.75 -17.30
N THR A 29 -1.99 -1.24 -16.83
CA THR A 29 -0.70 -0.62 -17.15
C THR A 29 0.45 -1.53 -16.77
N ARG A 30 1.60 -1.33 -17.41
CA ARG A 30 2.79 -2.12 -17.13
C ARG A 30 2.87 -2.48 -15.65
N GLN A 31 2.44 -1.56 -14.80
CA GLN A 31 2.47 -1.78 -13.36
C GLN A 31 1.18 -2.45 -12.88
N PRO A 32 1.29 -3.72 -12.48
CA PRO A 32 0.14 -4.49 -11.99
C PRO A 32 -0.37 -4.00 -10.64
N LEU A 33 0.55 -3.87 -9.69
CA LEU A 33 0.20 -3.40 -8.35
C LEU A 33 0.39 -1.89 -8.23
N PRO A 34 -0.40 -1.27 -7.34
CA PRO A 34 -0.35 0.18 -7.11
C PRO A 34 0.95 0.60 -6.41
N ARG A 35 1.48 1.75 -6.82
CA ARG A 35 2.71 2.27 -6.23
C ARG A 35 2.47 3.60 -5.55
N ILE A 36 2.91 3.73 -4.31
CA ILE A 36 2.75 4.96 -3.55
C ILE A 36 3.54 6.09 -4.18
N VAL A 37 2.82 7.11 -4.68
CA VAL A 37 3.46 8.25 -5.31
C VAL A 37 3.55 9.42 -4.33
N THR A 38 2.56 9.53 -3.45
CA THR A 38 2.52 10.60 -2.47
C THR A 38 1.91 10.12 -1.15
N ILE A 39 2.49 10.57 -0.04
CA ILE A 39 2.00 10.18 1.28
C ILE A 39 1.70 11.41 2.13
N GLN A 40 0.43 11.82 2.17
CA GLN A 40 0.02 12.97 2.95
C GLN A 40 0.50 12.86 4.40
N ARG A 41 0.62 14.01 5.06
CA ARG A 41 1.07 14.02 6.45
C ARG A 41 -0.04 13.57 7.40
N GLY A 42 -1.25 14.05 7.15
CA GLY A 42 -2.38 13.68 7.99
C GLY A 42 -2.96 12.34 7.60
N GLY A 43 -2.10 11.35 7.41
CA GLY A 43 -2.56 10.02 7.04
C GLY A 43 -2.04 8.95 7.97
N SER A 44 -2.81 7.87 8.11
CA SER A 44 -2.42 6.77 8.98
C SER A 44 -1.07 6.19 8.57
N ALA A 45 -0.89 6.01 7.27
CA ALA A 45 0.36 5.46 6.74
C ALA A 45 1.56 6.28 7.23
N HIS A 46 1.63 7.52 6.79
CA HIS A 46 2.72 8.41 7.17
C HIS A 46 2.95 8.37 8.69
N ASN A 47 1.90 8.67 9.44
CA ASN A 47 1.98 8.67 10.89
C ASN A 47 2.90 7.56 11.39
N CYS A 48 2.71 6.36 10.85
CA CYS A 48 3.54 5.23 11.24
C CYS A 48 5.02 5.50 10.99
N GLY A 49 5.33 5.99 9.79
CA GLY A 49 6.70 6.29 9.44
C GLY A 49 7.44 5.08 8.91
N GLN A 50 6.84 3.91 9.06
CA GLN A 50 7.46 2.67 8.59
C GLN A 50 7.39 2.56 7.08
N LEU A 51 6.56 3.39 6.47
CA LEU A 51 6.39 3.39 5.02
C LEU A 51 7.10 4.59 4.39
N LYS A 52 7.29 4.54 3.07
CA LYS A 52 7.96 5.62 2.36
C LYS A 52 7.32 5.84 0.99
N VAL A 53 7.58 6.98 0.39
CA VAL A 53 7.04 7.31 -0.92
C VAL A 53 7.77 6.53 -2.03
N GLY A 54 7.05 5.62 -2.67
CA GLY A 54 7.63 4.83 -3.74
C GLY A 54 7.36 3.35 -3.57
N HIS A 55 6.77 2.98 -2.44
CA HIS A 55 6.45 1.58 -2.16
C HIS A 55 5.36 1.07 -3.11
N VAL A 56 5.09 -0.23 -3.06
CA VAL A 56 4.07 -0.83 -3.91
C VAL A 56 3.18 -1.78 -3.11
N ILE A 57 1.93 -1.37 -2.91
CA ILE A 57 0.98 -2.18 -2.16
C ILE A 57 0.52 -3.38 -2.98
N LEU A 58 0.93 -4.57 -2.57
CA LEU A 58 0.56 -5.79 -3.26
C LEU A 58 -0.62 -6.47 -2.58
N GLU A 59 -0.79 -6.20 -1.28
CA GLU A 59 -1.89 -6.79 -0.51
C GLU A 59 -2.34 -5.83 0.59
N VAL A 60 -3.63 -5.88 0.92
CA VAL A 60 -4.19 -5.03 1.96
C VAL A 60 -5.22 -5.79 2.80
N ASN A 61 -4.87 -6.05 4.06
CA ASN A 61 -5.77 -6.76 4.95
C ASN A 61 -6.08 -8.15 4.43
N GLY A 62 -5.11 -8.73 3.72
CA GLY A 62 -5.30 -10.07 3.16
C GLY A 62 -5.67 -10.04 1.70
N LEU A 63 -6.44 -9.03 1.30
CA LEU A 63 -6.87 -8.89 -0.09
C LEU A 63 -5.71 -8.44 -0.97
N THR A 64 -5.31 -9.29 -1.91
CA THR A 64 -4.22 -8.97 -2.81
C THR A 64 -4.69 -8.03 -3.92
N LEU A 65 -3.90 -6.98 -4.15
CA LEU A 65 -4.23 -6.00 -5.19
C LEU A 65 -3.74 -6.47 -6.55
N ARG A 66 -3.07 -7.61 -6.59
CA ARG A 66 -2.55 -8.17 -7.82
C ARG A 66 -3.65 -8.26 -8.88
N GLY A 67 -3.42 -7.61 -10.01
CA GLY A 67 -4.41 -7.63 -11.09
C GLY A 67 -5.54 -6.65 -10.86
N LYS A 68 -5.32 -5.71 -9.95
CA LYS A 68 -6.33 -4.70 -9.63
C LYS A 68 -5.87 -3.32 -10.08
N GLU A 69 -6.81 -2.52 -10.57
CA GLU A 69 -6.52 -1.17 -11.04
C GLU A 69 -6.33 -0.22 -9.86
N HIS A 70 -5.49 0.80 -10.05
CA HIS A 70 -5.24 1.79 -9.00
C HIS A 70 -6.52 2.18 -8.29
N ARG A 71 -7.54 2.53 -9.08
CA ARG A 71 -8.83 2.93 -8.53
C ARG A 71 -9.43 1.80 -7.69
N GLU A 72 -9.24 0.57 -8.13
CA GLU A 72 -9.77 -0.59 -7.42
C GLU A 72 -9.12 -0.72 -6.05
N ALA A 73 -7.82 -0.48 -5.99
CA ALA A 73 -7.08 -0.58 -4.73
C ALA A 73 -7.47 0.53 -3.78
N ALA A 74 -7.64 1.74 -4.32
CA ALA A 74 -8.01 2.89 -3.51
C ALA A 74 -9.25 2.59 -2.67
N ARG A 75 -10.15 1.79 -3.22
CA ARG A 75 -11.38 1.42 -2.52
C ARG A 75 -11.11 0.34 -1.48
N ILE A 76 -10.36 -0.68 -1.88
CA ILE A 76 -10.02 -1.79 -0.98
C ILE A 76 -9.37 -1.27 0.30
N ILE A 77 -8.43 -0.35 0.15
CA ILE A 77 -7.72 0.22 1.30
C ILE A 77 -8.68 1.00 2.18
N ALA A 78 -9.45 1.90 1.57
CA ALA A 78 -10.41 2.71 2.31
C ALA A 78 -11.33 1.84 3.16
N GLU A 79 -11.85 0.77 2.55
CA GLU A 79 -12.74 -0.14 3.25
C GLU A 79 -12.09 -0.68 4.52
N ALA A 80 -10.77 -0.77 4.49
CA ALA A 80 -10.01 -1.28 5.63
C ALA A 80 -9.90 -0.23 6.73
N PHE A 81 -10.10 1.04 6.36
CA PHE A 81 -10.02 2.14 7.31
C PHE A 81 -11.40 2.46 7.88
N LYS A 82 -12.43 2.37 7.04
CA LYS A 82 -13.79 2.65 7.46
C LYS A 82 -14.25 1.66 8.52
N THR A 83 -14.35 0.39 8.14
CA THR A 83 -14.78 -0.65 9.06
C THR A 83 -14.25 -0.40 10.47
N LYS A 84 -14.97 -0.89 11.48
CA LYS A 84 -14.58 -0.71 12.86
C LYS A 84 -13.96 -2.00 13.42
N ASP A 85 -14.40 -3.13 12.89
CA ASP A 85 -13.90 -4.43 13.34
C ASP A 85 -12.40 -4.37 13.57
N ARG A 86 -11.64 -4.08 12.52
CA ARG A 86 -10.19 -4.00 12.61
C ARG A 86 -9.74 -2.56 12.88
N ASP A 87 -8.80 -2.42 13.80
CA ASP A 87 -8.28 -1.09 14.15
C ASP A 87 -6.89 -0.88 13.54
N TYR A 88 -6.72 -1.32 12.30
CA TYR A 88 -5.45 -1.18 11.62
C TYR A 88 -5.54 -1.67 10.17
N ILE A 89 -4.49 -1.45 9.40
CA ILE A 89 -4.46 -1.87 8.01
C ILE A 89 -3.10 -2.43 7.63
N ASP A 90 -3.07 -3.69 7.18
CA ASP A 90 -1.84 -4.34 6.78
C ASP A 90 -1.47 -3.98 5.35
N PHE A 91 -0.40 -3.20 5.20
CA PHE A 91 0.06 -2.77 3.87
C PHE A 91 1.28 -3.58 3.44
N LEU A 92 1.07 -4.50 2.49
CA LEU A 92 2.15 -5.33 1.99
C LEU A 92 2.93 -4.62 0.87
N VAL A 93 4.15 -4.22 1.18
CA VAL A 93 4.99 -3.53 0.20
C VAL A 93 6.25 -4.34 -0.11
N THR A 94 6.87 -4.05 -1.25
CA THR A 94 8.08 -4.75 -1.67
C THR A 94 9.22 -3.77 -1.90
N GLU A 95 8.87 -2.50 -2.07
CA GLU A 95 9.88 -1.46 -2.31
C GLU A 95 10.77 -1.83 -3.50
N PHE A 96 10.15 -2.22 -4.61
CA PHE A 96 10.89 -2.60 -5.80
C PHE A 96 12.01 -1.61 -6.09
N ASN A 97 13.20 -1.91 -5.59
CA ASN A 97 14.35 -1.04 -5.80
C ASN A 97 13.93 0.43 -5.81
N SER A 98 13.08 0.80 -4.87
CA SER A 98 12.60 2.18 -4.77
C SER A 98 13.71 3.16 -5.09
N GLY A 99 13.38 4.17 -5.91
CA GLY A 99 14.36 5.17 -6.28
C GLY A 99 13.80 6.22 -7.22
N PRO A 100 14.46 7.38 -7.28
CA PRO A 100 14.03 8.49 -8.14
C PRO A 100 14.23 8.18 -9.62
N SER A 101 13.13 7.96 -10.34
CA SER A 101 13.19 7.65 -11.76
C SER A 101 12.17 8.49 -12.53
N SER A 102 12.41 8.65 -13.83
CA SER A 102 11.53 9.41 -14.69
C SER A 102 11.23 8.67 -15.98
N GLY A 103 12.27 8.11 -16.58
CA GLY A 103 12.10 7.37 -17.82
C GLY A 103 11.05 6.28 -17.71
N GLY A 1 15.27 -18.78 6.39
CA GLY A 1 14.02 -19.35 6.84
C GLY A 1 13.56 -20.48 5.95
N SER A 2 12.79 -21.41 6.52
CA SER A 2 12.29 -22.56 5.76
C SER A 2 11.60 -22.11 4.48
N SER A 3 10.78 -21.06 4.59
CA SER A 3 10.07 -20.54 3.44
C SER A 3 10.23 -19.02 3.33
N GLY A 4 10.63 -18.56 2.15
CA GLY A 4 10.83 -17.14 1.94
C GLY A 4 9.78 -16.54 1.02
N SER A 5 9.07 -15.54 1.52
CA SER A 5 8.03 -14.88 0.73
C SER A 5 8.48 -13.49 0.31
N SER A 6 8.21 -13.14 -0.96
CA SER A 6 8.59 -11.85 -1.49
C SER A 6 7.58 -10.77 -1.08
N GLY A 7 7.97 -9.95 -0.11
CA GLY A 7 7.09 -8.90 0.37
C GLY A 7 7.32 -8.57 1.83
N THR A 8 6.74 -7.46 2.28
CA THR A 8 6.89 -7.04 3.67
C THR A 8 5.57 -6.49 4.22
N LEU A 9 5.02 -7.16 5.22
CA LEU A 9 3.77 -6.74 5.83
C LEU A 9 3.98 -5.54 6.75
N VAL A 10 3.22 -4.47 6.50
CA VAL A 10 3.33 -3.26 7.31
C VAL A 10 1.98 -2.88 7.91
N ARG A 11 1.81 -3.13 9.20
CA ARG A 11 0.57 -2.81 9.88
C ARG A 11 0.46 -1.32 10.15
N VAL A 12 -0.56 -0.69 9.60
CA VAL A 12 -0.76 0.75 9.78
C VAL A 12 -1.95 1.02 10.70
N LYS A 13 -1.66 1.55 11.88
CA LYS A 13 -2.70 1.86 12.86
C LYS A 13 -3.44 3.14 12.48
N LYS A 14 -4.73 3.17 12.77
CA LYS A 14 -5.55 4.34 12.46
C LYS A 14 -5.27 5.48 13.44
N SER A 15 -4.02 5.92 13.49
CA SER A 15 -3.61 7.00 14.39
C SER A 15 -4.22 8.32 13.94
N ALA A 16 -4.26 8.53 12.63
CA ALA A 16 -4.81 9.76 12.06
C ALA A 16 -6.32 9.65 11.86
N ALA A 17 -6.98 10.79 11.75
CA ALA A 17 -8.43 10.82 11.56
C ALA A 17 -8.82 10.16 10.25
N THR A 18 -8.02 10.38 9.21
CA THR A 18 -8.27 9.81 7.90
C THR A 18 -6.97 9.41 7.21
N LEU A 19 -6.95 8.20 6.66
CA LEU A 19 -5.77 7.70 5.96
C LEU A 19 -5.52 8.49 4.68
N GLY A 20 -4.41 9.22 4.66
CA GLY A 20 -4.07 10.01 3.49
C GLY A 20 -2.92 9.41 2.70
N ILE A 21 -3.23 8.80 1.57
CA ILE A 21 -2.23 8.18 0.72
C ILE A 21 -2.64 8.20 -0.75
N ALA A 22 -1.67 8.32 -1.63
CA ALA A 22 -1.93 8.34 -3.06
C ALA A 22 -1.12 7.27 -3.79
N ILE A 23 -1.72 6.68 -4.83
CA ILE A 23 -1.05 5.65 -5.61
C ILE A 23 -1.30 5.84 -7.10
N GLU A 24 -0.70 4.97 -7.91
CA GLU A 24 -0.87 5.04 -9.36
C GLU A 24 -0.53 3.70 -10.00
N GLY A 25 -1.15 3.44 -11.15
CA GLY A 25 -0.91 2.19 -11.86
C GLY A 25 -2.16 1.36 -12.03
N GLY A 26 -2.00 0.04 -12.05
CA GLY A 26 -3.14 -0.84 -12.20
C GLY A 26 -2.91 -1.90 -13.26
N ALA A 27 -3.53 -3.07 -13.07
CA ALA A 27 -3.39 -4.17 -14.02
C ALA A 27 -3.39 -3.67 -15.45
N ASN A 28 -4.15 -2.60 -15.69
CA ASN A 28 -4.25 -2.01 -17.03
C ASN A 28 -2.87 -1.52 -17.51
N THR A 29 -2.23 -0.69 -16.70
CA THR A 29 -0.91 -0.16 -17.05
C THR A 29 0.17 -1.19 -16.80
N ARG A 30 1.36 -0.93 -17.34
CA ARG A 30 2.50 -1.84 -17.18
C ARG A 30 2.63 -2.28 -15.73
N GLN A 31 2.31 -1.38 -14.80
CA GLN A 31 2.40 -1.69 -13.38
C GLN A 31 1.19 -2.49 -12.91
N PRO A 32 1.42 -3.73 -12.47
CA PRO A 32 0.36 -4.61 -11.99
C PRO A 32 -0.23 -4.14 -10.66
N LEU A 33 0.63 -3.87 -9.70
CA LEU A 33 0.20 -3.41 -8.38
C LEU A 33 0.37 -1.89 -8.25
N PRO A 34 -0.41 -1.29 -7.35
CA PRO A 34 -0.36 0.16 -7.10
C PRO A 34 0.94 0.57 -6.40
N ARG A 35 1.48 1.72 -6.80
CA ARG A 35 2.71 2.23 -6.22
C ARG A 35 2.47 3.58 -5.53
N ILE A 36 2.92 3.69 -4.28
CA ILE A 36 2.76 4.92 -3.52
C ILE A 36 3.52 6.07 -4.17
N VAL A 37 2.79 7.11 -4.57
CA VAL A 37 3.39 8.27 -5.19
C VAL A 37 3.46 9.45 -4.22
N THR A 38 2.49 9.52 -3.33
CA THR A 38 2.44 10.59 -2.34
C THR A 38 1.81 10.11 -1.03
N ILE A 39 2.47 10.44 0.08
CA ILE A 39 1.97 10.04 1.39
C ILE A 39 1.64 11.27 2.24
N GLN A 40 0.34 11.57 2.35
CA GLN A 40 -0.12 12.71 3.14
C GLN A 40 0.55 12.72 4.51
N ARG A 41 1.25 13.82 4.82
CA ARG A 41 1.93 13.96 6.10
C ARG A 41 0.96 13.72 7.26
N GLY A 42 -0.22 14.30 7.15
CA GLY A 42 -1.22 14.15 8.20
C GLY A 42 -1.99 12.84 8.09
N GLY A 43 -1.31 11.81 7.62
CA GLY A 43 -1.94 10.51 7.48
C GLY A 43 -1.27 9.43 8.30
N SER A 44 -2.04 8.44 8.73
CA SER A 44 -1.52 7.35 9.54
C SER A 44 -0.19 6.85 8.97
N ALA A 45 -0.21 6.45 7.70
CA ALA A 45 0.98 5.96 7.04
C ALA A 45 2.22 6.73 7.47
N HIS A 46 2.11 8.06 7.48
CA HIS A 46 3.21 8.92 7.87
C HIS A 46 3.49 8.79 9.37
N ASN A 47 2.44 8.92 10.18
CA ASN A 47 2.58 8.83 11.63
C ASN A 47 3.19 7.48 12.02
N CYS A 48 2.48 6.41 11.72
CA CYS A 48 2.95 5.06 12.04
C CYS A 48 4.37 4.84 11.52
N GLY A 49 4.63 5.28 10.30
CA GLY A 49 5.95 5.13 9.71
C GLY A 49 6.11 3.79 9.02
N GLN A 50 7.27 3.17 9.23
CA GLN A 50 7.56 1.87 8.61
C GLN A 50 7.16 1.87 7.14
N LEU A 51 7.14 3.05 6.52
CA LEU A 51 6.78 3.18 5.12
C LEU A 51 7.47 4.37 4.48
N LYS A 52 7.49 4.40 3.16
CA LYS A 52 8.12 5.48 2.42
C LYS A 52 7.42 5.71 1.08
N VAL A 53 7.67 6.88 0.49
CA VAL A 53 7.06 7.22 -0.79
C VAL A 53 7.75 6.49 -1.94
N GLY A 54 7.03 5.55 -2.55
CA GLY A 54 7.59 4.80 -3.65
C GLY A 54 7.34 3.30 -3.52
N HIS A 55 6.73 2.91 -2.40
CA HIS A 55 6.44 1.50 -2.15
C HIS A 55 5.36 0.99 -3.12
N VAL A 56 5.09 -0.31 -3.05
CA VAL A 56 4.07 -0.91 -3.91
C VAL A 56 3.17 -1.86 -3.11
N ILE A 57 1.93 -1.44 -2.92
CA ILE A 57 0.96 -2.24 -2.18
C ILE A 57 0.50 -3.44 -3.01
N LEU A 58 0.91 -4.63 -2.58
CA LEU A 58 0.53 -5.87 -3.26
C LEU A 58 -0.66 -6.53 -2.60
N GLU A 59 -0.84 -6.24 -1.31
CA GLU A 59 -1.95 -6.81 -0.55
C GLU A 59 -2.40 -5.86 0.56
N VAL A 60 -3.69 -5.92 0.89
CA VAL A 60 -4.24 -5.06 1.93
C VAL A 60 -5.28 -5.80 2.75
N ASN A 61 -4.96 -6.04 4.03
CA ASN A 61 -5.87 -6.74 4.92
C ASN A 61 -6.17 -8.14 4.40
N GLY A 62 -5.20 -8.73 3.71
CA GLY A 62 -5.38 -10.07 3.17
C GLY A 62 -5.77 -10.05 1.71
N LEU A 63 -6.54 -9.04 1.31
CA LEU A 63 -6.98 -8.91 -0.08
C LEU A 63 -5.83 -8.45 -0.97
N THR A 64 -5.44 -9.29 -1.91
CA THR A 64 -4.36 -8.97 -2.83
C THR A 64 -4.82 -7.98 -3.90
N LEU A 65 -3.90 -7.16 -4.38
CA LEU A 65 -4.22 -6.18 -5.41
C LEU A 65 -3.75 -6.65 -6.78
N ARG A 66 -3.20 -7.85 -6.82
CA ARG A 66 -2.71 -8.42 -8.08
C ARG A 66 -3.83 -8.49 -9.11
N GLY A 67 -3.57 -7.95 -10.30
CA GLY A 67 -4.56 -7.96 -11.36
C GLY A 67 -5.69 -6.97 -11.11
N LYS A 68 -5.43 -5.99 -10.24
CA LYS A 68 -6.42 -4.97 -9.93
C LYS A 68 -5.96 -3.59 -10.37
N GLU A 69 -6.91 -2.75 -10.77
CA GLU A 69 -6.59 -1.41 -11.23
C GLU A 69 -6.44 -0.46 -10.04
N HIS A 70 -5.52 0.50 -10.16
CA HIS A 70 -5.28 1.47 -9.10
C HIS A 70 -6.59 1.88 -8.43
N ARG A 71 -7.60 2.19 -9.25
CA ARG A 71 -8.89 2.60 -8.74
C ARG A 71 -9.48 1.53 -7.82
N GLU A 72 -9.49 0.29 -8.29
CA GLU A 72 -10.02 -0.82 -7.52
C GLU A 72 -9.33 -0.90 -6.15
N ALA A 73 -8.05 -0.59 -6.12
CA ALA A 73 -7.28 -0.62 -4.88
C ALA A 73 -7.74 0.46 -3.92
N ALA A 74 -7.87 1.68 -4.41
CA ALA A 74 -8.30 2.80 -3.59
C ALA A 74 -9.52 2.42 -2.76
N ARG A 75 -10.43 1.66 -3.35
CA ARG A 75 -11.64 1.23 -2.66
C ARG A 75 -11.32 0.15 -1.63
N ILE A 76 -10.44 -0.78 -2.00
CA ILE A 76 -10.06 -1.87 -1.12
C ILE A 76 -9.38 -1.35 0.14
N ILE A 77 -8.45 -0.42 -0.03
CA ILE A 77 -7.72 0.17 1.09
C ILE A 77 -8.68 0.92 2.02
N ALA A 78 -9.45 1.83 1.44
CA ALA A 78 -10.41 2.62 2.20
C ALA A 78 -11.29 1.73 3.06
N GLU A 79 -11.86 0.70 2.43
CA GLU A 79 -12.73 -0.24 3.13
C GLU A 79 -12.03 -0.84 4.35
N ALA A 80 -10.70 -0.93 4.28
CA ALA A 80 -9.92 -1.47 5.37
C ALA A 80 -9.82 -0.48 6.54
N PHE A 81 -10.07 0.79 6.25
CA PHE A 81 -10.02 1.83 7.27
C PHE A 81 -11.38 2.04 7.89
N LYS A 82 -12.42 2.05 7.06
CA LYS A 82 -13.78 2.24 7.54
C LYS A 82 -14.21 1.09 8.46
N THR A 83 -13.98 -0.14 8.00
CA THR A 83 -14.34 -1.31 8.78
C THR A 83 -14.13 -1.08 10.28
N LYS A 84 -15.08 -1.52 11.08
CA LYS A 84 -15.00 -1.35 12.52
C LYS A 84 -14.44 -2.61 13.19
N ASP A 85 -13.76 -3.43 12.39
CA ASP A 85 -13.17 -4.67 12.90
C ASP A 85 -11.67 -4.49 13.15
N ARG A 86 -10.93 -4.24 12.09
CA ARG A 86 -9.49 -4.05 12.20
C ARG A 86 -9.14 -2.59 12.42
N ASP A 87 -8.45 -2.32 13.53
CA ASP A 87 -8.06 -0.96 13.87
C ASP A 87 -6.76 -0.57 13.17
N TYR A 88 -6.53 -1.15 11.99
CA TYR A 88 -5.33 -0.87 11.22
C TYR A 88 -5.47 -1.40 9.79
N ILE A 89 -4.43 -1.17 8.99
CA ILE A 89 -4.43 -1.63 7.61
C ILE A 89 -3.09 -2.25 7.24
N ASP A 90 -3.10 -3.56 7.03
CA ASP A 90 -1.88 -4.29 6.67
C ASP A 90 -1.47 -3.98 5.23
N PHE A 91 -0.45 -3.14 5.08
CA PHE A 91 0.03 -2.76 3.75
C PHE A 91 1.24 -3.60 3.35
N LEU A 92 1.03 -4.55 2.45
CA LEU A 92 2.10 -5.43 1.99
C LEU A 92 2.90 -4.76 0.87
N VAL A 93 4.13 -4.38 1.18
CA VAL A 93 5.00 -3.74 0.20
C VAL A 93 6.24 -4.58 -0.07
N THR A 94 6.88 -4.34 -1.22
CA THR A 94 8.07 -5.07 -1.60
C THR A 94 9.26 -4.14 -1.79
N GLU A 95 8.98 -2.84 -1.86
CA GLU A 95 10.02 -1.84 -2.04
C GLU A 95 10.88 -2.17 -3.26
N PHE A 96 10.23 -2.37 -4.40
CA PHE A 96 10.93 -2.68 -5.64
C PHE A 96 12.10 -1.74 -5.86
N ASN A 97 12.95 -2.07 -6.83
CA ASN A 97 14.12 -1.26 -7.14
C ASN A 97 13.71 0.03 -7.84
N SER A 98 14.41 1.12 -7.54
CA SER A 98 14.11 2.41 -8.14
C SER A 98 14.03 2.31 -9.66
N GLY A 99 13.38 3.28 -10.28
CA GLY A 99 13.25 3.27 -11.73
C GLY A 99 13.53 4.62 -12.34
N PRO A 100 14.81 4.94 -12.56
CA PRO A 100 15.23 6.22 -13.14
C PRO A 100 14.87 6.33 -14.61
N SER A 101 14.37 5.23 -15.18
CA SER A 101 13.98 5.20 -16.59
C SER A 101 13.07 6.38 -16.92
N SER A 102 11.94 6.48 -16.21
CA SER A 102 10.99 7.55 -16.43
C SER A 102 11.42 8.82 -15.70
N GLY A 103 11.25 9.96 -16.36
CA GLY A 103 11.63 11.23 -15.75
C GLY A 103 11.73 12.35 -16.78
N GLY A 1 20.57 -18.92 -3.01
CA GLY A 1 19.71 -18.21 -2.09
C GLY A 1 18.26 -18.62 -2.22
N SER A 2 17.74 -19.31 -1.21
CA SER A 2 16.36 -19.77 -1.21
C SER A 2 15.43 -18.68 -1.73
N SER A 3 14.58 -19.04 -2.70
CA SER A 3 13.65 -18.10 -3.29
C SER A 3 12.23 -18.67 -3.28
N GLY A 4 11.30 -17.92 -2.68
CA GLY A 4 9.92 -18.36 -2.62
C GLY A 4 9.00 -17.29 -2.11
N SER A 5 9.25 -16.80 -0.90
CA SER A 5 8.43 -15.75 -0.30
C SER A 5 9.15 -14.41 -0.31
N SER A 6 8.43 -13.36 -0.68
CA SER A 6 9.00 -12.03 -0.74
C SER A 6 7.93 -10.97 -0.49
N GLY A 7 8.15 -10.13 0.52
CA GLY A 7 7.21 -9.08 0.85
C GLY A 7 7.31 -8.64 2.29
N THR A 8 7.13 -7.34 2.53
CA THR A 8 7.21 -6.79 3.88
C THR A 8 5.85 -6.28 4.33
N LEU A 9 5.23 -7.01 5.26
CA LEU A 9 3.93 -6.62 5.78
C LEU A 9 4.05 -5.45 6.75
N VAL A 10 3.35 -4.35 6.44
CA VAL A 10 3.38 -3.17 7.29
C VAL A 10 2.01 -2.88 7.88
N ARG A 11 1.86 -3.16 9.17
CA ARG A 11 0.59 -2.94 9.86
C ARG A 11 0.45 -1.47 10.27
N VAL A 12 -0.50 -0.77 9.66
CA VAL A 12 -0.74 0.63 9.95
C VAL A 12 -1.98 0.80 10.82
N LYS A 13 -1.79 1.33 12.02
CA LYS A 13 -2.91 1.55 12.95
C LYS A 13 -3.63 2.85 12.62
N LYS A 14 -4.93 2.86 12.83
CA LYS A 14 -5.74 4.05 12.56
C LYS A 14 -5.51 5.11 13.65
N SER A 15 -4.28 5.59 13.75
CA SER A 15 -3.93 6.61 14.73
C SER A 15 -4.55 7.96 14.36
N ALA A 16 -4.99 8.07 13.12
CA ALA A 16 -5.60 9.31 12.64
C ALA A 16 -7.10 9.13 12.41
N ALA A 17 -7.75 10.18 11.94
CA ALA A 17 -9.18 10.13 11.66
C ALA A 17 -9.46 9.84 10.20
N THR A 18 -8.46 10.08 9.35
CA THR A 18 -8.60 9.84 7.92
C THR A 18 -7.26 9.43 7.31
N LEU A 19 -7.28 8.33 6.56
CA LEU A 19 -6.07 7.82 5.92
C LEU A 19 -5.61 8.76 4.81
N GLY A 20 -4.30 8.91 4.66
CA GLY A 20 -3.75 9.78 3.64
C GLY A 20 -2.64 9.11 2.84
N ILE A 21 -2.99 8.62 1.65
CA ILE A 21 -2.02 7.96 0.79
C ILE A 21 -2.43 8.06 -0.67
N ALA A 22 -1.44 8.05 -1.57
CA ALA A 22 -1.71 8.14 -2.99
C ALA A 22 -0.90 7.09 -3.76
N ILE A 23 -1.51 6.52 -4.78
CA ILE A 23 -0.85 5.50 -5.59
C ILE A 23 -1.16 5.69 -7.08
N GLU A 24 -0.54 4.87 -7.92
CA GLU A 24 -0.75 4.94 -9.36
C GLU A 24 -0.51 3.59 -10.02
N GLY A 25 -0.82 3.50 -11.31
CA GLY A 25 -0.64 2.26 -12.03
C GLY A 25 -1.94 1.49 -12.23
N GLY A 26 -1.84 0.17 -12.25
CA GLY A 26 -3.02 -0.66 -12.43
C GLY A 26 -2.76 -1.85 -13.32
N ALA A 27 -3.40 -2.97 -12.99
CA ALA A 27 -3.22 -4.20 -13.76
C ALA A 27 -3.21 -3.91 -15.26
N ASN A 28 -3.91 -2.85 -15.67
CA ASN A 28 -3.98 -2.46 -17.06
C ASN A 28 -2.62 -1.98 -17.56
N THR A 29 -2.17 -0.84 -17.04
CA THR A 29 -0.90 -0.27 -17.43
C THR A 29 0.23 -1.27 -17.24
N ARG A 30 1.46 -0.84 -17.50
CA ARG A 30 2.63 -1.70 -17.36
C ARG A 30 2.79 -2.18 -15.92
N GLN A 31 2.42 -1.31 -14.97
CA GLN A 31 2.53 -1.64 -13.56
C GLN A 31 1.32 -2.45 -13.10
N PRO A 32 1.57 -3.70 -12.67
CA PRO A 32 0.51 -4.60 -12.20
C PRO A 32 -0.07 -4.15 -10.86
N LEU A 33 0.81 -3.88 -9.90
CA LEU A 33 0.38 -3.44 -8.57
C LEU A 33 0.57 -1.94 -8.41
N PRO A 34 -0.21 -1.33 -7.50
CA PRO A 34 -0.15 0.10 -7.22
C PRO A 34 1.14 0.49 -6.50
N ARG A 35 1.70 1.63 -6.89
CA ARG A 35 2.94 2.12 -6.29
C ARG A 35 2.71 3.45 -5.59
N ILE A 36 3.16 3.54 -4.34
CA ILE A 36 3.01 4.76 -3.55
C ILE A 36 3.79 5.91 -4.17
N VAL A 37 3.07 6.92 -4.64
CA VAL A 37 3.69 8.09 -5.25
C VAL A 37 3.73 9.26 -4.29
N THR A 38 2.74 9.33 -3.39
CA THR A 38 2.66 10.40 -2.41
C THR A 38 1.98 9.93 -1.14
N ILE A 39 2.51 10.35 0.01
CA ILE A 39 1.96 9.96 1.30
C ILE A 39 1.41 11.18 2.04
N GLN A 40 0.11 11.41 1.93
CA GLN A 40 -0.53 12.54 2.59
C GLN A 40 -0.19 12.55 4.08
N ARG A 41 -0.17 13.76 4.66
CA ARG A 41 0.14 13.92 6.08
C ARG A 41 -1.11 13.79 6.93
N GLY A 42 -0.93 13.77 8.25
CA GLY A 42 -2.06 13.65 9.15
C GLY A 42 -2.58 12.24 9.26
N GLY A 43 -2.67 11.55 8.11
CA GLY A 43 -3.16 10.19 8.11
C GLY A 43 -2.28 9.25 8.91
N SER A 44 -2.73 8.01 9.08
CA SER A 44 -1.97 7.02 9.84
C SER A 44 -0.65 6.69 9.14
N ALA A 45 -0.73 6.45 7.84
CA ALA A 45 0.45 6.13 7.05
C ALA A 45 1.63 7.02 7.43
N HIS A 46 1.39 8.33 7.44
CA HIS A 46 2.44 9.28 7.79
C HIS A 46 2.85 9.13 9.25
N ASN A 47 1.89 9.29 10.16
CA ASN A 47 2.16 9.16 11.58
C ASN A 47 3.14 8.03 11.85
N CYS A 48 2.90 6.88 11.23
CA CYS A 48 3.76 5.72 11.40
C CYS A 48 4.95 5.78 10.45
N GLY A 49 6.14 5.99 11.02
CA GLY A 49 7.35 6.07 10.21
C GLY A 49 7.89 4.70 9.83
N GLN A 50 7.03 3.88 9.23
CA GLN A 50 7.43 2.53 8.84
C GLN A 50 7.40 2.39 7.32
N LEU A 51 6.52 3.16 6.67
CA LEU A 51 6.39 3.12 5.21
C LEU A 51 7.27 4.17 4.57
N LYS A 52 7.34 4.14 3.24
CA LYS A 52 8.15 5.11 2.49
C LYS A 52 7.56 5.34 1.10
N VAL A 53 7.82 6.52 0.54
CA VAL A 53 7.33 6.86 -0.78
C VAL A 53 8.04 6.06 -1.87
N GLY A 54 7.28 5.34 -2.67
CA GLY A 54 7.85 4.54 -3.73
C GLY A 54 7.52 3.07 -3.59
N HIS A 55 6.97 2.69 -2.45
CA HIS A 55 6.60 1.30 -2.20
C HIS A 55 5.52 0.83 -3.18
N VAL A 56 5.20 -0.45 -3.13
CA VAL A 56 4.19 -1.02 -4.01
C VAL A 56 3.26 -1.96 -3.25
N ILE A 57 2.04 -1.51 -3.01
CA ILE A 57 1.05 -2.31 -2.29
C ILE A 57 0.57 -3.48 -3.15
N LEU A 58 0.95 -4.69 -2.75
CA LEU A 58 0.56 -5.89 -3.47
C LEU A 58 -0.69 -6.52 -2.86
N GLU A 59 -0.81 -6.41 -1.53
CA GLU A 59 -1.95 -6.96 -0.82
C GLU A 59 -2.42 -6.01 0.28
N VAL A 60 -3.73 -5.88 0.43
CA VAL A 60 -4.30 -5.00 1.43
C VAL A 60 -5.34 -5.74 2.28
N ASN A 61 -4.99 -5.98 3.55
CA ASN A 61 -5.89 -6.69 4.46
C ASN A 61 -6.21 -8.08 3.93
N GLY A 62 -5.25 -8.69 3.25
CA GLY A 62 -5.46 -10.02 2.71
C GLY A 62 -5.85 -10.00 1.24
N LEU A 63 -6.53 -8.92 0.83
CA LEU A 63 -6.95 -8.79 -0.56
C LEU A 63 -5.75 -8.62 -1.49
N THR A 64 -5.74 -9.39 -2.58
CA THR A 64 -4.66 -9.33 -3.54
C THR A 64 -4.93 -8.27 -4.61
N LEU A 65 -3.96 -7.38 -4.81
CA LEU A 65 -4.09 -6.32 -5.79
C LEU A 65 -3.47 -6.73 -7.12
N ARG A 66 -2.84 -7.90 -7.14
CA ARG A 66 -2.21 -8.42 -8.35
C ARG A 66 -3.04 -8.07 -9.58
N GLY A 67 -4.32 -8.45 -9.55
CA GLY A 67 -5.20 -8.19 -10.67
C GLY A 67 -6.23 -7.11 -10.35
N LYS A 68 -5.79 -6.07 -9.65
CA LYS A 68 -6.67 -4.98 -9.29
C LYS A 68 -6.14 -3.65 -9.82
N GLU A 69 -7.04 -2.81 -10.32
CA GLU A 69 -6.66 -1.51 -10.86
C GLU A 69 -6.48 -0.49 -9.74
N HIS A 70 -5.52 0.42 -9.92
CA HIS A 70 -5.25 1.44 -8.92
C HIS A 70 -6.54 1.93 -8.28
N ARG A 71 -7.58 2.09 -9.09
CA ARG A 71 -8.87 2.55 -8.59
C ARG A 71 -9.47 1.53 -7.62
N GLU A 72 -9.53 0.28 -8.06
CA GLU A 72 -10.09 -0.78 -7.23
C GLU A 72 -9.37 -0.86 -5.89
N ALA A 73 -8.06 -0.69 -5.91
CA ALA A 73 -7.25 -0.74 -4.70
C ALA A 73 -7.63 0.39 -3.75
N ALA A 74 -7.61 1.62 -4.26
CA ALA A 74 -7.95 2.79 -3.47
C ALA A 74 -9.19 2.52 -2.60
N ARG A 75 -10.16 1.82 -3.17
CA ARG A 75 -11.39 1.51 -2.45
C ARG A 75 -11.14 0.44 -1.39
N ILE A 76 -10.44 -0.62 -1.78
CA ILE A 76 -10.13 -1.71 -0.85
C ILE A 76 -9.47 -1.19 0.42
N ILE A 77 -8.43 -0.38 0.25
CA ILE A 77 -7.72 0.19 1.39
C ILE A 77 -8.66 1.00 2.27
N ALA A 78 -9.40 1.91 1.66
CA ALA A 78 -10.35 2.75 2.39
C ALA A 78 -11.28 1.90 3.25
N GLU A 79 -11.82 0.84 2.66
CA GLU A 79 -12.73 -0.05 3.38
C GLU A 79 -12.08 -0.59 4.64
N ALA A 80 -10.77 -0.82 4.57
CA ALA A 80 -10.03 -1.34 5.72
C ALA A 80 -9.93 -0.29 6.83
N PHE A 81 -10.18 0.96 6.47
CA PHE A 81 -10.11 2.06 7.44
C PHE A 81 -11.47 2.32 8.06
N LYS A 82 -12.52 2.23 7.24
CA LYS A 82 -13.88 2.46 7.71
C LYS A 82 -14.27 1.43 8.76
N THR A 83 -14.27 0.16 8.38
CA THR A 83 -14.61 -0.92 9.29
C THR A 83 -13.98 -0.70 10.67
N LYS A 84 -14.61 -1.25 11.70
CA LYS A 84 -14.11 -1.12 13.06
C LYS A 84 -13.46 -2.42 13.53
N ASP A 85 -13.92 -3.53 12.98
CA ASP A 85 -13.38 -4.84 13.34
C ASP A 85 -11.87 -4.75 13.59
N ARG A 86 -11.13 -4.28 12.59
CA ARG A 86 -9.69 -4.14 12.71
C ARG A 86 -9.28 -2.67 12.79
N ASP A 87 -8.52 -2.33 13.83
CA ASP A 87 -8.07 -0.96 14.01
C ASP A 87 -6.74 -0.72 13.30
N TYR A 88 -6.63 -1.26 12.08
CA TYR A 88 -5.41 -1.11 11.29
C TYR A 88 -5.63 -1.59 9.86
N ILE A 89 -4.58 -1.51 9.05
CA ILE A 89 -4.65 -1.94 7.66
C ILE A 89 -3.34 -2.54 7.19
N ASP A 90 -3.38 -3.83 6.84
CA ASP A 90 -2.18 -4.52 6.38
C ASP A 90 -1.73 -3.99 5.02
N PHE A 91 -0.48 -3.57 4.94
CA PHE A 91 0.07 -3.04 3.70
C PHE A 91 1.31 -3.83 3.27
N LEU A 92 1.12 -4.70 2.27
CA LEU A 92 2.21 -5.52 1.76
C LEU A 92 2.97 -4.79 0.66
N VAL A 93 4.20 -4.36 0.99
CA VAL A 93 5.03 -3.65 0.02
C VAL A 93 6.32 -4.42 -0.27
N THR A 94 6.92 -4.14 -1.41
CA THR A 94 8.15 -4.81 -1.81
C THR A 94 9.06 -3.88 -2.60
N GLU A 95 10.16 -3.47 -1.99
CA GLU A 95 11.11 -2.57 -2.64
C GLU A 95 11.76 -3.24 -3.85
N PHE A 96 11.12 -3.12 -5.01
CA PHE A 96 11.63 -3.72 -6.24
C PHE A 96 12.96 -3.07 -6.64
N ASN A 97 13.89 -3.89 -7.10
CA ASN A 97 15.20 -3.41 -7.51
C ASN A 97 15.12 -2.77 -8.90
N SER A 98 14.71 -1.51 -8.94
CA SER A 98 14.58 -0.79 -10.20
C SER A 98 14.49 0.72 -9.96
N GLY A 99 14.92 1.50 -10.94
CA GLY A 99 14.88 2.95 -10.81
C GLY A 99 15.75 3.64 -11.85
N PRO A 100 16.15 4.89 -11.56
CA PRO A 100 16.98 5.69 -12.46
C PRO A 100 18.40 5.15 -12.55
N SER A 101 18.82 4.81 -13.77
CA SER A 101 20.17 4.29 -13.99
C SER A 101 20.93 5.15 -14.99
N SER A 102 21.95 5.85 -14.51
CA SER A 102 22.76 6.71 -15.36
C SER A 102 24.23 6.29 -15.33
N GLY A 103 25.02 6.89 -16.21
CA GLY A 103 26.44 6.56 -16.26
C GLY A 103 26.91 6.26 -17.67
N GLY A 1 5.11 -26.12 5.22
CA GLY A 1 4.96 -24.85 4.54
C GLY A 1 6.15 -24.51 3.67
N SER A 2 6.41 -23.22 3.50
CA SER A 2 7.54 -22.77 2.68
C SER A 2 8.11 -21.47 3.22
N SER A 3 9.39 -21.50 3.59
CA SER A 3 10.07 -20.33 4.13
C SER A 3 10.99 -19.71 3.09
N GLY A 4 10.93 -18.39 2.97
CA GLY A 4 11.76 -17.69 2.01
C GLY A 4 10.96 -17.09 0.87
N SER A 5 10.01 -16.21 1.22
CA SER A 5 9.17 -15.57 0.21
C SER A 5 9.48 -14.08 0.12
N SER A 6 8.87 -13.42 -0.86
CA SER A 6 9.08 -11.98 -1.06
C SER A 6 7.90 -11.19 -0.51
N GLY A 7 8.14 -9.91 -0.23
CA GLY A 7 7.09 -9.05 0.28
C GLY A 7 7.38 -8.57 1.69
N THR A 8 6.80 -7.43 2.06
CA THR A 8 7.01 -6.86 3.39
C THR A 8 5.68 -6.43 4.01
N LEU A 9 5.23 -7.18 5.00
CA LEU A 9 3.97 -6.88 5.68
C LEU A 9 4.12 -5.64 6.55
N VAL A 10 3.23 -4.67 6.34
CA VAL A 10 3.26 -3.43 7.10
C VAL A 10 1.91 -3.17 7.78
N ARG A 11 1.91 -3.21 9.11
CA ARG A 11 0.70 -2.98 9.88
C ARG A 11 0.56 -1.50 10.26
N VAL A 12 -0.36 -0.81 9.60
CA VAL A 12 -0.58 0.61 9.87
C VAL A 12 -1.73 0.79 10.86
N LYS A 13 -1.40 1.29 12.05
CA LYS A 13 -2.40 1.53 13.09
C LYS A 13 -3.23 2.77 12.78
N LYS A 14 -4.52 2.70 13.05
CA LYS A 14 -5.42 3.82 12.80
C LYS A 14 -5.19 4.93 13.81
N SER A 15 -4.02 5.55 13.76
CA SER A 15 -3.66 6.63 14.68
C SER A 15 -4.26 7.95 14.21
N ALA A 16 -4.09 8.24 12.92
CA ALA A 16 -4.61 9.48 12.34
C ALA A 16 -6.13 9.46 12.31
N ALA A 17 -6.72 10.58 11.87
CA ALA A 17 -8.16 10.70 11.79
C ALA A 17 -8.69 10.16 10.46
N THR A 18 -7.95 10.44 9.39
CA THR A 18 -8.35 9.98 8.07
C THR A 18 -7.14 9.51 7.27
N LEU A 19 -7.35 8.50 6.43
CA LEU A 19 -6.27 7.95 5.60
C LEU A 19 -5.85 8.95 4.53
N GLY A 20 -4.55 8.96 4.23
CA GLY A 20 -4.03 9.87 3.23
C GLY A 20 -2.87 9.28 2.45
N ILE A 21 -3.17 8.48 1.44
CA ILE A 21 -2.15 7.84 0.63
C ILE A 21 -2.50 7.90 -0.85
N ALA A 22 -1.52 8.23 -1.69
CA ALA A 22 -1.73 8.30 -3.13
C ALA A 22 -0.95 7.23 -3.86
N ILE A 23 -1.54 6.71 -4.94
CA ILE A 23 -0.89 5.67 -5.73
C ILE A 23 -1.11 5.89 -7.22
N GLU A 24 -0.53 5.02 -8.04
CA GLU A 24 -0.67 5.12 -9.49
C GLU A 24 -0.36 3.78 -10.16
N GLY A 25 -1.05 3.50 -11.26
CA GLY A 25 -0.83 2.26 -11.97
C GLY A 25 -2.11 1.46 -12.15
N GLY A 26 -1.98 0.13 -12.17
CA GLY A 26 -3.14 -0.72 -12.33
C GLY A 26 -2.93 -1.79 -13.39
N ALA A 27 -3.64 -2.90 -13.25
CA ALA A 27 -3.52 -4.00 -14.20
C ALA A 27 -3.57 -3.49 -15.64
N ASN A 28 -4.43 -2.51 -15.89
CA ASN A 28 -4.57 -1.94 -17.22
C ASN A 28 -3.23 -1.39 -17.73
N THR A 29 -2.42 -0.88 -16.80
CA THR A 29 -1.12 -0.32 -17.16
C THR A 29 -0.01 -1.36 -16.94
N ARG A 30 1.19 -1.02 -17.38
CA ARG A 30 2.34 -1.91 -17.25
C ARG A 30 2.49 -2.37 -15.80
N GLN A 31 2.16 -1.49 -14.87
CA GLN A 31 2.26 -1.80 -13.44
C GLN A 31 1.01 -2.53 -12.95
N PRO A 32 1.19 -3.80 -12.56
CA PRO A 32 0.08 -4.62 -12.06
C PRO A 32 -0.42 -4.16 -10.69
N LEU A 33 0.53 -3.95 -9.77
CA LEU A 33 0.18 -3.51 -8.42
C LEU A 33 0.38 -2.00 -8.28
N PRO A 34 -0.40 -1.39 -7.37
CA PRO A 34 -0.33 0.05 -7.11
C PRO A 34 0.96 0.44 -6.42
N ARG A 35 1.52 1.59 -6.81
CA ARG A 35 2.76 2.08 -6.22
C ARG A 35 2.55 3.45 -5.58
N ILE A 36 2.99 3.59 -4.33
CA ILE A 36 2.85 4.85 -3.61
C ILE A 36 3.67 5.95 -4.26
N VAL A 37 3.00 7.02 -4.68
CA VAL A 37 3.67 8.14 -5.31
C VAL A 37 3.78 9.32 -4.36
N THR A 38 2.82 9.43 -3.43
CA THR A 38 2.82 10.51 -2.46
C THR A 38 2.11 10.10 -1.18
N ILE A 39 2.70 10.44 -0.05
CA ILE A 39 2.12 10.10 1.25
C ILE A 39 1.63 11.35 1.98
N GLN A 40 0.33 11.60 1.91
CA GLN A 40 -0.25 12.76 2.57
C GLN A 40 0.21 12.87 4.02
N ARG A 41 0.04 14.04 4.61
CA ARG A 41 0.43 14.26 5.99
C ARG A 41 -0.68 13.89 6.95
N GLY A 42 -0.41 13.97 8.25
CA GLY A 42 -1.40 13.63 9.25
C GLY A 42 -2.22 12.41 8.87
N GLY A 43 -1.58 11.49 8.14
CA GLY A 43 -2.27 10.28 7.73
C GLY A 43 -1.74 9.04 8.41
N SER A 44 -2.59 8.05 8.61
CA SER A 44 -2.20 6.81 9.26
C SER A 44 -0.90 6.28 8.67
N ALA A 45 -0.66 6.59 7.41
CA ALA A 45 0.56 6.15 6.73
C ALA A 45 1.77 6.91 7.23
N HIS A 46 1.76 8.23 7.08
CA HIS A 46 2.86 9.07 7.52
C HIS A 46 3.00 9.03 9.04
N ASN A 47 1.92 9.33 9.74
CA ASN A 47 1.93 9.34 11.19
C ASN A 47 2.66 8.12 11.74
N CYS A 48 2.15 6.93 11.43
CA CYS A 48 2.77 5.69 11.89
C CYS A 48 4.24 5.64 11.52
N GLY A 49 4.58 6.28 10.40
CA GLY A 49 5.97 6.31 9.96
C GLY A 49 6.51 4.91 9.70
N GLN A 50 5.94 4.22 8.73
CA GLN A 50 6.38 2.87 8.39
C GLN A 50 6.60 2.72 6.89
N LEU A 51 5.81 3.45 6.11
CA LEU A 51 5.92 3.40 4.65
C LEU A 51 6.80 4.53 4.13
N LYS A 52 7.16 4.46 2.86
CA LYS A 52 7.99 5.48 2.24
C LYS A 52 7.64 5.66 0.77
N VAL A 53 7.70 6.90 0.30
CA VAL A 53 7.38 7.22 -1.08
C VAL A 53 8.18 6.33 -2.04
N GLY A 54 7.49 5.38 -2.67
CA GLY A 54 8.16 4.48 -3.60
C GLY A 54 7.85 3.02 -3.32
N HIS A 55 6.83 2.78 -2.50
CA HIS A 55 6.44 1.43 -2.14
C HIS A 55 5.38 0.91 -3.11
N VAL A 56 5.14 -0.40 -3.07
CA VAL A 56 4.15 -1.03 -3.95
C VAL A 56 3.22 -1.95 -3.16
N ILE A 57 1.99 -1.50 -2.95
CA ILE A 57 1.01 -2.29 -2.22
C ILE A 57 0.52 -3.47 -3.05
N LEU A 58 0.93 -4.67 -2.65
CA LEU A 58 0.54 -5.89 -3.35
C LEU A 58 -0.68 -6.52 -2.70
N GLU A 59 -0.86 -6.25 -1.41
CA GLU A 59 -1.99 -6.79 -0.67
C GLU A 59 -2.38 -5.87 0.49
N VAL A 60 -3.67 -5.85 0.82
CA VAL A 60 -4.17 -5.01 1.90
C VAL A 60 -5.30 -5.70 2.64
N ASN A 61 -5.14 -5.86 3.95
CA ASN A 61 -6.15 -6.50 4.78
C ASN A 61 -6.42 -7.92 4.30
N GLY A 62 -5.41 -8.56 3.72
CA GLY A 62 -5.56 -9.91 3.22
C GLY A 62 -5.92 -9.95 1.75
N LEU A 63 -6.61 -8.91 1.27
CA LEU A 63 -7.00 -8.84 -0.13
C LEU A 63 -5.83 -8.41 -1.00
N THR A 64 -5.41 -9.30 -1.90
CA THR A 64 -4.30 -9.02 -2.81
C THR A 64 -4.74 -8.09 -3.94
N LEU A 65 -4.00 -7.02 -4.15
CA LEU A 65 -4.30 -6.06 -5.21
C LEU A 65 -3.80 -6.57 -6.55
N ARG A 66 -3.43 -7.85 -6.60
CA ARG A 66 -2.94 -8.45 -7.84
C ARG A 66 -3.98 -8.35 -8.95
N GLY A 67 -3.54 -7.91 -10.12
CA GLY A 67 -4.44 -7.76 -11.25
C GLY A 67 -5.57 -6.80 -10.97
N LYS A 68 -5.31 -5.81 -10.12
CA LYS A 68 -6.31 -4.82 -9.76
C LYS A 68 -5.89 -3.42 -10.23
N GLU A 69 -6.86 -2.61 -10.60
CA GLU A 69 -6.59 -1.25 -11.07
C GLU A 69 -6.44 -0.29 -9.88
N HIS A 70 -5.50 0.63 -10.00
CA HIS A 70 -5.25 1.61 -8.94
C HIS A 70 -6.56 2.06 -8.29
N ARG A 71 -7.57 2.32 -9.13
CA ARG A 71 -8.87 2.75 -8.64
C ARG A 71 -9.48 1.70 -7.72
N GLU A 72 -9.42 0.44 -8.13
CA GLU A 72 -9.96 -0.66 -7.35
C GLU A 72 -9.27 -0.75 -5.98
N ALA A 73 -7.97 -0.51 -5.96
CA ALA A 73 -7.19 -0.55 -4.73
C ALA A 73 -7.62 0.56 -3.78
N ALA A 74 -7.59 1.79 -4.26
CA ALA A 74 -7.97 2.95 -3.46
C ALA A 74 -9.22 2.64 -2.63
N ARG A 75 -10.16 1.90 -3.22
CA ARG A 75 -11.39 1.54 -2.54
C ARG A 75 -11.15 0.45 -1.52
N ILE A 76 -10.39 -0.57 -1.91
CA ILE A 76 -10.09 -1.69 -1.02
C ILE A 76 -9.41 -1.20 0.26
N ILE A 77 -8.38 -0.38 0.10
CA ILE A 77 -7.66 0.16 1.25
C ILE A 77 -8.59 0.94 2.17
N ALA A 78 -9.31 1.90 1.60
CA ALA A 78 -10.23 2.72 2.38
C ALA A 78 -11.18 1.84 3.21
N GLU A 79 -11.72 0.81 2.57
CA GLU A 79 -12.64 -0.09 3.25
C GLU A 79 -12.00 -0.69 4.50
N ALA A 80 -10.68 -0.88 4.45
CA ALA A 80 -9.94 -1.44 5.57
C ALA A 80 -9.94 -0.48 6.76
N PHE A 81 -10.14 0.81 6.47
CA PHE A 81 -10.16 1.82 7.52
C PHE A 81 -11.57 2.02 8.05
N LYS A 82 -12.55 1.98 7.16
CA LYS A 82 -13.95 2.15 7.55
C LYS A 82 -14.33 1.17 8.65
N THR A 83 -14.11 -0.12 8.39
CA THR A 83 -14.42 -1.16 9.36
C THR A 83 -13.97 -0.77 10.76
N LYS A 84 -14.58 -1.38 11.77
CA LYS A 84 -14.23 -1.10 13.16
C LYS A 84 -13.55 -2.31 13.81
N ASP A 85 -13.90 -3.51 13.32
CA ASP A 85 -13.33 -4.74 13.85
C ASP A 85 -11.82 -4.61 14.01
N ARG A 86 -11.13 -4.41 12.90
CA ARG A 86 -9.67 -4.27 12.92
C ARG A 86 -9.26 -2.84 13.23
N ASP A 87 -8.29 -2.68 14.11
CA ASP A 87 -7.80 -1.35 14.49
C ASP A 87 -6.54 -1.00 13.72
N TYR A 88 -6.49 -1.41 12.46
CA TYR A 88 -5.33 -1.13 11.61
C TYR A 88 -5.58 -1.61 10.18
N ILE A 89 -4.57 -1.45 9.33
CA ILE A 89 -4.68 -1.87 7.93
C ILE A 89 -3.37 -2.47 7.44
N ASP A 90 -3.40 -3.75 7.10
CA ASP A 90 -2.22 -4.45 6.60
C ASP A 90 -1.80 -3.91 5.24
N PHE A 91 -0.49 -3.71 5.07
CA PHE A 91 0.03 -3.20 3.82
C PHE A 91 1.26 -3.99 3.38
N LEU A 92 1.07 -4.87 2.40
CA LEU A 92 2.16 -5.70 1.90
C LEU A 92 2.93 -4.97 0.79
N VAL A 93 4.10 -4.45 1.14
CA VAL A 93 4.93 -3.73 0.18
C VAL A 93 6.22 -4.50 -0.10
N THR A 94 6.89 -4.14 -1.19
CA THR A 94 8.14 -4.78 -1.58
C THR A 94 9.04 -3.82 -2.33
N GLU A 95 10.11 -3.37 -1.67
CA GLU A 95 11.06 -2.45 -2.28
C GLU A 95 11.76 -3.09 -3.47
N PHE A 96 11.09 -3.12 -4.61
CA PHE A 96 11.65 -3.71 -5.82
C PHE A 96 12.98 -3.07 -6.18
N ASN A 97 14.08 -3.72 -5.78
CA ASN A 97 15.41 -3.20 -6.06
C ASN A 97 16.07 -3.98 -7.20
N SER A 98 16.49 -3.26 -8.24
CA SER A 98 17.14 -3.88 -9.38
C SER A 98 18.35 -3.07 -9.84
N GLY A 99 19.53 -3.65 -9.66
CA GLY A 99 20.76 -2.97 -10.06
C GLY A 99 21.09 -1.80 -9.15
N PRO A 100 22.09 -1.01 -9.53
CA PRO A 100 22.52 0.16 -8.77
C PRO A 100 21.50 1.29 -8.80
N SER A 101 20.45 1.11 -9.60
CA SER A 101 19.40 2.11 -9.71
C SER A 101 20.00 3.51 -9.87
N SER A 102 20.94 3.64 -10.80
CA SER A 102 21.60 4.92 -11.05
C SER A 102 20.82 5.74 -12.06
N GLY A 103 19.97 6.64 -11.56
CA GLY A 103 19.18 7.48 -12.44
C GLY A 103 17.89 7.95 -11.78
N GLY A 1 0.82 -24.18 -2.48
CA GLY A 1 1.68 -24.23 -3.64
C GLY A 1 2.77 -23.17 -3.62
N SER A 2 2.36 -21.92 -3.46
CA SER A 2 3.30 -20.80 -3.41
C SER A 2 4.20 -20.90 -2.19
N SER A 3 5.44 -20.46 -2.34
CA SER A 3 6.42 -20.50 -1.25
C SER A 3 7.47 -19.41 -1.42
N GLY A 4 7.89 -18.82 -0.31
CA GLY A 4 8.90 -17.77 -0.36
C GLY A 4 8.47 -16.61 -1.23
N SER A 5 7.82 -15.62 -0.63
CA SER A 5 7.37 -14.45 -1.36
C SER A 5 8.13 -13.20 -0.93
N SER A 6 8.31 -12.27 -1.87
CA SER A 6 9.03 -11.04 -1.59
C SER A 6 8.07 -9.94 -1.14
N GLY A 7 8.40 -9.29 -0.02
CA GLY A 7 7.56 -8.22 0.49
C GLY A 7 7.82 -7.94 1.95
N THR A 8 7.22 -6.86 2.46
CA THR A 8 7.38 -6.48 3.86
C THR A 8 6.06 -6.06 4.47
N LEU A 9 5.50 -6.92 5.33
CA LEU A 9 4.23 -6.64 5.98
C LEU A 9 4.34 -5.38 6.84
N VAL A 10 3.51 -4.39 6.52
CA VAL A 10 3.51 -3.13 7.26
C VAL A 10 2.14 -2.85 7.86
N ARG A 11 2.02 -2.98 9.17
CA ARG A 11 0.76 -2.74 9.85
C ARG A 11 0.59 -1.26 10.19
N VAL A 12 -0.48 -0.66 9.67
CA VAL A 12 -0.75 0.76 9.92
C VAL A 12 -1.99 0.94 10.78
N LYS A 13 -1.78 1.14 12.07
CA LYS A 13 -2.88 1.33 13.01
C LYS A 13 -3.58 2.65 12.75
N LYS A 14 -4.91 2.63 12.85
CA LYS A 14 -5.70 3.84 12.63
C LYS A 14 -5.41 4.89 13.69
N SER A 15 -4.35 5.67 13.48
CA SER A 15 -3.96 6.70 14.43
C SER A 15 -4.32 8.09 13.90
N ALA A 16 -3.90 8.37 12.67
CA ALA A 16 -4.19 9.66 12.04
C ALA A 16 -5.69 9.90 11.94
N ALA A 17 -6.07 11.13 11.59
CA ALA A 17 -7.47 11.49 11.46
C ALA A 17 -8.08 10.87 10.20
N THR A 18 -7.43 11.09 9.06
CA THR A 18 -7.91 10.55 7.80
C THR A 18 -6.76 10.02 6.95
N LEU A 19 -6.82 8.74 6.62
CA LEU A 19 -5.78 8.10 5.81
C LEU A 19 -5.34 9.02 4.68
N GLY A 20 -4.08 9.45 4.73
CA GLY A 20 -3.55 10.33 3.70
C GLY A 20 -2.46 9.67 2.88
N ILE A 21 -2.86 9.03 1.78
CA ILE A 21 -1.91 8.36 0.91
C ILE A 21 -2.41 8.34 -0.53
N ALA A 22 -1.48 8.42 -1.48
CA ALA A 22 -1.82 8.41 -2.90
C ALA A 22 -1.05 7.32 -3.63
N ILE A 23 -1.64 6.81 -4.71
CA ILE A 23 -1.02 5.77 -5.51
C ILE A 23 -1.29 5.97 -6.99
N GLU A 24 -0.71 5.11 -7.82
CA GLU A 24 -0.88 5.20 -9.26
C GLU A 24 -0.57 3.86 -9.93
N GLY A 25 -1.12 3.67 -11.13
CA GLY A 25 -0.89 2.43 -11.86
C GLY A 25 -2.17 1.66 -12.09
N GLY A 26 -2.09 0.33 -12.00
CA GLY A 26 -3.26 -0.51 -12.21
C GLY A 26 -3.05 -1.53 -13.31
N ALA A 27 -3.64 -2.70 -13.15
CA ALA A 27 -3.53 -3.76 -14.13
C ALA A 27 -3.55 -3.21 -15.55
N ASN A 28 -4.20 -2.06 -15.72
CA ASN A 28 -4.30 -1.42 -17.03
C ASN A 28 -2.92 -1.05 -17.55
N THR A 29 -2.16 -0.30 -16.75
CA THR A 29 -0.82 0.12 -17.14
C THR A 29 0.19 -0.99 -16.90
N ARG A 30 1.45 -0.70 -17.19
CA ARG A 30 2.52 -1.69 -17.00
C ARG A 30 2.61 -2.13 -15.55
N GLN A 31 2.20 -1.24 -14.64
CA GLN A 31 2.23 -1.55 -13.22
C GLN A 31 0.97 -2.26 -12.79
N PRO A 32 1.10 -3.54 -12.39
CA PRO A 32 -0.03 -4.36 -11.94
C PRO A 32 -0.57 -3.90 -10.59
N LEU A 33 0.32 -3.71 -9.63
CA LEU A 33 -0.07 -3.28 -8.30
C LEU A 33 0.09 -1.76 -8.14
N PRO A 34 -0.66 -1.17 -7.21
CA PRO A 34 -0.61 0.27 -6.95
C PRO A 34 0.70 0.69 -6.28
N ARG A 35 1.29 1.77 -6.79
CA ARG A 35 2.55 2.27 -6.24
C ARG A 35 2.35 3.64 -5.60
N ILE A 36 2.78 3.77 -4.35
CA ILE A 36 2.65 5.03 -3.62
C ILE A 36 3.42 6.14 -4.30
N VAL A 37 2.74 7.24 -4.60
CA VAL A 37 3.36 8.38 -5.26
C VAL A 37 3.53 9.55 -4.28
N THR A 38 2.59 9.68 -3.35
CA THR A 38 2.64 10.75 -2.37
C THR A 38 2.12 10.28 -1.01
N ILE A 39 2.85 10.61 0.04
CA ILE A 39 2.47 10.21 1.39
C ILE A 39 2.28 11.43 2.29
N GLN A 40 1.04 11.86 2.45
CA GLN A 40 0.72 13.02 3.28
C GLN A 40 1.34 12.87 4.67
N ARG A 41 1.98 13.94 5.14
CA ARG A 41 2.61 13.93 6.45
C ARG A 41 1.59 13.65 7.55
N GLY A 42 0.33 13.98 7.27
CA GLY A 42 -0.72 13.76 8.25
C GLY A 42 -1.52 12.51 7.97
N GLY A 43 -0.86 11.49 7.42
CA GLY A 43 -1.53 10.25 7.10
C GLY A 43 -1.12 9.11 8.01
N SER A 44 -2.07 8.25 8.35
CA SER A 44 -1.80 7.12 9.24
C SER A 44 -0.62 6.31 8.73
N ALA A 45 -0.45 6.29 7.41
CA ALA A 45 0.65 5.55 6.79
C ALA A 45 1.99 6.24 7.04
N HIS A 46 1.95 7.57 7.08
CA HIS A 46 3.16 8.36 7.30
C HIS A 46 3.61 8.25 8.76
N ASN A 47 2.71 8.53 9.68
CA ASN A 47 3.02 8.46 11.11
C ASN A 47 3.16 7.01 11.56
N CYS A 48 2.17 6.19 11.23
CA CYS A 48 2.18 4.78 11.61
C CYS A 48 2.58 3.91 10.43
N GLY A 49 2.92 2.66 10.71
CA GLY A 49 3.33 1.73 9.66
C GLY A 49 4.57 2.20 8.94
N GLN A 50 5.57 1.32 8.86
CA GLN A 50 6.83 1.65 8.20
C GLN A 50 6.64 1.67 6.68
N LEU A 51 6.47 2.87 6.13
CA LEU A 51 6.28 3.03 4.69
C LEU A 51 7.02 4.27 4.19
N LYS A 52 7.13 4.37 2.86
CA LYS A 52 7.80 5.51 2.24
C LYS A 52 7.22 5.82 0.88
N VAL A 53 7.49 7.01 0.37
CA VAL A 53 7.00 7.42 -0.94
C VAL A 53 7.68 6.64 -2.05
N GLY A 54 6.93 5.75 -2.70
CA GLY A 54 7.48 4.96 -3.78
C GLY A 54 7.18 3.48 -3.62
N HIS A 55 6.70 3.10 -2.43
CA HIS A 55 6.38 1.71 -2.16
C HIS A 55 5.27 1.21 -3.09
N VAL A 56 5.02 -0.09 -3.05
CA VAL A 56 3.98 -0.70 -3.89
C VAL A 56 3.15 -1.70 -3.10
N ILE A 57 1.88 -1.34 -2.88
CA ILE A 57 0.97 -2.22 -2.14
C ILE A 57 0.53 -3.40 -2.98
N LEU A 58 0.90 -4.60 -2.54
CA LEU A 58 0.54 -5.83 -3.26
C LEU A 58 -0.62 -6.54 -2.56
N GLU A 59 -0.68 -6.39 -1.24
CA GLU A 59 -1.74 -7.03 -0.46
C GLU A 59 -2.19 -6.12 0.68
N VAL A 60 -3.50 -6.07 0.91
CA VAL A 60 -4.06 -5.25 1.97
C VAL A 60 -5.08 -6.03 2.80
N ASN A 61 -4.83 -6.09 4.10
CA ASN A 61 -5.72 -6.82 5.01
C ASN A 61 -5.98 -8.23 4.50
N GLY A 62 -4.99 -8.82 3.85
CA GLY A 62 -5.14 -10.16 3.32
C GLY A 62 -5.56 -10.17 1.86
N LEU A 63 -6.29 -9.14 1.46
CA LEU A 63 -6.77 -9.02 0.07
C LEU A 63 -5.61 -8.79 -0.88
N THR A 64 -5.65 -9.47 -2.03
CA THR A 64 -4.60 -9.33 -3.03
C THR A 64 -4.96 -8.28 -4.06
N LEU A 65 -4.06 -7.32 -4.27
CA LEU A 65 -4.29 -6.25 -5.25
C LEU A 65 -3.79 -6.65 -6.62
N ARG A 66 -3.35 -7.91 -6.75
CA ARG A 66 -2.85 -8.42 -8.02
C ARG A 66 -3.92 -8.34 -9.10
N GLY A 67 -3.59 -7.71 -10.22
CA GLY A 67 -4.53 -7.58 -11.32
C GLY A 67 -5.65 -6.62 -11.00
N LYS A 68 -5.41 -5.72 -10.06
CA LYS A 68 -6.41 -4.73 -9.66
C LYS A 68 -5.96 -3.32 -10.02
N GLU A 69 -6.83 -2.59 -10.71
CA GLU A 69 -6.52 -1.22 -11.11
C GLU A 69 -6.39 -0.31 -9.90
N HIS A 70 -5.53 0.71 -10.02
CA HIS A 70 -5.32 1.65 -8.92
C HIS A 70 -6.63 2.04 -8.28
N ARG A 71 -7.63 2.33 -9.11
CA ARG A 71 -8.95 2.71 -8.62
C ARG A 71 -9.54 1.63 -7.73
N GLU A 72 -9.48 0.38 -8.20
CA GLU A 72 -10.02 -0.74 -7.46
C GLU A 72 -9.34 -0.87 -6.09
N ALA A 73 -8.01 -0.75 -6.10
CA ALA A 73 -7.24 -0.84 -4.86
C ALA A 73 -7.60 0.29 -3.91
N ALA A 74 -7.62 1.52 -4.42
CA ALA A 74 -7.94 2.68 -3.61
C ALA A 74 -9.20 2.44 -2.78
N ARG A 75 -10.14 1.69 -3.34
CA ARG A 75 -11.40 1.39 -2.66
C ARG A 75 -11.17 0.33 -1.59
N ILE A 76 -10.40 -0.70 -1.93
CA ILE A 76 -10.13 -1.79 -0.99
C ILE A 76 -9.50 -1.25 0.30
N ILE A 77 -8.46 -0.44 0.14
CA ILE A 77 -7.77 0.14 1.29
C ILE A 77 -8.72 1.00 2.13
N ALA A 78 -9.38 1.94 1.47
CA ALA A 78 -10.32 2.82 2.16
C ALA A 78 -11.31 2.01 3.01
N GLU A 79 -11.83 0.93 2.43
CA GLU A 79 -12.79 0.09 3.13
C GLU A 79 -12.19 -0.46 4.42
N ALA A 80 -10.88 -0.67 4.42
CA ALA A 80 -10.18 -1.20 5.58
C ALA A 80 -10.10 -0.14 6.69
N PHE A 81 -10.34 1.11 6.32
CA PHE A 81 -10.29 2.22 7.27
C PHE A 81 -11.69 2.52 7.82
N LYS A 82 -12.68 2.49 6.94
CA LYS A 82 -14.06 2.76 7.33
C LYS A 82 -14.51 1.81 8.44
N THR A 83 -14.45 0.52 8.16
CA THR A 83 -14.85 -0.50 9.12
C THR A 83 -14.41 -0.12 10.53
N LYS A 84 -15.27 -0.39 11.52
CA LYS A 84 -14.96 -0.08 12.90
C LYS A 84 -14.29 -1.27 13.59
N ASP A 85 -14.69 -2.47 13.20
CA ASP A 85 -14.13 -3.69 13.77
C ASP A 85 -12.60 -3.61 13.84
N ARG A 86 -11.97 -3.61 12.66
CA ARG A 86 -10.51 -3.53 12.59
C ARG A 86 -10.00 -2.21 13.16
N ASP A 87 -8.76 -2.21 13.64
CA ASP A 87 -8.17 -1.01 14.20
C ASP A 87 -6.85 -0.68 13.50
N TYR A 88 -6.61 -1.33 12.36
CA TYR A 88 -5.40 -1.11 11.60
C TYR A 88 -5.59 -1.52 10.14
N ILE A 89 -4.54 -1.34 9.34
CA ILE A 89 -4.59 -1.69 7.93
C ILE A 89 -3.27 -2.30 7.46
N ASP A 90 -3.31 -3.57 7.08
CA ASP A 90 -2.12 -4.27 6.62
C ASP A 90 -1.68 -3.75 5.26
N PHE A 91 -0.39 -3.50 5.12
CA PHE A 91 0.16 -2.99 3.86
C PHE A 91 1.43 -3.74 3.48
N LEU A 92 1.29 -4.68 2.54
CA LEU A 92 2.43 -5.47 2.09
C LEU A 92 3.13 -4.81 0.91
N VAL A 93 4.26 -4.18 1.17
CA VAL A 93 5.03 -3.50 0.13
C VAL A 93 6.28 -4.29 -0.24
N THR A 94 6.85 -3.97 -1.39
CA THR A 94 8.06 -4.65 -1.86
C THR A 94 9.17 -3.65 -2.16
N GLU A 95 8.80 -2.39 -2.31
CA GLU A 95 9.78 -1.34 -2.59
C GLU A 95 10.70 -1.75 -3.74
N PHE A 96 10.11 -2.19 -4.84
CA PHE A 96 10.88 -2.61 -6.00
C PHE A 96 12.14 -1.76 -6.17
N ASN A 97 13.28 -2.42 -6.30
CA ASN A 97 14.55 -1.73 -6.47
C ASN A 97 15.08 -1.89 -7.88
N SER A 98 16.04 -1.05 -8.25
CA SER A 98 16.64 -1.11 -9.58
C SER A 98 17.82 -0.15 -9.69
N GLY A 99 18.53 -0.23 -10.81
CA GLY A 99 19.68 0.64 -11.02
C GLY A 99 19.56 1.46 -12.29
N PRO A 100 19.92 0.83 -13.43
CA PRO A 100 19.86 1.49 -14.74
C PRO A 100 18.43 1.73 -15.20
N SER A 101 18.29 2.55 -16.24
CA SER A 101 16.97 2.86 -16.78
C SER A 101 15.96 3.09 -15.66
N SER A 102 16.39 3.78 -14.61
CA SER A 102 15.53 4.06 -13.48
C SER A 102 15.05 5.50 -13.49
N GLY A 103 13.74 5.69 -13.36
CA GLY A 103 13.18 7.03 -13.38
C GLY A 103 11.67 7.03 -13.21
N GLY A 1 -5.75 -16.99 2.44
CA GLY A 1 -4.71 -16.05 2.07
C GLY A 1 -3.86 -16.54 0.90
N SER A 2 -3.16 -15.62 0.26
CA SER A 2 -2.32 -15.97 -0.88
C SER A 2 -0.85 -16.07 -0.47
N SER A 3 -0.13 -16.97 -1.13
CA SER A 3 1.28 -17.16 -0.84
C SER A 3 2.15 -16.14 -1.56
N GLY A 4 3.02 -15.46 -0.81
CA GLY A 4 3.89 -14.47 -1.40
C GLY A 4 5.04 -14.10 -0.49
N SER A 5 6.16 -14.81 -0.64
CA SER A 5 7.34 -14.56 0.18
C SER A 5 7.89 -13.16 -0.07
N SER A 6 8.19 -12.86 -1.33
CA SER A 6 8.72 -11.56 -1.71
C SER A 6 7.77 -10.44 -1.28
N GLY A 7 8.11 -9.79 -0.17
CA GLY A 7 7.27 -8.71 0.33
C GLY A 7 7.45 -8.47 1.82
N THR A 8 6.87 -7.39 2.32
CA THR A 8 6.98 -7.04 3.73
C THR A 8 5.67 -6.49 4.27
N LEU A 9 5.05 -7.21 5.20
CA LEU A 9 3.79 -6.77 5.78
C LEU A 9 4.01 -5.62 6.76
N VAL A 10 3.36 -4.50 6.49
CA VAL A 10 3.49 -3.32 7.34
C VAL A 10 2.14 -2.95 7.95
N ARG A 11 1.99 -3.20 9.25
CA ARG A 11 0.76 -2.89 9.96
C ARG A 11 0.69 -1.41 10.30
N VAL A 12 -0.30 -0.72 9.72
CA VAL A 12 -0.48 0.70 9.96
C VAL A 12 -1.72 0.96 10.82
N LYS A 13 -1.50 1.25 12.10
CA LYS A 13 -2.59 1.52 13.03
C LYS A 13 -3.29 2.82 12.66
N LYS A 14 -4.63 2.80 12.71
CA LYS A 14 -5.42 3.98 12.38
C LYS A 14 -5.31 5.02 13.49
N SER A 15 -4.29 5.87 13.40
CA SER A 15 -4.07 6.90 14.40
C SER A 15 -4.87 8.16 14.06
N ALA A 16 -4.80 8.57 12.80
CA ALA A 16 -5.52 9.76 12.34
C ALA A 16 -7.01 9.46 12.18
N ALA A 17 -7.76 10.47 11.73
CA ALA A 17 -9.19 10.32 11.53
C ALA A 17 -9.50 9.73 10.16
N THR A 18 -8.55 9.90 9.22
CA THR A 18 -8.72 9.39 7.87
C THR A 18 -7.38 9.07 7.23
N LEU A 19 -7.34 8.01 6.44
CA LEU A 19 -6.11 7.60 5.77
C LEU A 19 -5.85 8.45 4.54
N GLY A 20 -4.68 9.08 4.49
CA GLY A 20 -4.33 9.93 3.37
C GLY A 20 -3.13 9.40 2.60
N ILE A 21 -3.39 8.69 1.51
CA ILE A 21 -2.32 8.13 0.70
C ILE A 21 -2.67 8.20 -0.79
N ALA A 22 -1.64 8.29 -1.63
CA ALA A 22 -1.84 8.35 -3.07
C ALA A 22 -1.06 7.25 -3.78
N ILE A 23 -1.65 6.71 -4.85
CA ILE A 23 -1.01 5.66 -5.62
C ILE A 23 -1.25 5.83 -7.11
N GLU A 24 -0.67 4.95 -7.91
CA GLU A 24 -0.83 5.01 -9.36
C GLU A 24 -0.53 3.65 -9.99
N GLY A 25 -0.84 3.53 -11.29
CA GLY A 25 -0.60 2.28 -11.99
C GLY A 25 -1.85 1.45 -12.12
N GLY A 26 -1.72 0.14 -11.97
CA GLY A 26 -2.86 -0.75 -12.09
C GLY A 26 -2.72 -1.73 -13.24
N ALA A 27 -3.45 -2.84 -13.16
CA ALA A 27 -3.41 -3.85 -14.21
C ALA A 27 -3.22 -3.21 -15.58
N ASN A 28 -4.24 -2.49 -16.04
CA ASN A 28 -4.19 -1.84 -17.34
C ASN A 28 -2.80 -1.27 -17.61
N THR A 29 -2.26 -0.55 -16.63
CA THR A 29 -0.94 0.05 -16.76
C THR A 29 0.15 -0.98 -16.52
N ARG A 30 1.29 -0.80 -17.20
CA ARG A 30 2.41 -1.72 -17.06
C ARG A 30 2.51 -2.24 -15.63
N GLN A 31 2.30 -1.36 -14.66
CA GLN A 31 2.36 -1.74 -13.26
C GLN A 31 1.08 -2.42 -12.82
N PRO A 32 1.19 -3.69 -12.40
CA PRO A 32 0.05 -4.48 -11.95
C PRO A 32 -0.49 -4.00 -10.61
N LEU A 33 0.40 -3.86 -9.63
CA LEU A 33 0.02 -3.40 -8.30
C LEU A 33 0.21 -1.89 -8.16
N PRO A 34 -0.56 -1.28 -7.25
CA PRO A 34 -0.51 0.16 -7.00
C PRO A 34 0.79 0.58 -6.32
N ARG A 35 1.36 1.68 -6.78
CA ARG A 35 2.61 2.18 -6.21
C ARG A 35 2.39 3.52 -5.52
N ILE A 36 2.87 3.64 -4.28
CA ILE A 36 2.74 4.87 -3.51
C ILE A 36 3.51 6.01 -4.15
N VAL A 37 2.79 7.08 -4.51
CA VAL A 37 3.41 8.24 -5.13
C VAL A 37 3.46 9.42 -4.17
N THR A 38 2.47 9.50 -3.28
CA THR A 38 2.40 10.57 -2.30
C THR A 38 1.82 10.08 -0.99
N ILE A 39 2.38 10.56 0.12
CA ILE A 39 1.91 10.17 1.44
C ILE A 39 1.55 11.39 2.28
N GLN A 40 0.26 11.68 2.39
CA GLN A 40 -0.21 12.82 3.17
C GLN A 40 0.24 12.71 4.62
N ARG A 41 0.59 13.84 5.22
CA ARG A 41 1.04 13.88 6.60
C ARG A 41 -0.11 13.53 7.56
N GLY A 42 -1.32 13.96 7.20
CA GLY A 42 -2.47 13.69 8.02
C GLY A 42 -3.07 12.32 7.76
N GLY A 43 -2.20 11.32 7.60
CA GLY A 43 -2.66 9.97 7.34
C GLY A 43 -2.03 8.95 8.27
N SER A 44 -2.81 7.95 8.65
CA SER A 44 -2.32 6.90 9.56
C SER A 44 -1.02 6.31 9.03
N ALA A 45 -0.81 6.41 7.72
CA ALA A 45 0.39 5.87 7.10
C ALA A 45 1.62 6.68 7.51
N HIS A 46 1.52 8.00 7.41
CA HIS A 46 2.62 8.88 7.77
C HIS A 46 3.03 8.67 9.23
N ASN A 47 2.07 8.82 10.13
CA ASN A 47 2.33 8.65 11.56
C ASN A 47 3.26 7.47 11.80
N CYS A 48 3.05 6.39 11.06
CA CYS A 48 3.87 5.19 11.19
C CYS A 48 5.31 5.46 10.77
N GLY A 49 5.47 5.99 9.55
CA GLY A 49 6.80 6.29 9.05
C GLY A 49 7.48 5.08 8.44
N GLN A 50 7.22 3.91 9.02
CA GLN A 50 7.81 2.66 8.55
C GLN A 50 7.73 2.58 7.02
N LEU A 51 6.76 3.28 6.45
CA LEU A 51 6.58 3.29 5.00
C LEU A 51 7.23 4.52 4.37
N LYS A 52 7.44 4.47 3.07
CA LYS A 52 8.04 5.58 2.34
C LYS A 52 7.37 5.78 0.98
N VAL A 53 7.66 6.90 0.34
CA VAL A 53 7.08 7.21 -0.96
C VAL A 53 7.77 6.42 -2.06
N GLY A 54 6.99 5.60 -2.77
CA GLY A 54 7.55 4.80 -3.84
C GLY A 54 7.27 3.31 -3.66
N HIS A 55 6.69 2.96 -2.52
CA HIS A 55 6.38 1.56 -2.22
C HIS A 55 5.31 1.03 -3.17
N VAL A 56 4.99 -0.26 -3.05
CA VAL A 56 3.99 -0.88 -3.89
C VAL A 56 3.10 -1.82 -3.09
N ILE A 57 1.85 -1.42 -2.88
CA ILE A 57 0.91 -2.22 -2.12
C ILE A 57 0.43 -3.42 -2.93
N LEU A 58 0.85 -4.61 -2.52
CA LEU A 58 0.46 -5.85 -3.20
C LEU A 58 -0.73 -6.50 -2.52
N GLU A 59 -0.88 -6.24 -1.23
CA GLU A 59 -1.98 -6.81 -0.45
C GLU A 59 -2.44 -5.84 0.63
N VAL A 60 -3.73 -5.91 0.96
CA VAL A 60 -4.30 -5.03 1.98
C VAL A 60 -5.31 -5.78 2.85
N ASN A 61 -4.91 -6.07 4.08
CA ASN A 61 -5.79 -6.78 5.01
C ASN A 61 -6.11 -8.18 4.48
N GLY A 62 -5.17 -8.76 3.75
CA GLY A 62 -5.38 -10.09 3.19
C GLY A 62 -5.76 -10.05 1.73
N LEU A 63 -6.53 -9.04 1.35
CA LEU A 63 -6.97 -8.89 -0.04
C LEU A 63 -5.81 -8.45 -0.93
N THR A 64 -5.44 -9.31 -1.88
CA THR A 64 -4.35 -9.00 -2.80
C THR A 64 -4.82 -8.09 -3.93
N LEU A 65 -4.01 -7.08 -4.23
CA LEU A 65 -4.34 -6.13 -5.29
C LEU A 65 -3.83 -6.63 -6.64
N ARG A 66 -3.53 -7.92 -6.72
CA ARG A 66 -3.04 -8.52 -7.96
C ARG A 66 -3.98 -8.22 -9.12
N GLY A 67 -3.41 -7.79 -10.24
CA GLY A 67 -4.21 -7.47 -11.41
C GLY A 67 -5.38 -6.56 -11.08
N LYS A 68 -5.13 -5.56 -10.25
CA LYS A 68 -6.17 -4.62 -9.86
C LYS A 68 -5.80 -3.19 -10.24
N GLU A 69 -6.75 -2.47 -10.83
CA GLU A 69 -6.51 -1.09 -11.24
C GLU A 69 -6.41 -0.17 -10.03
N HIS A 70 -5.47 0.76 -10.08
CA HIS A 70 -5.27 1.71 -8.99
C HIS A 70 -6.60 2.10 -8.36
N ARG A 71 -7.61 2.32 -9.19
CA ARG A 71 -8.93 2.68 -8.71
C ARG A 71 -9.52 1.59 -7.82
N GLU A 72 -9.45 0.36 -8.30
CA GLU A 72 -9.98 -0.78 -7.55
C GLU A 72 -9.30 -0.90 -6.19
N ALA A 73 -8.00 -0.62 -6.15
CA ALA A 73 -7.24 -0.68 -4.91
C ALA A 73 -7.66 0.42 -3.95
N ALA A 74 -7.78 1.64 -4.47
CA ALA A 74 -8.18 2.78 -3.66
C ALA A 74 -9.40 2.45 -2.80
N ARG A 75 -10.30 1.66 -3.36
CA ARG A 75 -11.52 1.27 -2.65
C ARG A 75 -11.21 0.21 -1.60
N ILE A 76 -10.39 -0.76 -1.96
CA ILE A 76 -10.01 -1.83 -1.04
C ILE A 76 -9.33 -1.29 0.20
N ILE A 77 -8.38 -0.38 0.01
CA ILE A 77 -7.66 0.22 1.11
C ILE A 77 -8.59 1.04 2.00
N ALA A 78 -9.38 1.91 1.38
CA ALA A 78 -10.32 2.74 2.11
C ALA A 78 -11.28 1.90 2.95
N GLU A 79 -11.83 0.86 2.33
CA GLU A 79 -12.76 -0.03 3.02
C GLU A 79 -12.11 -0.64 4.26
N ALA A 80 -10.79 -0.76 4.24
CA ALA A 80 -10.05 -1.32 5.35
C ALA A 80 -9.92 -0.31 6.49
N PHE A 81 -10.20 0.95 6.19
CA PHE A 81 -10.11 2.02 7.19
C PHE A 81 -11.49 2.30 7.78
N LYS A 82 -12.51 2.30 6.93
CA LYS A 82 -13.87 2.56 7.39
C LYS A 82 -14.29 1.58 8.49
N THR A 83 -14.24 0.29 8.18
CA THR A 83 -14.59 -0.74 9.13
C THR A 83 -14.04 -0.43 10.52
N LYS A 84 -14.75 -0.87 11.55
CA LYS A 84 -14.32 -0.63 12.93
C LYS A 84 -13.65 -1.89 13.51
N ASP A 85 -14.09 -3.05 13.04
CA ASP A 85 -13.54 -4.31 13.52
C ASP A 85 -12.02 -4.22 13.65
N ARG A 86 -11.35 -3.93 12.54
CA ARG A 86 -9.89 -3.82 12.53
C ARG A 86 -9.46 -2.37 12.79
N ASP A 87 -8.51 -2.20 13.70
CA ASP A 87 -8.01 -0.88 14.04
C ASP A 87 -6.66 -0.62 13.38
N TYR A 88 -6.49 -1.19 12.18
CA TYR A 88 -5.25 -1.02 11.44
C TYR A 88 -5.39 -1.55 10.01
N ILE A 89 -4.42 -1.22 9.17
CA ILE A 89 -4.44 -1.66 7.77
C ILE A 89 -3.10 -2.28 7.38
N ASP A 90 -3.11 -3.58 7.12
CA ASP A 90 -1.90 -4.29 6.72
C ASP A 90 -1.49 -3.92 5.29
N PHE A 91 -0.34 -3.29 5.16
CA PHE A 91 0.17 -2.88 3.85
C PHE A 91 1.37 -3.73 3.44
N LEU A 92 1.17 -4.60 2.46
CA LEU A 92 2.23 -5.47 1.98
C LEU A 92 3.00 -4.80 0.84
N VAL A 93 4.22 -4.36 1.13
CA VAL A 93 5.05 -3.70 0.13
C VAL A 93 6.30 -4.54 -0.18
N THR A 94 6.90 -4.28 -1.33
CA THR A 94 8.10 -5.01 -1.74
C THR A 94 9.30 -4.07 -1.86
N GLU A 95 9.01 -2.77 -2.03
CA GLU A 95 10.06 -1.77 -2.16
C GLU A 95 10.92 -2.04 -3.40
N PHE A 96 10.26 -2.34 -4.52
CA PHE A 96 10.97 -2.62 -5.76
C PHE A 96 12.10 -1.62 -5.98
N ASN A 97 13.03 -1.98 -6.86
CA ASN A 97 14.17 -1.11 -7.17
C ASN A 97 13.89 -0.28 -8.42
N SER A 98 13.66 1.02 -8.23
CA SER A 98 13.39 1.91 -9.34
C SER A 98 14.27 1.59 -10.54
N GLY A 99 15.59 1.51 -10.30
CA GLY A 99 16.51 1.20 -11.36
C GLY A 99 17.80 1.99 -11.25
N PRO A 100 17.88 3.12 -11.98
CA PRO A 100 19.07 3.98 -11.98
C PRO A 100 19.24 4.71 -10.65
N SER A 101 18.29 4.53 -9.74
CA SER A 101 18.33 5.18 -8.44
C SER A 101 18.64 4.15 -7.34
N SER A 102 18.92 4.66 -6.14
CA SER A 102 19.22 3.80 -5.01
C SER A 102 18.33 4.12 -3.81
N GLY A 103 17.69 3.11 -3.25
CA GLY A 103 16.82 3.30 -2.11
C GLY A 103 15.36 3.28 -2.50
N GLY A 1 14.80 -16.50 -16.46
CA GLY A 1 13.45 -16.41 -15.91
C GLY A 1 13.41 -16.75 -14.43
N SER A 2 13.88 -15.82 -13.59
CA SER A 2 13.90 -16.03 -12.16
C SER A 2 13.99 -14.70 -11.41
N SER A 3 12.89 -14.30 -10.78
CA SER A 3 12.84 -13.04 -10.05
C SER A 3 12.75 -13.30 -8.54
N GLY A 4 11.80 -14.15 -8.15
CA GLY A 4 11.63 -14.47 -6.75
C GLY A 4 10.46 -13.74 -6.13
N SER A 5 10.02 -14.20 -4.97
CA SER A 5 8.89 -13.59 -4.27
C SER A 5 9.37 -12.83 -3.03
N SER A 6 8.95 -11.58 -2.92
CA SER A 6 9.34 -10.74 -1.79
C SER A 6 8.17 -9.85 -1.36
N GLY A 7 7.89 -9.83 -0.06
CA GLY A 7 6.82 -9.01 0.45
C GLY A 7 7.05 -8.58 1.89
N THR A 8 6.69 -7.34 2.20
CA THR A 8 6.86 -6.81 3.55
C THR A 8 5.54 -6.38 4.15
N LEU A 9 5.16 -7.00 5.26
CA LEU A 9 3.90 -6.68 5.93
C LEU A 9 4.09 -5.51 6.90
N VAL A 10 3.36 -4.42 6.65
CA VAL A 10 3.45 -3.24 7.50
C VAL A 10 2.12 -2.97 8.19
N ARG A 11 2.12 -3.06 9.52
CA ARG A 11 0.92 -2.83 10.30
C ARG A 11 0.75 -1.35 10.61
N VAL A 12 -0.09 -0.68 9.82
CA VAL A 12 -0.34 0.75 9.99
C VAL A 12 -1.61 0.98 10.81
N LYS A 13 -1.44 1.43 12.05
CA LYS A 13 -2.57 1.69 12.94
C LYS A 13 -3.36 2.90 12.45
N LYS A 14 -4.65 2.92 12.77
CA LYS A 14 -5.51 4.03 12.37
C LYS A 14 -5.55 5.10 13.45
N SER A 15 -4.56 6.00 13.42
CA SER A 15 -4.47 7.08 14.39
C SER A 15 -5.05 8.36 13.83
N ALA A 16 -4.57 8.76 12.65
CA ALA A 16 -5.02 9.97 12.00
C ALA A 16 -6.54 9.97 11.85
N ALA A 17 -7.12 11.16 11.75
CA ALA A 17 -8.57 11.30 11.60
C ALA A 17 -9.07 10.54 10.38
N THR A 18 -8.24 10.47 9.34
CA THR A 18 -8.59 9.77 8.12
C THR A 18 -7.35 9.34 7.35
N LEU A 19 -7.49 8.28 6.56
CA LEU A 19 -6.37 7.76 5.78
C LEU A 19 -6.02 8.72 4.64
N GLY A 20 -4.73 8.94 4.44
CA GLY A 20 -4.28 9.83 3.39
C GLY A 20 -3.08 9.29 2.63
N ILE A 21 -3.34 8.64 1.50
CA ILE A 21 -2.28 8.07 0.69
C ILE A 21 -2.60 8.17 -0.79
N ALA A 22 -1.57 8.33 -1.61
CA ALA A 22 -1.75 8.43 -3.05
C ALA A 22 -0.98 7.33 -3.78
N ILE A 23 -1.60 6.77 -4.81
CA ILE A 23 -0.98 5.70 -5.60
C ILE A 23 -1.26 5.89 -7.09
N GLU A 24 -0.70 4.99 -7.89
CA GLU A 24 -0.88 5.05 -9.34
C GLU A 24 -0.54 3.71 -9.98
N GLY A 25 -1.16 3.44 -11.13
CA GLY A 25 -0.90 2.19 -11.83
C GLY A 25 -2.14 1.32 -11.95
N GLY A 26 -1.94 0.02 -12.02
CA GLY A 26 -3.07 -0.89 -12.13
C GLY A 26 -2.89 -1.90 -13.25
N ALA A 27 -3.52 -3.07 -13.11
CA ALA A 27 -3.43 -4.11 -14.12
C ALA A 27 -3.38 -3.53 -15.52
N ASN A 28 -4.40 -2.74 -15.85
CA ASN A 28 -4.48 -2.11 -17.17
C ASN A 28 -3.14 -1.47 -17.55
N THR A 29 -2.49 -0.83 -16.58
CA THR A 29 -1.21 -0.18 -16.81
C THR A 29 -0.06 -1.15 -16.58
N ARG A 30 1.07 -0.88 -17.24
CA ARG A 30 2.25 -1.72 -17.10
C ARG A 30 2.41 -2.21 -15.67
N GLN A 31 2.15 -1.32 -14.72
CA GLN A 31 2.28 -1.65 -13.31
C GLN A 31 1.05 -2.42 -12.82
N PRO A 32 1.25 -3.67 -12.40
CA PRO A 32 0.17 -4.53 -11.91
C PRO A 32 -0.37 -4.07 -10.56
N LEU A 33 0.55 -3.80 -9.63
CA LEU A 33 0.16 -3.35 -8.29
C LEU A 33 0.35 -1.84 -8.16
N PRO A 34 -0.43 -1.23 -7.26
CA PRO A 34 -0.37 0.22 -7.02
C PRO A 34 0.92 0.62 -6.30
N ARG A 35 1.50 1.73 -6.73
CA ARG A 35 2.74 2.23 -6.14
C ARG A 35 2.50 3.58 -5.45
N ILE A 36 2.95 3.68 -4.21
CA ILE A 36 2.79 4.92 -3.44
C ILE A 36 3.61 6.04 -4.05
N VAL A 37 2.93 7.03 -4.63
CA VAL A 37 3.60 8.16 -5.25
C VAL A 37 3.71 9.33 -4.26
N THR A 38 2.75 9.44 -3.37
CA THR A 38 2.74 10.51 -2.38
C THR A 38 2.06 10.05 -1.09
N ILE A 39 2.63 10.43 0.05
CA ILE A 39 2.07 10.07 1.34
C ILE A 39 1.63 11.31 2.12
N GLN A 40 0.33 11.51 2.21
CA GLN A 40 -0.22 12.66 2.93
C GLN A 40 0.30 12.71 4.36
N ARG A 41 0.26 13.90 4.95
CA ARG A 41 0.73 14.07 6.32
C ARG A 41 -0.27 13.51 7.32
N GLY A 42 -1.49 14.03 7.29
CA GLY A 42 -2.53 13.56 8.20
C GLY A 42 -3.08 12.22 7.78
N GLY A 43 -2.20 11.26 7.50
CA GLY A 43 -2.64 9.94 7.10
C GLY A 43 -2.01 8.84 7.94
N SER A 44 -2.83 7.85 8.29
CA SER A 44 -2.35 6.74 9.10
C SER A 44 -0.97 6.29 8.65
N ALA A 45 -0.75 6.29 7.35
CA ALA A 45 0.54 5.89 6.78
C ALA A 45 1.66 6.78 7.29
N HIS A 46 1.40 8.08 7.36
CA HIS A 46 2.39 9.04 7.83
C HIS A 46 2.89 8.67 9.22
N ASN A 47 1.98 8.64 10.19
CA ASN A 47 2.33 8.30 11.57
C ASN A 47 3.38 7.19 11.60
N CYS A 48 3.19 6.18 10.75
CA CYS A 48 4.12 5.05 10.69
C CYS A 48 5.18 5.29 9.62
N GLY A 49 6.30 5.87 10.03
CA GLY A 49 7.38 6.14 9.10
C GLY A 49 7.92 4.88 8.45
N GLN A 50 7.57 3.73 9.01
CA GLN A 50 8.03 2.45 8.49
C GLN A 50 7.88 2.41 6.97
N LEU A 51 6.89 3.11 6.46
CA LEU A 51 6.63 3.16 5.02
C LEU A 51 7.47 4.24 4.35
N LYS A 52 7.46 4.26 3.03
CA LYS A 52 8.21 5.24 2.26
C LYS A 52 7.48 5.61 0.97
N VAL A 53 7.79 6.78 0.43
CA VAL A 53 7.18 7.24 -0.81
C VAL A 53 7.76 6.52 -2.02
N GLY A 54 7.02 5.54 -2.53
CA GLY A 54 7.49 4.80 -3.68
C GLY A 54 7.24 3.30 -3.55
N HIS A 55 6.67 2.91 -2.42
CA HIS A 55 6.38 1.50 -2.16
C HIS A 55 5.31 0.98 -3.12
N VAL A 56 5.04 -0.32 -3.04
CA VAL A 56 4.04 -0.94 -3.90
C VAL A 56 3.14 -1.88 -3.11
N ILE A 57 1.91 -1.45 -2.89
CA ILE A 57 0.94 -2.26 -2.15
C ILE A 57 0.47 -3.46 -2.96
N LEU A 58 0.89 -4.65 -2.56
CA LEU A 58 0.51 -5.87 -3.25
C LEU A 58 -0.69 -6.53 -2.58
N GLU A 59 -0.85 -6.28 -1.29
CA GLU A 59 -1.96 -6.83 -0.54
C GLU A 59 -2.42 -5.89 0.56
N VAL A 60 -3.70 -5.96 0.92
CA VAL A 60 -4.26 -5.10 1.96
C VAL A 60 -5.32 -5.84 2.76
N ASN A 61 -5.06 -6.02 4.05
CA ASN A 61 -6.00 -6.72 4.92
C ASN A 61 -6.31 -8.11 4.39
N GLY A 62 -5.34 -8.73 3.73
CA GLY A 62 -5.53 -10.06 3.19
C GLY A 62 -5.91 -10.04 1.72
N LEU A 63 -6.63 -8.99 1.32
CA LEU A 63 -7.06 -8.84 -0.06
C LEU A 63 -5.91 -8.39 -0.95
N THR A 64 -5.54 -9.23 -1.92
CA THR A 64 -4.45 -8.91 -2.83
C THR A 64 -4.90 -7.93 -3.91
N LEU A 65 -3.99 -7.07 -4.33
CA LEU A 65 -4.30 -6.08 -5.36
C LEU A 65 -3.86 -6.56 -6.73
N ARG A 66 -3.30 -7.77 -6.78
CA ARG A 66 -2.84 -8.35 -8.04
C ARG A 66 -3.99 -8.47 -9.03
N GLY A 67 -3.76 -7.98 -10.25
CA GLY A 67 -4.79 -8.04 -11.28
C GLY A 67 -5.80 -6.91 -11.16
N LYS A 68 -5.70 -6.15 -10.07
CA LYS A 68 -6.61 -5.03 -9.84
C LYS A 68 -6.03 -3.74 -10.39
N GLU A 69 -6.87 -2.71 -10.50
CA GLU A 69 -6.43 -1.42 -11.01
C GLU A 69 -6.30 -0.40 -9.88
N HIS A 70 -5.43 0.59 -10.07
CA HIS A 70 -5.21 1.61 -9.07
C HIS A 70 -6.53 2.09 -8.48
N ARG A 71 -7.51 2.36 -9.34
CA ARG A 71 -8.81 2.81 -8.91
C ARG A 71 -9.47 1.79 -7.98
N GLU A 72 -9.33 0.51 -8.34
CA GLU A 72 -9.91 -0.56 -7.54
C GLU A 72 -9.23 -0.67 -6.19
N ALA A 73 -7.92 -0.43 -6.17
CA ALA A 73 -7.15 -0.50 -4.93
C ALA A 73 -7.59 0.58 -3.96
N ALA A 74 -7.70 1.82 -4.44
CA ALA A 74 -8.11 2.93 -3.60
C ALA A 74 -9.34 2.57 -2.77
N ARG A 75 -10.24 1.79 -3.36
CA ARG A 75 -11.46 1.37 -2.67
C ARG A 75 -11.15 0.30 -1.63
N ILE A 76 -10.37 -0.70 -2.02
CA ILE A 76 -10.01 -1.79 -1.12
C ILE A 76 -9.36 -1.25 0.15
N ILE A 77 -8.40 -0.35 -0.02
CA ILE A 77 -7.70 0.24 1.12
C ILE A 77 -8.66 0.98 2.03
N ALA A 78 -9.49 1.84 1.44
CA ALA A 78 -10.47 2.62 2.21
C ALA A 78 -11.35 1.69 3.04
N GLU A 79 -11.84 0.62 2.42
CA GLU A 79 -12.70 -0.33 3.11
C GLU A 79 -12.02 -0.87 4.37
N ALA A 80 -10.69 -0.92 4.33
CA ALA A 80 -9.92 -1.42 5.47
C ALA A 80 -9.94 -0.42 6.62
N PHE A 81 -10.29 0.82 6.32
CA PHE A 81 -10.34 1.87 7.33
C PHE A 81 -11.73 1.95 7.95
N LYS A 82 -12.75 1.86 7.12
CA LYS A 82 -14.14 1.93 7.58
C LYS A 82 -14.44 0.78 8.53
N THR A 83 -14.36 -0.45 8.02
CA THR A 83 -14.64 -1.64 8.83
C THR A 83 -14.08 -1.47 10.24
N LYS A 84 -14.81 -1.99 11.22
CA LYS A 84 -14.39 -1.90 12.62
C LYS A 84 -13.85 -3.25 13.11
N ASP A 85 -13.28 -4.01 12.19
CA ASP A 85 -12.71 -5.31 12.53
C ASP A 85 -11.38 -5.16 13.23
N ARG A 86 -10.51 -4.31 12.67
CA ARG A 86 -9.20 -4.07 13.24
C ARG A 86 -8.90 -2.57 13.32
N ASP A 87 -8.09 -2.19 14.31
CA ASP A 87 -7.73 -0.79 14.49
C ASP A 87 -6.50 -0.43 13.67
N TYR A 88 -6.31 -1.14 12.56
CA TYR A 88 -5.18 -0.90 11.68
C TYR A 88 -5.43 -1.46 10.29
N ILE A 89 -4.52 -1.19 9.37
CA ILE A 89 -4.65 -1.66 8.00
C ILE A 89 -3.32 -2.25 7.49
N ASP A 90 -3.32 -3.56 7.27
CA ASP A 90 -2.13 -4.25 6.79
C ASP A 90 -1.75 -3.77 5.39
N PHE A 91 -0.50 -3.37 5.23
CA PHE A 91 -0.01 -2.89 3.94
C PHE A 91 1.20 -3.69 3.48
N LEU A 92 0.98 -4.59 2.54
CA LEU A 92 2.04 -5.44 2.00
C LEU A 92 2.83 -4.71 0.91
N VAL A 93 4.05 -4.30 1.24
CA VAL A 93 4.90 -3.58 0.29
C VAL A 93 6.17 -4.37 -0.02
N THR A 94 6.69 -4.20 -1.22
CA THR A 94 7.90 -4.90 -1.64
C THR A 94 8.86 -3.95 -2.34
N GLU A 95 9.93 -3.56 -1.64
CA GLU A 95 10.93 -2.66 -2.19
C GLU A 95 11.58 -3.27 -3.42
N PHE A 96 10.91 -3.15 -4.57
CA PHE A 96 11.43 -3.70 -5.81
C PHE A 96 12.74 -3.02 -6.19
N ASN A 97 13.85 -3.67 -5.85
CA ASN A 97 15.18 -3.14 -6.16
C ASN A 97 15.87 -3.98 -7.22
N SER A 98 15.76 -3.56 -8.48
CA SER A 98 16.37 -4.28 -9.58
C SER A 98 17.88 -4.08 -9.59
N GLY A 99 18.62 -5.17 -9.80
CA GLY A 99 20.07 -5.09 -9.83
C GLY A 99 20.61 -4.57 -11.15
N PRO A 100 21.34 -3.45 -11.10
CA PRO A 100 21.92 -2.83 -12.29
C PRO A 100 23.05 -3.67 -12.89
N SER A 101 22.77 -4.29 -14.03
CA SER A 101 23.76 -5.13 -14.70
C SER A 101 24.24 -4.46 -15.99
N SER A 102 25.23 -3.58 -15.86
CA SER A 102 25.78 -2.88 -17.01
C SER A 102 27.12 -2.24 -16.67
N GLY A 103 28.19 -2.81 -17.21
CA GLY A 103 29.52 -2.28 -16.96
C GLY A 103 30.53 -3.38 -16.66
N GLY A 1 9.49 -10.64 9.81
CA GLY A 1 8.73 -11.81 9.38
C GLY A 1 9.47 -12.62 8.34
N SER A 2 9.39 -13.94 8.47
CA SER A 2 10.06 -14.83 7.54
C SER A 2 9.20 -15.06 6.30
N SER A 3 7.99 -15.56 6.50
CA SER A 3 7.07 -15.82 5.40
C SER A 3 6.82 -14.55 4.59
N GLY A 4 6.72 -14.70 3.27
CA GLY A 4 6.48 -13.56 2.40
C GLY A 4 7.27 -13.62 1.12
N SER A 5 6.58 -13.44 0.00
CA SER A 5 7.23 -13.49 -1.31
C SER A 5 7.83 -12.13 -1.67
N SER A 6 9.04 -11.87 -1.16
CA SER A 6 9.72 -10.61 -1.42
C SER A 6 8.84 -9.42 -1.04
N GLY A 7 8.27 -9.50 0.17
CA GLY A 7 7.41 -8.42 0.64
C GLY A 7 7.50 -8.23 2.14
N THR A 8 7.47 -6.97 2.58
CA THR A 8 7.54 -6.65 4.00
C THR A 8 6.21 -6.17 4.53
N LEU A 9 5.53 -7.02 5.28
CA LEU A 9 4.23 -6.69 5.85
C LEU A 9 4.34 -5.47 6.78
N VAL A 10 3.55 -4.44 6.49
CA VAL A 10 3.56 -3.23 7.29
C VAL A 10 2.20 -2.99 7.94
N ARG A 11 2.14 -3.13 9.26
CA ARG A 11 0.90 -2.93 9.99
C ARG A 11 0.69 -1.45 10.32
N VAL A 12 -0.32 -0.85 9.70
CA VAL A 12 -0.62 0.56 9.92
C VAL A 12 -1.87 0.72 10.79
N LYS A 13 -1.69 1.18 12.02
CA LYS A 13 -2.80 1.39 12.94
C LYS A 13 -3.64 2.58 12.51
N LYS A 14 -4.91 2.59 12.93
CA LYS A 14 -5.82 3.67 12.59
C LYS A 14 -5.53 4.92 13.43
N SER A 15 -4.25 5.30 13.47
CA SER A 15 -3.83 6.47 14.22
C SER A 15 -4.50 7.74 13.68
N ALA A 16 -4.30 8.00 12.39
CA ALA A 16 -4.88 9.17 11.75
C ALA A 16 -6.41 9.07 11.70
N ALA A 17 -7.06 10.22 11.55
CA ALA A 17 -8.52 10.26 11.48
C ALA A 17 -9.02 9.90 10.09
N THR A 18 -8.21 10.22 9.08
CA THR A 18 -8.57 9.94 7.69
C THR A 18 -7.34 9.52 6.89
N LEU A 19 -7.28 8.24 6.55
CA LEU A 19 -6.16 7.71 5.77
C LEU A 19 -5.67 8.73 4.76
N GLY A 20 -4.35 8.85 4.64
CA GLY A 20 -3.77 9.79 3.70
C GLY A 20 -2.64 9.19 2.90
N ILE A 21 -2.99 8.43 1.86
CA ILE A 21 -2.00 7.80 1.01
C ILE A 21 -2.40 7.87 -0.46
N ALA A 22 -1.43 8.13 -1.33
CA ALA A 22 -1.69 8.24 -2.76
C ALA A 22 -0.92 7.16 -3.53
N ILE A 23 -1.56 6.63 -4.57
CA ILE A 23 -0.95 5.58 -5.38
C ILE A 23 -1.22 5.81 -6.86
N GLU A 24 -0.67 4.94 -7.71
CA GLU A 24 -0.86 5.05 -9.15
C GLU A 24 -0.62 3.70 -9.83
N GLY A 25 -0.93 3.64 -11.12
CA GLY A 25 -0.73 2.40 -11.87
C GLY A 25 -2.03 1.67 -12.12
N GLY A 26 -1.98 0.34 -12.02
CA GLY A 26 -3.18 -0.46 -12.24
C GLY A 26 -2.94 -1.58 -13.24
N ALA A 27 -3.68 -2.67 -13.08
CA ALA A 27 -3.56 -3.81 -13.98
C ALA A 27 -3.41 -3.37 -15.42
N ASN A 28 -4.38 -2.58 -15.90
CA ASN A 28 -4.36 -2.08 -17.27
C ASN A 28 -2.99 -1.49 -17.61
N THR A 29 -2.42 -0.74 -16.67
CA THR A 29 -1.12 -0.12 -16.88
C THR A 29 0.01 -1.12 -16.64
N ARG A 30 1.14 -0.90 -17.30
CA ARG A 30 2.30 -1.78 -17.16
C ARG A 30 2.42 -2.28 -15.72
N GLN A 31 2.17 -1.39 -14.77
CA GLN A 31 2.25 -1.74 -13.36
C GLN A 31 0.99 -2.47 -12.90
N PRO A 32 1.15 -3.73 -12.48
CA PRO A 32 0.03 -4.55 -12.01
C PRO A 32 -0.50 -4.08 -10.66
N LEU A 33 0.39 -3.91 -9.70
CA LEU A 33 0.00 -3.46 -8.37
C LEU A 33 0.20 -1.96 -8.22
N PRO A 34 -0.55 -1.34 -7.30
CA PRO A 34 -0.48 0.10 -7.04
C PRO A 34 0.82 0.49 -6.37
N ARG A 35 1.37 1.65 -6.77
CA ARG A 35 2.62 2.14 -6.20
C ARG A 35 2.41 3.48 -5.50
N ILE A 36 2.89 3.58 -4.27
CA ILE A 36 2.76 4.81 -3.49
C ILE A 36 3.55 5.95 -4.13
N VAL A 37 2.84 6.98 -4.58
CA VAL A 37 3.47 8.14 -5.20
C VAL A 37 3.62 9.28 -4.22
N THR A 38 2.64 9.41 -3.32
CA THR A 38 2.64 10.47 -2.32
C THR A 38 1.97 10.01 -1.03
N ILE A 39 2.53 10.45 0.10
CA ILE A 39 1.97 10.09 1.40
C ILE A 39 1.49 11.32 2.16
N GLN A 40 0.18 11.55 2.13
CA GLN A 40 -0.41 12.70 2.82
C GLN A 40 0.01 12.72 4.28
N ARG A 41 0.25 13.93 4.80
CA ARG A 41 0.66 14.09 6.19
C ARG A 41 -0.43 13.60 7.14
N GLY A 42 -1.69 13.88 6.79
CA GLY A 42 -2.79 13.45 7.62
C GLY A 42 -3.27 12.05 7.28
N GLY A 43 -2.32 11.13 7.12
CA GLY A 43 -2.67 9.77 6.79
C GLY A 43 -2.08 8.76 7.78
N SER A 44 -2.83 7.70 8.05
CA SER A 44 -2.38 6.67 8.98
C SER A 44 -1.01 6.15 8.58
N ALA A 45 -0.60 6.43 7.35
CA ALA A 45 0.70 5.99 6.84
C ALA A 45 1.82 6.88 7.38
N HIS A 46 1.88 8.11 6.89
CA HIS A 46 2.91 9.05 7.32
C HIS A 46 3.11 8.97 8.83
N ASN A 47 2.02 9.11 9.58
CA ASN A 47 2.08 9.06 11.04
C ASN A 47 2.98 7.93 11.51
N CYS A 48 2.81 6.76 10.91
CA CYS A 48 3.61 5.60 11.27
C CYS A 48 5.06 5.77 10.80
N GLY A 49 5.22 6.19 9.55
CA GLY A 49 6.55 6.38 9.01
C GLY A 49 7.17 5.09 8.51
N GLN A 50 6.79 3.98 9.13
CA GLN A 50 7.33 2.68 8.74
C GLN A 50 7.31 2.51 7.23
N LEU A 51 6.46 3.29 6.56
CA LEU A 51 6.36 3.24 5.11
C LEU A 51 7.08 4.42 4.46
N LYS A 52 7.25 4.35 3.15
CA LYS A 52 7.91 5.42 2.40
C LYS A 52 7.28 5.61 1.03
N VAL A 53 7.57 6.74 0.40
CA VAL A 53 7.03 7.04 -0.92
C VAL A 53 7.77 6.27 -2.01
N GLY A 54 7.03 5.47 -2.77
CA GLY A 54 7.63 4.69 -3.83
C GLY A 54 7.38 3.20 -3.67
N HIS A 55 6.73 2.82 -2.57
CA HIS A 55 6.43 1.42 -2.30
C HIS A 55 5.34 0.92 -3.22
N VAL A 56 5.06 -0.38 -3.15
CA VAL A 56 4.02 -0.99 -3.98
C VAL A 56 3.13 -1.91 -3.15
N ILE A 57 1.90 -1.48 -2.92
CA ILE A 57 0.94 -2.26 -2.15
C ILE A 57 0.41 -3.43 -2.96
N LEU A 58 0.76 -4.65 -2.54
CA LEU A 58 0.32 -5.86 -3.24
C LEU A 58 -0.90 -6.46 -2.54
N GLU A 59 -0.93 -6.36 -1.22
CA GLU A 59 -2.04 -6.89 -0.44
C GLU A 59 -2.47 -5.90 0.64
N VAL A 60 -3.78 -5.84 0.89
CA VAL A 60 -4.32 -4.95 1.90
C VAL A 60 -5.43 -5.62 2.69
N ASN A 61 -5.24 -5.73 3.99
CA ASN A 61 -6.24 -6.35 4.87
C ASN A 61 -6.49 -7.79 4.44
N GLY A 62 -5.47 -8.45 3.91
CA GLY A 62 -5.61 -9.83 3.47
C GLY A 62 -6.03 -9.94 2.02
N LEU A 63 -6.69 -8.90 1.52
CA LEU A 63 -7.14 -8.87 0.12
C LEU A 63 -5.98 -8.63 -0.82
N THR A 64 -5.98 -9.32 -1.96
CA THR A 64 -4.93 -9.17 -2.96
C THR A 64 -5.28 -8.08 -3.97
N LEU A 65 -4.29 -7.27 -4.31
CA LEU A 65 -4.49 -6.19 -5.27
C LEU A 65 -4.08 -6.63 -6.67
N ARG A 66 -3.56 -7.85 -6.78
CA ARG A 66 -3.12 -8.38 -8.06
C ARG A 66 -4.26 -8.37 -9.08
N GLY A 67 -4.02 -7.75 -10.22
CA GLY A 67 -5.03 -7.66 -11.26
C GLY A 67 -6.06 -6.57 -10.98
N LYS A 68 -5.74 -5.68 -10.06
CA LYS A 68 -6.63 -4.59 -9.71
C LYS A 68 -6.07 -3.25 -10.18
N GLU A 69 -6.97 -2.35 -10.58
CA GLU A 69 -6.56 -1.03 -11.06
C GLU A 69 -6.40 -0.06 -9.89
N HIS A 70 -5.43 0.83 -10.00
CA HIS A 70 -5.16 1.82 -8.96
C HIS A 70 -6.46 2.26 -8.28
N ARG A 71 -7.46 2.62 -9.09
CA ARG A 71 -8.75 3.05 -8.57
C ARG A 71 -9.39 1.96 -7.73
N GLU A 72 -9.39 0.73 -8.25
CA GLU A 72 -9.97 -0.40 -7.55
C GLU A 72 -9.31 -0.59 -6.18
N ALA A 73 -7.99 -0.50 -6.15
CA ALA A 73 -7.25 -0.67 -4.91
C ALA A 73 -7.59 0.44 -3.92
N ALA A 74 -7.55 1.68 -4.38
CA ALA A 74 -7.86 2.82 -3.53
C ALA A 74 -9.12 2.57 -2.72
N ARG A 75 -10.08 1.88 -3.32
CA ARG A 75 -11.35 1.58 -2.65
C ARG A 75 -11.16 0.47 -1.62
N ILE A 76 -10.46 -0.58 -2.02
CA ILE A 76 -10.20 -1.71 -1.13
C ILE A 76 -9.57 -1.25 0.18
N ILE A 77 -8.50 -0.46 0.08
CA ILE A 77 -7.81 0.05 1.25
C ILE A 77 -8.76 0.86 2.14
N ALA A 78 -9.40 1.86 1.54
CA ALA A 78 -10.34 2.71 2.27
C ALA A 78 -11.36 1.87 3.04
N GLU A 79 -11.90 0.85 2.38
CA GLU A 79 -12.88 -0.02 3.00
C GLU A 79 -12.32 -0.63 4.29
N ALA A 80 -11.02 -0.89 4.30
CA ALA A 80 -10.37 -1.47 5.46
C ALA A 80 -10.30 -0.47 6.61
N PHE A 81 -10.30 0.81 6.27
CA PHE A 81 -10.24 1.87 7.28
C PHE A 81 -11.60 2.10 7.92
N LYS A 82 -12.63 2.21 7.08
CA LYS A 82 -13.99 2.43 7.56
C LYS A 82 -14.44 1.28 8.46
N THR A 83 -14.50 0.08 7.89
CA THR A 83 -14.92 -1.10 8.64
C THR A 83 -14.46 -1.01 10.09
N LYS A 84 -15.27 -1.59 10.99
CA LYS A 84 -14.95 -1.59 12.41
C LYS A 84 -14.49 -2.97 12.88
N ASP A 85 -13.93 -3.74 11.95
CA ASP A 85 -13.44 -5.08 12.27
C ASP A 85 -12.09 -5.02 12.98
N ARG A 86 -11.14 -4.32 12.37
CA ARG A 86 -9.81 -4.18 12.95
C ARG A 86 -9.44 -2.71 13.11
N ASP A 87 -8.50 -2.45 14.02
CA ASP A 87 -8.05 -1.09 14.27
C ASP A 87 -6.75 -0.79 13.54
N TYR A 88 -6.56 -1.43 12.39
CA TYR A 88 -5.36 -1.24 11.59
C TYR A 88 -5.54 -1.81 10.18
N ILE A 89 -4.57 -1.56 9.32
CA ILE A 89 -4.62 -2.05 7.95
C ILE A 89 -3.26 -2.60 7.51
N ASP A 90 -3.25 -3.87 7.09
CA ASP A 90 -2.02 -4.52 6.64
C ASP A 90 -1.63 -4.03 5.26
N PHE A 91 -0.35 -3.65 5.11
CA PHE A 91 0.16 -3.16 3.83
C PHE A 91 1.39 -3.94 3.41
N LEU A 92 1.24 -4.78 2.39
CA LEU A 92 2.35 -5.58 1.88
C LEU A 92 3.08 -4.85 0.76
N VAL A 93 4.31 -4.43 1.03
CA VAL A 93 5.10 -3.72 0.03
C VAL A 93 6.35 -4.51 -0.32
N THR A 94 6.87 -4.30 -1.53
CA THR A 94 8.07 -4.99 -1.98
C THR A 94 9.16 -3.99 -2.37
N GLU A 95 8.81 -2.72 -2.43
CA GLU A 95 9.76 -1.67 -2.78
C GLU A 95 10.62 -2.10 -3.98
N PHE A 96 9.96 -2.50 -5.05
CA PHE A 96 10.66 -2.93 -6.25
C PHE A 96 11.92 -2.10 -6.48
N ASN A 97 11.74 -0.78 -6.53
CA ASN A 97 12.86 0.13 -6.74
C ASN A 97 12.81 1.30 -5.76
N SER A 98 13.96 1.95 -5.56
CA SER A 98 14.05 3.07 -4.63
C SER A 98 14.79 4.24 -5.28
N GLY A 99 14.06 5.33 -5.50
CA GLY A 99 14.66 6.51 -6.12
C GLY A 99 13.75 7.17 -7.13
N PRO A 100 12.74 7.89 -6.63
CA PRO A 100 11.76 8.59 -7.48
C PRO A 100 12.38 9.77 -8.21
N SER A 101 11.71 10.23 -9.26
CA SER A 101 12.20 11.37 -10.05
C SER A 101 11.05 12.32 -10.38
N SER A 102 11.25 13.60 -10.07
CA SER A 102 10.24 14.61 -10.34
C SER A 102 9.99 14.75 -11.83
N GLY A 103 11.06 14.89 -12.60
CA GLY A 103 10.93 15.03 -14.04
C GLY A 103 12.28 15.10 -14.73
N GLY A 1 4.06 -27.16 -0.45
CA GLY A 1 4.85 -26.12 -1.08
C GLY A 1 5.48 -25.18 -0.06
N SER A 2 6.31 -24.27 -0.54
CA SER A 2 6.97 -23.31 0.33
C SER A 2 6.30 -21.95 0.26
N SER A 3 5.71 -21.52 1.37
CA SER A 3 5.03 -20.24 1.44
C SER A 3 5.97 -19.14 1.93
N GLY A 4 5.88 -17.97 1.30
CA GLY A 4 6.73 -16.85 1.68
C GLY A 4 7.44 -16.24 0.50
N SER A 5 6.83 -15.21 -0.08
CA SER A 5 7.41 -14.53 -1.24
C SER A 5 7.89 -13.12 -0.86
N SER A 6 8.77 -12.57 -1.68
CA SER A 6 9.32 -11.24 -1.43
C SER A 6 8.20 -10.26 -1.07
N GLY A 7 8.28 -9.70 0.13
CA GLY A 7 7.28 -8.76 0.58
C GLY A 7 7.51 -8.29 2.00
N THR A 8 6.90 -7.16 2.35
CA THR A 8 7.06 -6.60 3.70
C THR A 8 5.70 -6.22 4.29
N LEU A 9 5.25 -7.00 5.26
CA LEU A 9 3.97 -6.74 5.91
C LEU A 9 4.05 -5.54 6.85
N VAL A 10 3.26 -4.52 6.57
CA VAL A 10 3.25 -3.32 7.39
C VAL A 10 1.92 -3.15 8.11
N ARG A 11 1.98 -2.78 9.39
CA ARG A 11 0.77 -2.59 10.19
C ARG A 11 0.53 -1.11 10.45
N VAL A 12 -0.40 -0.52 9.69
CA VAL A 12 -0.73 0.88 9.83
C VAL A 12 -1.95 1.07 10.72
N LYS A 13 -1.72 1.42 11.99
CA LYS A 13 -2.80 1.63 12.93
C LYS A 13 -3.63 2.85 12.56
N LYS A 14 -4.91 2.82 12.91
CA LYS A 14 -5.81 3.94 12.61
C LYS A 14 -5.57 5.10 13.57
N SER A 15 -4.33 5.59 13.59
CA SER A 15 -3.98 6.70 14.45
C SER A 15 -4.47 8.02 13.89
N ALA A 16 -4.40 8.15 12.56
CA ALA A 16 -4.84 9.37 11.89
C ALA A 16 -6.36 9.39 11.73
N ALA A 17 -6.99 10.47 12.16
CA ALA A 17 -8.44 10.61 12.07
C ALA A 17 -8.94 10.17 10.70
N THR A 18 -8.06 10.23 9.70
CA THR A 18 -8.42 9.84 8.34
C THR A 18 -7.22 9.26 7.60
N LEU A 19 -7.47 8.66 6.46
CA LEU A 19 -6.40 8.06 5.65
C LEU A 19 -6.01 8.99 4.51
N GLY A 20 -4.71 9.19 4.33
CA GLY A 20 -4.22 10.04 3.27
C GLY A 20 -3.05 9.44 2.52
N ILE A 21 -3.35 8.60 1.52
CA ILE A 21 -2.33 7.96 0.73
C ILE A 21 -2.65 8.03 -0.76
N ALA A 22 -1.61 8.18 -1.58
CA ALA A 22 -1.80 8.26 -3.02
C ALA A 22 -1.00 7.17 -3.73
N ILE A 23 -1.54 6.66 -4.83
CA ILE A 23 -0.87 5.61 -5.60
C ILE A 23 -1.11 5.79 -7.10
N GLU A 24 -0.49 4.93 -7.90
CA GLU A 24 -0.64 5.00 -9.34
C GLU A 24 -0.29 3.66 -9.99
N GLY A 25 -0.89 3.40 -11.14
CA GLY A 25 -0.64 2.15 -11.85
C GLY A 25 -1.90 1.36 -12.11
N GLY A 26 -1.82 0.04 -11.97
CA GLY A 26 -2.98 -0.80 -12.20
C GLY A 26 -2.66 -1.99 -13.09
N ALA A 27 -3.34 -3.10 -12.86
CA ALA A 27 -3.13 -4.30 -13.66
C ALA A 27 -3.14 -3.99 -15.15
N ASN A 28 -3.70 -2.85 -15.50
CA ASN A 28 -3.76 -2.42 -16.90
C ASN A 28 -2.40 -1.97 -17.40
N THR A 29 -1.82 -1.00 -16.69
CA THR A 29 -0.51 -0.47 -17.06
C THR A 29 0.59 -1.49 -16.80
N ARG A 30 1.81 -1.16 -17.22
CA ARG A 30 2.95 -2.06 -17.04
C ARG A 30 3.05 -2.49 -15.58
N GLN A 31 2.69 -1.60 -14.67
CA GLN A 31 2.75 -1.89 -13.24
C GLN A 31 1.51 -2.67 -12.80
N PRO A 32 1.73 -3.91 -12.33
CA PRO A 32 0.65 -4.78 -11.87
C PRO A 32 0.04 -4.30 -10.56
N LEU A 33 0.90 -3.97 -9.60
CA LEU A 33 0.44 -3.49 -8.29
C LEU A 33 0.62 -1.99 -8.18
N PRO A 34 -0.22 -1.36 -7.34
CA PRO A 34 -0.17 0.09 -7.11
C PRO A 34 1.08 0.53 -6.36
N ARG A 35 1.64 1.67 -6.75
CA ARG A 35 2.83 2.19 -6.12
C ARG A 35 2.57 3.56 -5.49
N ILE A 36 2.96 3.71 -4.23
CA ILE A 36 2.76 4.97 -3.51
C ILE A 36 3.57 6.09 -4.14
N VAL A 37 2.87 7.13 -4.58
CA VAL A 37 3.52 8.28 -5.22
C VAL A 37 3.58 9.46 -4.25
N THR A 38 2.60 9.55 -3.36
CA THR A 38 2.55 10.63 -2.40
C THR A 38 1.94 10.17 -1.08
N ILE A 39 2.54 10.57 0.03
CA ILE A 39 2.05 10.20 1.35
C ILE A 39 1.69 11.43 2.18
N GLN A 40 0.40 11.73 2.25
CA GLN A 40 -0.07 12.88 3.01
C GLN A 40 0.33 12.76 4.48
N ARG A 41 0.82 13.86 5.05
CA ARG A 41 1.24 13.87 6.44
C ARG A 41 0.06 13.58 7.37
N GLY A 42 -1.11 14.10 7.03
CA GLY A 42 -2.29 13.87 7.83
C GLY A 42 -2.92 12.51 7.58
N GLY A 43 -2.07 11.49 7.47
CA GLY A 43 -2.56 10.15 7.22
C GLY A 43 -1.86 9.11 8.07
N SER A 44 -2.59 8.07 8.45
CA SER A 44 -2.02 7.00 9.27
C SER A 44 -0.70 6.50 8.68
N ALA A 45 -0.61 6.55 7.35
CA ALA A 45 0.60 6.10 6.66
C ALA A 45 1.81 6.92 7.09
N HIS A 46 1.65 8.24 7.12
CA HIS A 46 2.72 9.13 7.50
C HIS A 46 3.23 8.81 8.90
N ASN A 47 2.33 8.89 9.88
CA ASN A 47 2.69 8.60 11.27
C ASN A 47 3.66 7.43 11.35
N CYS A 48 3.23 6.27 10.87
CA CYS A 48 4.07 5.08 10.88
C CYS A 48 5.23 5.21 9.89
N GLY A 49 6.33 5.81 10.35
CA GLY A 49 7.48 5.99 9.50
C GLY A 49 7.84 4.73 8.75
N GLN A 50 7.42 3.58 9.27
CA GLN A 50 7.71 2.30 8.65
C GLN A 50 7.54 2.38 7.13
N LEU A 51 6.50 3.08 6.69
CA LEU A 51 6.23 3.25 5.27
C LEU A 51 6.99 4.42 4.70
N LYS A 52 7.12 4.46 3.38
CA LYS A 52 7.83 5.53 2.70
C LYS A 52 7.27 5.76 1.30
N VAL A 53 7.42 6.98 0.80
CA VAL A 53 6.93 7.32 -0.54
C VAL A 53 7.71 6.58 -1.62
N GLY A 54 7.05 5.62 -2.27
CA GLY A 54 7.69 4.85 -3.31
C GLY A 54 7.46 3.36 -3.15
N HIS A 55 6.69 2.98 -2.14
CA HIS A 55 6.39 1.58 -1.88
C HIS A 55 5.35 1.06 -2.87
N VAL A 56 5.11 -0.26 -2.83
CA VAL A 56 4.13 -0.88 -3.72
C VAL A 56 3.21 -1.82 -2.95
N ILE A 57 1.95 -1.42 -2.83
CA ILE A 57 0.97 -2.23 -2.12
C ILE A 57 0.56 -3.45 -2.94
N LEU A 58 0.95 -4.63 -2.48
CA LEU A 58 0.62 -5.87 -3.17
C LEU A 58 -0.58 -6.55 -2.53
N GLU A 59 -0.81 -6.26 -1.25
CA GLU A 59 -1.94 -6.84 -0.53
C GLU A 59 -2.47 -5.88 0.53
N VAL A 60 -3.77 -5.89 0.75
CA VAL A 60 -4.40 -5.03 1.73
C VAL A 60 -5.56 -5.72 2.43
N ASN A 61 -5.44 -5.90 3.74
CA ASN A 61 -6.48 -6.55 4.52
C ASN A 61 -6.71 -7.99 4.04
N GLY A 62 -5.65 -8.60 3.53
CA GLY A 62 -5.75 -9.97 3.04
C GLY A 62 -6.02 -10.03 1.55
N LEU A 63 -6.70 -9.01 1.03
CA LEU A 63 -7.02 -8.95 -0.40
C LEU A 63 -5.81 -8.50 -1.21
N THR A 64 -5.39 -9.35 -2.14
CA THR A 64 -4.24 -9.04 -3.00
C THR A 64 -4.64 -8.11 -4.14
N LEU A 65 -3.75 -7.19 -4.49
CA LEU A 65 -4.02 -6.25 -5.56
C LEU A 65 -3.34 -6.70 -6.85
N ARG A 66 -2.92 -7.96 -6.89
CA ARG A 66 -2.27 -8.52 -8.06
C ARG A 66 -3.14 -8.35 -9.30
N GLY A 67 -4.45 -8.34 -9.09
CA GLY A 67 -5.38 -8.19 -10.19
C GLY A 67 -6.36 -7.04 -9.99
N LYS A 68 -5.88 -5.98 -9.37
CA LYS A 68 -6.72 -4.81 -9.11
C LYS A 68 -6.10 -3.55 -9.72
N GLU A 69 -6.95 -2.62 -10.12
CA GLU A 69 -6.49 -1.38 -10.72
C GLU A 69 -6.32 -0.29 -9.66
N HIS A 70 -5.42 0.65 -9.93
CA HIS A 70 -5.16 1.74 -8.99
C HIS A 70 -6.45 2.21 -8.33
N ARG A 71 -7.48 2.44 -9.14
CA ARG A 71 -8.77 2.89 -8.62
C ARG A 71 -9.41 1.80 -7.76
N GLU A 72 -9.30 0.55 -8.20
CA GLU A 72 -9.86 -0.57 -7.47
C GLU A 72 -9.22 -0.72 -6.09
N ALA A 73 -7.91 -0.52 -6.04
CA ALA A 73 -7.17 -0.63 -4.79
C ALA A 73 -7.58 0.47 -3.82
N ALA A 74 -7.56 1.71 -4.29
CA ALA A 74 -7.94 2.85 -3.47
C ALA A 74 -9.20 2.57 -2.67
N ARG A 75 -10.14 1.86 -3.29
CA ARG A 75 -11.40 1.52 -2.64
C ARG A 75 -11.19 0.41 -1.61
N ILE A 76 -10.43 -0.61 -1.97
CA ILE A 76 -10.16 -1.72 -1.09
C ILE A 76 -9.57 -1.24 0.24
N ILE A 77 -8.52 -0.41 0.14
CA ILE A 77 -7.86 0.13 1.32
C ILE A 77 -8.86 0.88 2.21
N ALA A 78 -9.55 1.84 1.62
CA ALA A 78 -10.53 2.63 2.36
C ALA A 78 -11.48 1.73 3.15
N GLU A 79 -11.98 0.69 2.48
CA GLU A 79 -12.91 -0.24 3.12
C GLU A 79 -12.30 -0.82 4.39
N ALA A 80 -10.99 -1.04 4.36
CA ALA A 80 -10.28 -1.60 5.51
C ALA A 80 -10.24 -0.60 6.67
N PHE A 81 -10.29 0.69 6.34
CA PHE A 81 -10.25 1.74 7.34
C PHE A 81 -11.60 1.88 8.04
N LYS A 82 -12.66 1.95 7.24
CA LYS A 82 -14.01 2.08 7.77
C LYS A 82 -14.36 0.91 8.67
N THR A 83 -14.33 -0.30 8.12
CA THR A 83 -14.63 -1.50 8.88
C THR A 83 -14.15 -1.37 10.32
N LYS A 84 -14.89 -1.98 11.25
CA LYS A 84 -14.55 -1.94 12.66
C LYS A 84 -14.01 -3.30 13.13
N ASP A 85 -13.50 -4.08 12.19
CA ASP A 85 -12.97 -5.40 12.51
C ASP A 85 -11.59 -5.29 13.18
N ARG A 86 -10.81 -4.30 12.75
CA ARG A 86 -9.49 -4.08 13.30
C ARG A 86 -9.15 -2.59 13.34
N ASP A 87 -8.26 -2.21 14.25
CA ASP A 87 -7.85 -0.81 14.39
C ASP A 87 -6.59 -0.54 13.58
N TYR A 88 -6.41 -1.28 12.49
CA TYR A 88 -5.25 -1.11 11.63
C TYR A 88 -5.49 -1.71 10.25
N ILE A 89 -4.59 -1.42 9.32
CA ILE A 89 -4.71 -1.94 7.96
C ILE A 89 -3.40 -2.54 7.48
N ASP A 90 -3.44 -3.83 7.14
CA ASP A 90 -2.25 -4.52 6.67
C ASP A 90 -1.83 -4.02 5.30
N PHE A 91 -0.57 -3.61 5.17
CA PHE A 91 -0.05 -3.10 3.92
C PHE A 91 1.20 -3.86 3.50
N LEU A 92 1.04 -4.75 2.52
CA LEU A 92 2.16 -5.55 2.03
C LEU A 92 2.95 -4.79 0.97
N VAL A 93 4.12 -4.29 1.35
CA VAL A 93 4.98 -3.55 0.44
C VAL A 93 6.30 -4.26 0.21
N THR A 94 6.93 -3.99 -0.93
CA THR A 94 8.20 -4.62 -1.27
C THR A 94 9.15 -3.61 -1.93
N GLU A 95 10.17 -3.20 -1.19
CA GLU A 95 11.15 -2.25 -1.71
C GLU A 95 11.84 -2.80 -2.95
N PHE A 96 11.15 -2.74 -4.08
CA PHE A 96 11.68 -3.22 -5.34
C PHE A 96 12.95 -2.47 -5.72
N ASN A 97 14.11 -3.06 -5.40
CA ASN A 97 15.39 -2.43 -5.70
C ASN A 97 16.45 -3.49 -5.99
N SER A 98 17.39 -3.15 -6.87
CA SER A 98 18.46 -4.07 -7.23
C SER A 98 19.74 -3.31 -7.58
N GLY A 99 20.85 -4.03 -7.65
CA GLY A 99 22.11 -3.41 -7.98
C GLY A 99 23.00 -3.20 -6.76
N PRO A 100 23.90 -2.21 -6.84
CA PRO A 100 24.81 -1.89 -5.75
C PRO A 100 24.09 -1.26 -4.55
N SER A 101 23.88 -2.06 -3.51
CA SER A 101 23.20 -1.58 -2.31
C SER A 101 23.91 -0.36 -1.73
N SER A 102 23.20 0.76 -1.67
CA SER A 102 23.75 1.99 -1.15
C SER A 102 25.18 2.21 -1.65
N GLY A 103 25.38 1.98 -2.95
CA GLY A 103 26.69 2.15 -3.53
C GLY A 103 27.75 1.28 -2.86
N GLY A 1 21.41 -22.78 2.82
CA GLY A 1 20.21 -22.24 2.20
C GLY A 1 20.28 -20.74 2.00
N SER A 2 19.50 -20.24 1.06
CA SER A 2 19.48 -18.80 0.76
C SER A 2 18.08 -18.36 0.32
N SER A 3 17.47 -17.48 1.11
CA SER A 3 16.14 -16.98 0.79
C SER A 3 15.87 -15.66 1.52
N GLY A 4 14.73 -15.04 1.21
CA GLY A 4 14.38 -13.78 1.84
C GLY A 4 12.89 -13.50 1.78
N SER A 5 12.49 -12.35 2.29
CA SER A 5 11.08 -11.97 2.30
C SER A 5 10.74 -11.12 1.08
N SER A 6 10.00 -11.72 0.14
CA SER A 6 9.61 -11.02 -1.08
C SER A 6 8.80 -9.77 -0.76
N GLY A 7 8.02 -9.83 0.32
CA GLY A 7 7.20 -8.70 0.73
C GLY A 7 7.28 -8.43 2.22
N THR A 8 7.16 -7.16 2.60
CA THR A 8 7.23 -6.78 4.00
C THR A 8 5.90 -6.19 4.46
N LEU A 9 5.12 -6.97 5.20
CA LEU A 9 3.84 -6.51 5.71
C LEU A 9 4.01 -5.40 6.74
N VAL A 10 3.29 -4.30 6.53
CA VAL A 10 3.37 -3.16 7.44
C VAL A 10 2.01 -2.89 8.09
N ARG A 11 1.96 -3.09 9.41
CA ARG A 11 0.72 -2.86 10.16
C ARG A 11 0.53 -1.38 10.47
N VAL A 12 -0.31 -0.71 9.69
CA VAL A 12 -0.58 0.71 9.89
C VAL A 12 -1.76 0.92 10.83
N LYS A 13 -1.49 1.47 12.00
CA LYS A 13 -2.54 1.73 12.98
C LYS A 13 -3.38 2.92 12.57
N LYS A 14 -4.68 2.87 12.89
CA LYS A 14 -5.60 3.95 12.56
C LYS A 14 -5.45 5.11 13.54
N SER A 15 -4.21 5.53 13.76
CA SER A 15 -3.93 6.63 14.66
C SER A 15 -4.45 7.94 14.11
N ALA A 16 -4.22 8.17 12.82
CA ALA A 16 -4.67 9.38 12.16
C ALA A 16 -6.17 9.35 11.91
N ALA A 17 -6.85 10.42 12.28
CA ALA A 17 -8.30 10.51 12.08
C ALA A 17 -8.71 9.95 10.73
N THR A 18 -7.97 10.32 9.69
CA THR A 18 -8.26 9.86 8.34
C THR A 18 -6.99 9.42 7.62
N LEU A 19 -7.11 8.39 6.78
CA LEU A 19 -5.98 7.88 6.03
C LEU A 19 -5.70 8.72 4.80
N GLY A 20 -4.44 9.13 4.63
CA GLY A 20 -4.07 9.95 3.50
C GLY A 20 -2.90 9.35 2.72
N ILE A 21 -3.22 8.71 1.59
CA ILE A 21 -2.19 8.10 0.76
C ILE A 21 -2.54 8.20 -0.72
N ALA A 22 -1.52 8.19 -1.57
CA ALA A 22 -1.73 8.30 -3.01
C ALA A 22 -0.95 7.21 -3.75
N ILE A 23 -1.56 6.67 -4.81
CA ILE A 23 -0.92 5.62 -5.59
C ILE A 23 -1.21 5.81 -7.08
N GLU A 24 -0.64 4.93 -7.90
CA GLU A 24 -0.82 5.00 -9.34
C GLU A 24 -0.59 3.64 -9.99
N GLY A 25 -0.81 3.56 -11.30
CA GLY A 25 -0.61 2.31 -12.01
C GLY A 25 -1.89 1.49 -12.12
N GLY A 26 -1.75 0.18 -12.08
CA GLY A 26 -2.90 -0.70 -12.18
C GLY A 26 -2.72 -1.78 -13.21
N ALA A 27 -3.43 -2.91 -13.02
CA ALA A 27 -3.33 -4.03 -13.95
C ALA A 27 -3.30 -3.55 -15.39
N ASN A 28 -3.91 -2.40 -15.64
CA ASN A 28 -3.95 -1.83 -16.99
C ASN A 28 -2.54 -1.50 -17.48
N THR A 29 -1.86 -0.62 -16.74
CA THR A 29 -0.51 -0.21 -17.09
C THR A 29 0.50 -1.31 -16.78
N ARG A 30 1.68 -1.22 -17.37
CA ARG A 30 2.73 -2.21 -17.14
C ARG A 30 2.81 -2.59 -15.67
N GLN A 31 2.41 -1.66 -14.80
CA GLN A 31 2.44 -1.91 -13.36
C GLN A 31 1.18 -2.62 -12.90
N PRO A 32 1.32 -3.87 -12.46
CA PRO A 32 0.20 -4.68 -11.98
C PRO A 32 -0.37 -4.17 -10.65
N LEU A 33 0.51 -3.95 -9.69
CA LEU A 33 0.10 -3.45 -8.38
C LEU A 33 0.34 -1.96 -8.25
N PRO A 34 -0.42 -1.31 -7.37
CA PRO A 34 -0.31 0.14 -7.13
C PRO A 34 1.00 0.51 -6.45
N ARG A 35 1.53 1.68 -6.79
CA ARG A 35 2.77 2.16 -6.21
C ARG A 35 2.57 3.51 -5.52
N ILE A 36 3.02 3.61 -4.28
CA ILE A 36 2.89 4.84 -3.51
C ILE A 36 3.67 5.97 -4.16
N VAL A 37 2.97 7.00 -4.62
CA VAL A 37 3.60 8.14 -5.26
C VAL A 37 3.67 9.33 -4.30
N THR A 38 2.69 9.44 -3.41
CA THR A 38 2.64 10.52 -2.44
C THR A 38 2.01 10.06 -1.13
N ILE A 39 2.59 10.51 -0.03
CA ILE A 39 2.09 10.15 1.29
C ILE A 39 1.74 11.38 2.11
N GLN A 40 0.44 11.70 2.16
CA GLN A 40 -0.03 12.86 2.91
C GLN A 40 0.58 12.89 4.30
N ARG A 41 0.69 14.09 4.86
CA ARG A 41 1.27 14.27 6.19
C ARG A 41 0.28 13.83 7.26
N GLY A 42 -1.01 13.95 6.97
CA GLY A 42 -2.03 13.56 7.92
C GLY A 42 -2.65 12.21 7.60
N GLY A 43 -1.79 11.23 7.30
CA GLY A 43 -2.28 9.90 6.98
C GLY A 43 -1.67 8.84 7.87
N SER A 44 -2.52 7.96 8.41
CA SER A 44 -2.06 6.89 9.27
C SER A 44 -0.70 6.37 8.83
N ALA A 45 -0.46 6.41 7.52
CA ALA A 45 0.81 5.94 6.96
C ALA A 45 1.97 6.83 7.42
N HIS A 46 1.82 8.13 7.24
CA HIS A 46 2.84 9.09 7.63
C HIS A 46 3.31 8.83 9.07
N ASN A 47 2.40 9.02 10.02
CA ASN A 47 2.71 8.81 11.43
C ASN A 47 3.62 7.59 11.61
N CYS A 48 3.07 6.41 11.31
CA CYS A 48 3.83 5.17 11.43
C CYS A 48 5.27 5.36 10.98
N GLY A 49 5.44 5.88 9.77
CA GLY A 49 6.78 6.10 9.23
C GLY A 49 7.38 4.85 8.62
N GLN A 50 7.05 3.70 9.19
CA GLN A 50 7.56 2.42 8.70
C GLN A 50 7.52 2.38 7.18
N LEU A 51 6.53 3.07 6.60
CA LEU A 51 6.38 3.10 5.15
C LEU A 51 7.25 4.19 4.54
N LYS A 52 7.34 4.20 3.21
CA LYS A 52 8.14 5.20 2.50
C LYS A 52 7.63 5.39 1.08
N VAL A 53 7.76 6.61 0.57
CA VAL A 53 7.32 6.93 -0.79
C VAL A 53 8.07 6.10 -1.82
N GLY A 54 7.34 5.30 -2.59
CA GLY A 54 7.97 4.48 -3.60
C GLY A 54 7.62 3.01 -3.44
N HIS A 55 6.86 2.69 -2.41
CA HIS A 55 6.47 1.31 -2.15
C HIS A 55 5.37 0.86 -3.10
N VAL A 56 5.05 -0.43 -3.06
CA VAL A 56 4.01 -0.99 -3.93
C VAL A 56 3.06 -1.89 -3.14
N ILE A 57 1.86 -1.38 -2.89
CA ILE A 57 0.86 -2.14 -2.15
C ILE A 57 0.38 -3.34 -2.95
N LEU A 58 0.79 -4.53 -2.55
CA LEU A 58 0.39 -5.76 -3.22
C LEU A 58 -0.84 -6.38 -2.57
N GLU A 59 -1.02 -6.09 -1.28
CA GLU A 59 -2.16 -6.62 -0.54
C GLU A 59 -2.59 -5.64 0.56
N VAL A 60 -3.90 -5.58 0.81
CA VAL A 60 -4.43 -4.69 1.83
C VAL A 60 -5.56 -5.36 2.60
N ASN A 61 -5.33 -5.62 3.88
CA ASN A 61 -6.34 -6.26 4.72
C ASN A 61 -6.59 -7.70 4.27
N GLY A 62 -5.57 -8.33 3.70
CA GLY A 62 -5.70 -9.69 3.24
C GLY A 62 -6.06 -9.77 1.76
N LEU A 63 -6.73 -8.74 1.26
CA LEU A 63 -7.13 -8.70 -0.14
C LEU A 63 -5.97 -8.23 -1.02
N THR A 64 -5.56 -9.10 -1.95
CA THR A 64 -4.46 -8.77 -2.85
C THR A 64 -4.94 -7.86 -3.98
N LEU A 65 -4.11 -6.87 -4.31
CA LEU A 65 -4.43 -5.93 -5.37
C LEU A 65 -3.94 -6.43 -6.72
N ARG A 66 -3.67 -7.73 -6.80
CA ARG A 66 -3.19 -8.34 -8.04
C ARG A 66 -4.21 -8.17 -9.15
N GLY A 67 -3.73 -7.84 -10.35
CA GLY A 67 -4.62 -7.66 -11.49
C GLY A 67 -5.74 -6.68 -11.19
N LYS A 68 -5.47 -5.73 -10.30
CA LYS A 68 -6.47 -4.73 -9.92
C LYS A 68 -6.01 -3.33 -10.34
N GLU A 69 -6.95 -2.53 -10.82
CA GLU A 69 -6.64 -1.17 -11.25
C GLU A 69 -6.49 -0.24 -10.04
N HIS A 70 -5.52 0.67 -10.11
CA HIS A 70 -5.27 1.61 -9.02
C HIS A 70 -6.59 2.04 -8.38
N ARG A 71 -7.58 2.34 -9.21
CA ARG A 71 -8.89 2.78 -8.72
C ARG A 71 -9.51 1.71 -7.83
N GLU A 72 -9.52 0.47 -8.32
CA GLU A 72 -10.09 -0.64 -7.56
C GLU A 72 -9.41 -0.78 -6.20
N ALA A 73 -8.10 -0.59 -6.18
CA ALA A 73 -7.33 -0.69 -4.95
C ALA A 73 -7.73 0.40 -3.96
N ALA A 74 -7.74 1.65 -4.43
CA ALA A 74 -8.11 2.78 -3.59
C ALA A 74 -9.35 2.48 -2.77
N ARG A 75 -10.26 1.70 -3.35
CA ARG A 75 -11.50 1.34 -2.66
C ARG A 75 -11.25 0.23 -1.64
N ILE A 76 -10.42 -0.73 -2.02
CA ILE A 76 -10.10 -1.85 -1.13
C ILE A 76 -9.44 -1.36 0.16
N ILE A 77 -8.46 -0.48 0.01
CA ILE A 77 -7.75 0.07 1.15
C ILE A 77 -8.69 0.85 2.06
N ALA A 78 -9.42 1.80 1.50
CA ALA A 78 -10.37 2.61 2.25
C ALA A 78 -11.34 1.72 3.03
N GLU A 79 -11.90 0.73 2.36
CA GLU A 79 -12.85 -0.19 2.99
C GLU A 79 -12.24 -0.81 4.24
N ALA A 80 -10.92 -1.01 4.22
CA ALA A 80 -10.22 -1.61 5.34
C ALA A 80 -10.20 -0.67 6.54
N PHE A 81 -10.28 0.63 6.26
CA PHE A 81 -10.27 1.63 7.33
C PHE A 81 -11.65 1.79 7.93
N LYS A 82 -12.67 1.79 7.07
CA LYS A 82 -14.05 1.93 7.53
C LYS A 82 -14.49 0.72 8.33
N THR A 83 -14.26 -0.47 7.79
CA THR A 83 -14.63 -1.70 8.46
C THR A 83 -14.16 -1.70 9.91
N LYS A 84 -14.92 -2.39 10.77
CA LYS A 84 -14.58 -2.47 12.19
C LYS A 84 -14.00 -3.83 12.53
N ASP A 85 -13.36 -4.46 11.55
CA ASP A 85 -12.74 -5.77 11.75
C ASP A 85 -11.45 -5.64 12.55
N ARG A 86 -10.57 -4.75 12.09
CA ARG A 86 -9.29 -4.54 12.77
C ARG A 86 -8.99 -3.05 12.89
N ASP A 87 -8.38 -2.66 14.01
CA ASP A 87 -8.03 -1.27 14.25
C ASP A 87 -6.73 -0.91 13.54
N TYR A 88 -6.57 -1.39 12.31
CA TYR A 88 -5.38 -1.12 11.53
C TYR A 88 -5.52 -1.65 10.11
N ILE A 89 -4.49 -1.45 9.30
CA ILE A 89 -4.49 -1.90 7.92
C ILE A 89 -3.15 -2.49 7.52
N ASP A 90 -3.14 -3.76 7.17
CA ASP A 90 -1.92 -4.45 6.76
C ASP A 90 -1.53 -4.07 5.33
N PHE A 91 -0.45 -3.30 5.19
CA PHE A 91 0.01 -2.87 3.89
C PHE A 91 1.22 -3.69 3.44
N LEU A 92 1.00 -4.59 2.48
CA LEU A 92 2.06 -5.44 1.97
C LEU A 92 2.84 -4.73 0.86
N VAL A 93 4.03 -4.25 1.20
CA VAL A 93 4.88 -3.56 0.23
C VAL A 93 6.15 -4.35 -0.05
N THR A 94 6.79 -4.04 -1.17
CA THR A 94 8.02 -4.72 -1.57
C THR A 94 8.99 -3.77 -2.25
N GLU A 95 10.05 -3.39 -1.54
CA GLU A 95 11.04 -2.47 -2.08
C GLU A 95 11.66 -3.03 -3.36
N PHE A 96 10.93 -2.89 -4.46
CA PHE A 96 11.40 -3.39 -5.75
C PHE A 96 12.77 -2.79 -6.10
N ASN A 97 12.87 -1.47 -6.03
CA ASN A 97 14.12 -0.78 -6.33
C ASN A 97 15.00 -0.70 -5.10
N SER A 98 16.08 -1.48 -5.11
CA SER A 98 17.02 -1.51 -3.99
C SER A 98 18.23 -2.36 -4.31
N GLY A 99 19.42 -1.85 -3.98
CA GLY A 99 20.65 -2.58 -4.25
C GLY A 99 21.89 -1.78 -3.90
N PRO A 100 23.05 -2.28 -4.30
CA PRO A 100 24.34 -1.63 -4.03
C PRO A 100 24.51 -0.34 -4.83
N SER A 101 23.51 -0.03 -5.66
CA SER A 101 23.56 1.17 -6.48
C SER A 101 22.24 1.94 -6.40
N SER A 102 22.22 3.13 -6.98
CA SER A 102 21.03 3.97 -6.97
C SER A 102 19.87 3.27 -7.68
N GLY A 103 19.06 2.55 -6.91
CA GLY A 103 17.92 1.85 -7.48
C GLY A 103 17.61 0.57 -6.74
#